data_4OZH
#
_entry.id   4OZH
#
_cell.length_a   261.569
_cell.length_b   57.870
_cell.length_c   137.411
_cell.angle_alpha   90.00
_cell.angle_beta   114.05
_cell.angle_gamma   90.00
#
_symmetry.space_group_name_H-M   'C 1 2 1'
#
loop_
_entity.id
_entity.type
_entity.pdbx_description
1 polymer 'HLA class II histocompatibility antigen, DQ alpha 1 chain'
2 polymer 'HLA class II histocompatibility antigen, DQ beta 1 chain'
3 polymer 'T-cell receptor, s16, alpha chain'
4 polymer 'T-cell receptor, s16, beta chain'
5 polymer 'Gliadin-alpha2 peptide'
6 non-polymer 2-acetamido-2-deoxy-beta-D-glucopyranose
7 non-polymer 'CALCIUM ION'
8 water water
#
loop_
_entity_poly.entity_id
_entity_poly.type
_entity_poly.pdbx_seq_one_letter_code
_entity_poly.pdbx_strand_id
1 'polypeptide(L)'
;EDIVADHVASYGVNLYQSYGPSGQYTHEFDGDEQFYVDLGRKETVWCLPVLRQFRFDPQFALTNIAVLKHNLNSLIKRSN
STAATNEVPEVTVFSKSPVTLGQPNILICLVDNIFPPVVNITWLSNGHSVTEGVSETSFLSKSDHSFFKISYLTLLPSAE
ESYDCKVEHWGLDKPLLKHWEPETSGDDDDK
;
A,C
2 'polypeptide(L)'
;GGSIEGRGGSGASRDSPEDFVYQFKGMCYFTNGTERVRLVSRSIYNREEIVRFDSDVGEFRAVTLLGLPAAEYWNSQKDI
LERKRAAVDRVCRHNYQLELRTTLQRRVEPTVTISPSRTEALNHHNLLVCSVTDFYPAQIKVRWFRNDQEETAGVVSTPL
IRNGDWTFQILVMLEMTPQRGDVYTCHVEHPSLQSPITVEWRAQSTGGDDDDK
;
B,D
3 'polypeptide(L)'
;MKTTQPPSMDCAEGRAANLPCNHSTISGNEYVYWYRQIHSQGPQYIIHGLKNNETNEMASLIITEDRKSSTLILPHATLR
DTAVYYCIVWGGATNKLIFGTGTLLAVQPNIQNPDPAVYQLRDSKSSDKSVCLFTDFDSQTNVSQSKDSDVYITDKCVLD
MRSMDFKSNSAVAWSNKSDFACANAFNNSIIPEDTFFPSPESS
;
E,G
4 'polypeptide(L)'
;GVSQSPSNKVTEKGKDVELRCDPISGHTALYWYRQSLGQGLEFLIYFQGNSAPDKSGLPSDRFSAERTGGSVSTLTIQRT
QQEDSAVYLCASSVRSTDTQYFGPGTRLTVLEDLKNVFPPEVAVFEPSEAEISHTQKATLVCLATGFYPDHVELSWWVNG
KEVHSGVCTDPQPLKEQPALNDSRYALSSRLRVSATFWQNPRNHFRCQVQFYGLSENDEWTQDRAKPVTQIVSAEAWGRA
D
;
F,H
5 'polypeptide(L)' APQPELPYPQPGS I,J
#
loop_
_chem_comp.id
_chem_comp.type
_chem_comp.name
_chem_comp.formula
CA non-polymer 'CALCIUM ION' 'Ca 2'
NAG D-saccharide, beta linking 2-acetamido-2-deoxy-beta-D-glucopyranose 'C8 H15 N O6'
#
# COMPACT_ATOMS: atom_id res chain seq x y z
N ILE A 3 -42.06 32.97 -38.70
CA ILE A 3 -42.93 34.09 -38.34
C ILE A 3 -44.36 33.58 -38.04
N VAL A 4 -44.90 32.68 -38.88
CA VAL A 4 -46.24 32.11 -38.70
C VAL A 4 -46.11 30.65 -38.23
N ALA A 5 -46.77 30.33 -37.10
CA ALA A 5 -46.78 29.01 -36.48
C ALA A 5 -48.02 28.81 -35.62
N ASP A 6 -48.43 27.55 -35.39
CA ASP A 6 -49.58 27.19 -34.56
C ASP A 6 -49.30 27.54 -33.09
N HIS A 7 -48.09 27.21 -32.61
CA HIS A 7 -47.64 27.47 -31.25
C HIS A 7 -46.26 28.15 -31.26
N VAL A 8 -46.13 29.25 -30.50
CA VAL A 8 -44.89 30.00 -30.37
C VAL A 8 -44.46 29.98 -28.89
N ALA A 9 -43.21 29.54 -28.64
CA ALA A 9 -42.65 29.42 -27.29
C ALA A 9 -41.28 30.07 -27.20
N SER A 10 -40.89 30.51 -26.00
CA SER A 10 -39.60 31.13 -25.75
C SER A 10 -38.87 30.42 -24.61
N TYR A 11 -37.77 29.71 -24.92
CA TYR A 11 -36.97 28.99 -23.92
C TYR A 11 -35.50 29.51 -23.92
N GLY A 12 -35.23 30.67 -23.30
CA GLY A 12 -36.18 31.53 -22.61
C GLY A 12 -35.98 32.99 -22.88
N VAL A 13 -36.73 33.85 -22.17
CA VAL A 13 -36.64 35.30 -22.29
C VAL A 13 -35.57 35.78 -21.30
N ASN A 14 -34.40 36.16 -21.83
CA ASN A 14 -33.26 36.63 -21.04
C ASN A 14 -33.21 38.15 -21.09
N LEU A 15 -33.23 38.79 -19.92
CA LEU A 15 -33.22 40.24 -19.80
C LEU A 15 -32.17 40.71 -18.79
N TYR A 16 -31.43 41.79 -19.14
CA TYR A 16 -30.43 42.42 -18.28
C TYR A 16 -30.28 43.89 -18.66
N GLN A 17 -30.41 44.77 -17.65
CA GLN A 17 -30.31 46.22 -17.79
C GLN A 17 -29.30 46.80 -16.79
N SER A 18 -28.63 47.89 -17.20
CA SER A 18 -27.59 48.58 -16.43
C SER A 18 -28.16 49.54 -15.35
N TYR A 19 -29.50 49.72 -15.27
CA TYR A 19 -30.13 50.64 -14.32
C TYR A 19 -29.99 50.16 -12.85
N GLY A 20 -30.39 48.93 -12.57
CA GLY A 20 -30.34 48.34 -11.24
C GLY A 20 -28.96 48.16 -10.64
N PRO A 21 -28.10 47.24 -11.16
CA PRO A 21 -28.29 46.36 -12.32
C PRO A 21 -29.23 45.21 -11.98
N SER A 22 -30.39 45.20 -12.65
CA SER A 22 -31.43 44.19 -12.49
C SER A 22 -31.53 43.29 -13.72
N GLY A 23 -31.85 42.03 -13.49
CA GLY A 23 -32.00 41.03 -14.53
C GLY A 23 -33.24 40.19 -14.39
N GLN A 24 -33.67 39.55 -15.50
CA GLN A 24 -34.85 38.69 -15.50
C GLN A 24 -34.68 37.50 -16.44
N TYR A 25 -35.12 36.32 -15.96
CA TYR A 25 -35.10 35.07 -16.72
C TYR A 25 -36.47 34.40 -16.60
N THR A 26 -37.15 34.21 -17.74
CA THR A 26 -38.46 33.57 -17.82
C THR A 26 -38.57 32.64 -19.02
N HIS A 27 -39.55 31.73 -18.98
CA HIS A 27 -39.90 30.83 -20.08
C HIS A 27 -41.35 31.10 -20.44
N GLU A 28 -41.61 31.42 -21.72
CA GLU A 28 -42.94 31.74 -22.21
C GLU A 28 -43.46 30.67 -23.18
N PHE A 29 -44.79 30.50 -23.20
CA PHE A 29 -45.49 29.58 -24.10
C PHE A 29 -46.82 30.21 -24.50
N ASP A 30 -46.96 30.55 -25.79
CA ASP A 30 -48.14 31.19 -26.40
C ASP A 30 -48.49 32.53 -25.70
N GLY A 31 -47.46 33.28 -25.31
CA GLY A 31 -47.58 34.57 -24.64
C GLY A 31 -47.84 34.51 -23.15
N ASP A 32 -47.79 33.30 -22.56
CA ASP A 32 -48.03 33.11 -21.13
C ASP A 32 -46.77 32.64 -20.42
N GLU A 33 -46.46 33.26 -19.27
CA GLU A 33 -45.29 32.98 -18.43
C GLU A 33 -45.42 31.62 -17.73
N GLN A 34 -44.50 30.69 -18.05
CA GLN A 34 -44.46 29.35 -17.45
C GLN A 34 -43.84 29.44 -16.06
N PHE A 35 -42.69 30.14 -15.95
CA PHE A 35 -41.96 30.36 -14.70
C PHE A 35 -41.00 31.54 -14.78
N TYR A 36 -40.51 31.98 -13.61
CA TYR A 36 -39.49 33.01 -13.45
C TYR A 36 -38.48 32.52 -12.42
N VAL A 37 -37.19 32.76 -12.65
CA VAL A 37 -36.15 32.33 -11.72
C VAL A 37 -35.78 33.52 -10.82
N ASP A 38 -35.96 33.34 -9.50
CA ASP A 38 -35.61 34.35 -8.50
C ASP A 38 -34.09 34.30 -8.36
N LEU A 39 -33.38 35.26 -8.97
CA LEU A 39 -31.92 35.32 -9.00
C LEU A 39 -31.31 35.59 -7.62
N GLY A 40 -32.07 36.24 -6.73
CA GLY A 40 -31.64 36.53 -5.37
C GLY A 40 -31.71 35.31 -4.47
N ARG A 41 -32.90 34.68 -4.40
CA ARG A 41 -33.17 33.50 -3.58
C ARG A 41 -32.61 32.20 -4.21
N LYS A 42 -32.21 32.26 -5.51
CA LYS A 42 -31.65 31.15 -6.31
C LYS A 42 -32.63 29.96 -6.38
N GLU A 43 -33.88 30.25 -6.80
CA GLU A 43 -34.94 29.22 -6.91
C GLU A 43 -35.92 29.53 -8.05
N THR A 44 -36.42 28.47 -8.70
CA THR A 44 -37.40 28.54 -9.79
C THR A 44 -38.80 28.66 -9.21
N VAL A 45 -39.55 29.70 -9.64
CA VAL A 45 -40.92 29.95 -9.20
C VAL A 45 -41.85 29.74 -10.39
N TRP A 46 -42.65 28.67 -10.35
CA TRP A 46 -43.59 28.30 -11.40
C TRP A 46 -44.93 29.03 -11.22
N CYS A 47 -45.62 29.31 -12.35
CA CYS A 47 -46.91 30.02 -12.36
C CYS A 47 -48.11 29.06 -12.46
N LEU A 48 -47.86 27.80 -12.87
CA LEU A 48 -48.90 26.77 -13.02
C LEU A 48 -48.60 25.57 -12.11
N PRO A 49 -49.62 24.99 -11.42
CA PRO A 49 -49.35 23.86 -10.51
C PRO A 49 -48.91 22.57 -11.21
N VAL A 50 -49.39 22.34 -12.44
CA VAL A 50 -49.07 21.14 -13.24
C VAL A 50 -47.60 21.19 -13.72
N LEU A 51 -47.05 22.40 -13.94
CA LEU A 51 -45.67 22.60 -14.38
C LEU A 51 -44.64 22.35 -13.26
N ARG A 52 -45.09 22.33 -11.99
CA ARG A 52 -44.24 22.12 -10.81
C ARG A 52 -43.68 20.68 -10.70
N GLN A 53 -44.15 19.75 -11.56
CA GLN A 53 -43.66 18.36 -11.57
C GLN A 53 -42.24 18.31 -12.16
N PHE A 54 -41.88 19.31 -12.99
CA PHE A 54 -40.56 19.45 -13.59
C PHE A 54 -39.64 20.27 -12.67
N ARG A 55 -38.33 20.07 -12.79
CA ARG A 55 -37.34 20.78 -11.98
C ARG A 55 -36.31 21.50 -12.85
N PHE A 56 -36.47 22.82 -12.99
CA PHE A 56 -35.54 23.65 -13.75
C PHE A 56 -34.45 24.15 -12.82
N ASP A 57 -33.17 23.95 -13.22
CA ASP A 57 -32.01 24.35 -12.41
C ASP A 57 -31.87 25.88 -12.41
N PRO A 58 -31.85 26.53 -11.21
CA PRO A 58 -31.72 28.00 -11.18
C PRO A 58 -30.36 28.51 -11.66
N GLN A 59 -29.34 27.61 -11.67
CA GLN A 59 -27.97 27.88 -12.12
C GLN A 59 -27.93 28.30 -13.60
N PHE A 60 -28.88 27.79 -14.40
CA PHE A 60 -29.04 28.10 -15.83
C PHE A 60 -29.27 29.58 -16.07
N ALA A 61 -30.15 30.20 -15.24
CA ALA A 61 -30.50 31.62 -15.31
C ALA A 61 -29.34 32.50 -14.88
N LEU A 62 -28.67 32.16 -13.75
CA LEU A 62 -27.54 32.89 -13.17
C LEU A 62 -26.36 32.98 -14.15
N THR A 63 -26.07 31.87 -14.87
CA THR A 63 -24.98 31.81 -15.86
C THR A 63 -25.33 32.64 -17.09
N ASN A 64 -26.61 32.60 -17.52
CA ASN A 64 -27.11 33.35 -18.67
C ASN A 64 -27.06 34.86 -18.41
N ILE A 65 -27.33 35.28 -17.16
CA ILE A 65 -27.28 36.68 -16.72
C ILE A 65 -25.82 37.17 -16.77
N ALA A 66 -24.86 36.32 -16.33
CA ALA A 66 -23.42 36.61 -16.34
C ALA A 66 -22.90 36.82 -17.77
N VAL A 67 -23.46 36.05 -18.74
CA VAL A 67 -23.13 36.15 -20.17
C VAL A 67 -23.78 37.44 -20.72
N LEU A 68 -25.04 37.72 -20.30
CA LEU A 68 -25.80 38.91 -20.71
C LEU A 68 -25.17 40.19 -20.13
N LYS A 69 -24.48 40.09 -18.98
CA LYS A 69 -23.78 41.19 -18.32
C LYS A 69 -22.55 41.55 -19.16
N HIS A 70 -21.82 40.51 -19.64
CA HIS A 70 -20.63 40.61 -20.50
C HIS A 70 -21.01 41.15 -21.89
N ASN A 71 -22.16 40.70 -22.43
CA ASN A 71 -22.66 41.10 -23.74
C ASN A 71 -23.16 42.54 -23.75
N LEU A 72 -23.77 43.01 -22.64
CA LEU A 72 -24.29 44.38 -22.51
C LEU A 72 -23.13 45.40 -22.52
N ASN A 73 -22.09 45.15 -21.71
CA ASN A 73 -20.89 46.01 -21.59
C ASN A 73 -20.13 46.09 -22.92
N SER A 74 -20.10 44.98 -23.68
CA SER A 74 -19.44 44.88 -24.98
C SER A 74 -20.20 45.68 -26.05
N LEU A 75 -21.54 45.77 -25.93
CA LEU A 75 -22.40 46.49 -26.87
C LEU A 75 -22.42 48.00 -26.60
N ILE A 76 -22.25 48.44 -25.33
CA ILE A 76 -22.21 49.86 -24.95
C ILE A 76 -20.94 50.48 -25.59
N LYS A 77 -19.80 49.76 -25.49
CA LYS A 77 -18.50 50.13 -26.03
C LYS A 77 -18.55 50.20 -27.57
N ARG A 78 -19.26 49.25 -28.20
CA ARG A 78 -19.40 49.14 -29.65
C ARG A 78 -20.34 50.20 -30.25
N SER A 79 -21.49 50.47 -29.58
CA SER A 79 -22.49 51.44 -30.05
C SER A 79 -22.18 52.89 -29.63
N ASN A 80 -21.07 53.12 -28.87
CA ASN A 80 -20.62 54.41 -28.35
C ASN A 80 -21.68 54.98 -27.39
N SER A 81 -22.09 54.15 -26.41
CA SER A 81 -23.08 54.40 -25.35
C SER A 81 -24.44 54.86 -25.91
N THR A 82 -25.08 54.01 -26.73
CA THR A 82 -26.40 54.29 -27.30
C THR A 82 -27.45 53.83 -26.27
N ALA A 83 -28.06 54.81 -25.59
CA ALA A 83 -29.09 54.58 -24.57
C ALA A 83 -30.42 54.18 -25.19
N ALA A 84 -31.22 53.42 -24.44
CA ALA A 84 -32.55 52.94 -24.86
C ALA A 84 -33.55 54.10 -24.91
N THR A 85 -34.39 54.12 -25.96
CA THR A 85 -35.41 55.15 -26.15
C THR A 85 -36.62 54.82 -25.27
N ASN A 86 -37.03 55.79 -24.44
CA ASN A 86 -38.17 55.66 -23.53
C ASN A 86 -39.47 55.76 -24.33
N GLU A 87 -40.28 54.69 -24.34
CA GLU A 87 -41.54 54.62 -25.07
C GLU A 87 -42.74 54.87 -24.17
N VAL A 88 -43.80 55.48 -24.72
CA VAL A 88 -45.04 55.80 -24.00
C VAL A 88 -45.84 54.50 -23.78
N PRO A 89 -46.08 54.09 -22.51
CA PRO A 89 -46.84 52.84 -22.28
C PRO A 89 -48.35 53.04 -22.36
N GLU A 90 -49.07 51.97 -22.77
CA GLU A 90 -50.53 51.94 -22.88
C GLU A 90 -51.12 51.22 -21.68
N VAL A 91 -51.88 51.94 -20.83
CA VAL A 91 -52.47 51.39 -19.61
C VAL A 91 -53.99 51.23 -19.79
N THR A 92 -54.50 50.02 -19.50
CA THR A 92 -55.92 49.65 -19.58
C THR A 92 -56.30 48.81 -18.35
N VAL A 93 -57.44 49.13 -17.71
CA VAL A 93 -57.95 48.45 -16.51
C VAL A 93 -59.30 47.79 -16.80
N PHE A 94 -59.44 46.51 -16.41
CA PHE A 94 -60.64 45.68 -16.60
C PHE A 94 -60.76 44.61 -15.50
N SER A 95 -61.96 44.00 -15.37
CA SER A 95 -62.24 42.94 -14.40
C SER A 95 -62.06 41.55 -15.04
N LYS A 96 -61.71 40.55 -14.21
CA LYS A 96 -61.48 39.16 -14.62
C LYS A 96 -62.81 38.46 -14.98
N SER A 97 -63.88 38.75 -14.21
CA SER A 97 -65.21 38.17 -14.38
C SER A 97 -66.32 39.26 -14.31
N PRO A 98 -67.59 39.00 -14.73
CA PRO A 98 -68.62 40.06 -14.64
C PRO A 98 -68.80 40.58 -13.21
N VAL A 99 -68.84 41.91 -13.05
CA VAL A 99 -68.93 42.61 -11.77
C VAL A 99 -70.27 42.33 -11.07
N THR A 100 -70.17 41.80 -9.83
CA THR A 100 -71.28 41.48 -8.93
C THR A 100 -70.88 41.99 -7.54
N LEU A 101 -71.67 42.93 -6.97
CA LEU A 101 -71.41 43.52 -5.67
C LEU A 101 -71.57 42.49 -4.55
N GLY A 102 -70.49 42.28 -3.79
CA GLY A 102 -70.47 41.33 -2.69
C GLY A 102 -69.86 39.98 -3.01
N GLN A 103 -69.59 39.74 -4.31
CA GLN A 103 -68.97 38.49 -4.79
C GLN A 103 -67.48 38.74 -5.12
N PRO A 104 -66.56 37.79 -4.82
CA PRO A 104 -65.13 38.05 -5.10
C PRO A 104 -64.81 38.15 -6.58
N ASN A 105 -63.97 39.13 -6.94
CA ASN A 105 -63.51 39.41 -8.30
C ASN A 105 -62.05 39.87 -8.26
N ILE A 106 -61.37 39.89 -9.43
CA ILE A 106 -59.97 40.31 -9.54
C ILE A 106 -59.86 41.44 -10.58
N LEU A 107 -59.27 42.57 -10.16
CA LEU A 107 -59.01 43.72 -11.03
C LEU A 107 -57.68 43.54 -11.73
N ILE A 108 -57.66 43.76 -13.06
CA ILE A 108 -56.44 43.58 -13.86
C ILE A 108 -56.03 44.92 -14.50
N CYS A 109 -54.77 45.32 -14.29
CA CYS A 109 -54.19 46.54 -14.85
C CYS A 109 -53.13 46.15 -15.88
N LEU A 110 -53.51 46.17 -17.17
CA LEU A 110 -52.60 45.81 -18.26
C LEU A 110 -51.82 47.04 -18.71
N VAL A 111 -50.49 46.97 -18.59
CA VAL A 111 -49.56 48.02 -19.00
C VAL A 111 -48.81 47.46 -20.20
N ASP A 112 -49.15 47.95 -21.41
CA ASP A 112 -48.56 47.50 -22.67
C ASP A 112 -47.50 48.47 -23.18
N ASN A 113 -46.63 48.00 -24.10
CA ASN A 113 -45.56 48.74 -24.78
C ASN A 113 -44.64 49.46 -23.77
N ILE A 114 -43.99 48.68 -22.88
CA ILE A 114 -43.07 49.19 -21.86
C ILE A 114 -41.63 49.03 -22.32
N PHE A 115 -40.90 50.15 -22.43
CA PHE A 115 -39.48 50.17 -22.78
C PHE A 115 -38.85 51.51 -22.36
N PRO A 116 -37.78 51.53 -21.54
CA PRO A 116 -37.07 50.38 -20.94
C PRO A 116 -37.91 49.65 -19.88
N PRO A 117 -37.64 48.35 -19.59
CA PRO A 117 -38.49 47.63 -18.62
C PRO A 117 -38.24 48.02 -17.15
N VAL A 118 -38.58 49.28 -16.82
CA VAL A 118 -38.49 49.88 -15.47
C VAL A 118 -39.83 50.58 -15.23
N VAL A 119 -40.72 49.96 -14.42
CA VAL A 119 -42.04 50.52 -14.15
C VAL A 119 -42.52 50.19 -12.72
N ASN A 120 -43.19 51.17 -12.08
CA ASN A 120 -43.78 51.04 -10.74
C ASN A 120 -45.29 51.05 -10.88
N ILE A 121 -45.94 49.92 -10.59
CA ILE A 121 -47.40 49.79 -10.68
C ILE A 121 -47.96 49.63 -9.26
N THR A 122 -48.77 50.60 -8.84
CA THR A 122 -49.40 50.64 -7.51
C THR A 122 -50.89 50.91 -7.63
N TRP A 123 -51.70 50.26 -6.78
CA TRP A 123 -53.15 50.43 -6.74
C TRP A 123 -53.56 51.45 -5.69
N LEU A 124 -54.61 52.23 -5.98
CA LEU A 124 -55.13 53.25 -5.08
C LEU A 124 -56.65 53.18 -4.98
N SER A 125 -57.17 53.19 -3.74
CA SER A 125 -58.60 53.13 -3.43
C SER A 125 -59.04 54.44 -2.78
N ASN A 126 -59.76 55.29 -3.56
CA ASN A 126 -60.30 56.61 -3.19
C ASN A 126 -59.18 57.54 -2.63
N GLY A 127 -58.00 57.48 -3.25
CA GLY A 127 -56.84 58.28 -2.86
C GLY A 127 -55.84 57.58 -1.97
N HIS A 128 -56.28 56.56 -1.22
CA HIS A 128 -55.42 55.79 -0.31
C HIS A 128 -54.75 54.63 -1.04
N SER A 129 -53.42 54.49 -0.87
CA SER A 129 -52.61 53.44 -1.50
C SER A 129 -52.93 52.06 -0.92
N VAL A 130 -53.10 51.06 -1.79
CA VAL A 130 -53.43 49.68 -1.42
C VAL A 130 -52.16 48.83 -1.40
N THR A 131 -51.95 48.08 -0.30
CA THR A 131 -50.78 47.21 -0.10
C THR A 131 -51.24 45.75 0.07
N GLU A 132 -52.50 45.54 0.51
CA GLU A 132 -53.08 44.22 0.73
C GLU A 132 -53.75 43.68 -0.54
N GLY A 133 -53.51 42.39 -0.83
CA GLY A 133 -54.06 41.68 -1.97
C GLY A 133 -53.56 42.12 -3.33
N VAL A 134 -52.23 42.32 -3.46
CA VAL A 134 -51.59 42.74 -4.72
C VAL A 134 -50.57 41.70 -5.19
N SER A 135 -50.54 41.45 -6.51
CA SER A 135 -49.62 40.51 -7.17
C SER A 135 -49.34 40.96 -8.60
N GLU A 136 -48.07 40.85 -9.04
CA GLU A 136 -47.65 41.27 -10.38
C GLU A 136 -46.88 40.16 -11.11
N THR A 137 -47.09 40.07 -12.43
CA THR A 137 -46.40 39.12 -13.30
C THR A 137 -45.06 39.71 -13.74
N SER A 138 -44.16 38.87 -14.30
CA SER A 138 -42.86 39.31 -14.80
C SER A 138 -43.01 40.09 -16.11
N PHE A 139 -41.92 40.76 -16.57
CA PHE A 139 -41.92 41.51 -17.82
C PHE A 139 -42.02 40.53 -19.00
N LEU A 140 -43.23 40.45 -19.59
CA LEU A 140 -43.52 39.56 -20.72
C LEU A 140 -43.08 40.20 -22.03
N SER A 141 -42.27 39.46 -22.81
CA SER A 141 -41.72 39.91 -24.09
C SER A 141 -42.78 40.09 -25.17
N LYS A 142 -42.45 40.92 -26.18
CA LYS A 142 -43.30 41.22 -27.34
C LYS A 142 -42.51 41.03 -28.64
N SER A 143 -43.22 40.90 -29.78
CA SER A 143 -42.63 40.70 -31.12
C SER A 143 -41.71 41.86 -31.53
N ASP A 144 -42.09 43.11 -31.19
CA ASP A 144 -41.32 44.32 -31.50
C ASP A 144 -40.21 44.57 -30.45
N HIS A 145 -39.91 43.54 -29.62
CA HIS A 145 -38.89 43.46 -28.56
C HIS A 145 -39.15 44.44 -27.39
N SER A 146 -40.42 44.86 -27.23
CA SER A 146 -40.85 45.71 -26.11
C SER A 146 -41.42 44.78 -25.02
N PHE A 147 -42.01 45.34 -23.95
CA PHE A 147 -42.53 44.50 -22.87
C PHE A 147 -43.92 44.93 -22.38
N PHE A 148 -44.59 44.03 -21.63
CA PHE A 148 -45.89 44.28 -21.02
C PHE A 148 -45.97 43.56 -19.67
N LYS A 149 -46.52 44.26 -18.66
CA LYS A 149 -46.68 43.78 -17.29
C LYS A 149 -48.15 43.84 -16.86
N ILE A 150 -48.59 42.84 -16.09
CA ILE A 150 -49.97 42.73 -15.60
C ILE A 150 -49.98 42.75 -14.06
N SER A 151 -50.80 43.64 -13.47
CA SER A 151 -50.97 43.77 -12.02
C SER A 151 -52.37 43.34 -11.60
N TYR A 152 -52.45 42.52 -10.54
CA TYR A 152 -53.72 42.00 -10.03
C TYR A 152 -54.08 42.59 -8.66
N LEU A 153 -55.39 42.66 -8.38
CA LEU A 153 -55.95 43.18 -7.13
C LEU A 153 -57.19 42.38 -6.75
N THR A 154 -57.13 41.68 -5.59
CA THR A 154 -58.25 40.89 -5.05
C THR A 154 -59.31 41.88 -4.57
N LEU A 155 -60.55 41.69 -5.05
CA LEU A 155 -61.65 42.61 -4.75
C LEU A 155 -62.91 41.96 -4.22
N LEU A 156 -63.75 42.79 -3.60
CA LEU A 156 -65.10 42.58 -3.11
C LEU A 156 -65.84 43.87 -3.51
N PRO A 157 -66.30 43.98 -4.78
CA PRO A 157 -66.87 45.24 -5.29
C PRO A 157 -68.00 45.84 -4.45
N SER A 158 -67.92 47.17 -4.29
CA SER A 158 -68.87 48.02 -3.57
C SER A 158 -69.08 49.32 -4.35
N ALA A 159 -70.34 49.82 -4.38
CA ALA A 159 -70.77 51.03 -5.11
C ALA A 159 -69.99 52.30 -4.73
N GLU A 160 -69.69 52.48 -3.43
CA GLU A 160 -68.98 53.66 -2.91
C GLU A 160 -67.44 53.52 -3.04
N GLU A 161 -66.94 52.29 -3.20
CA GLU A 161 -65.51 52.01 -3.33
C GLU A 161 -65.04 52.20 -4.78
N SER A 162 -64.14 53.17 -4.98
CA SER A 162 -63.54 53.51 -6.27
C SER A 162 -62.08 53.06 -6.32
N TYR A 163 -61.60 52.65 -7.50
CA TYR A 163 -60.23 52.15 -7.66
C TYR A 163 -59.50 52.79 -8.84
N ASP A 164 -58.18 53.03 -8.65
CA ASP A 164 -57.29 53.62 -9.64
C ASP A 164 -55.97 52.84 -9.74
N CYS A 165 -55.39 52.77 -10.94
CA CYS A 165 -54.12 52.09 -11.18
C CYS A 165 -53.04 53.13 -11.52
N LYS A 166 -52.12 53.36 -10.57
CA LYS A 166 -51.03 54.33 -10.73
C LYS A 166 -49.83 53.64 -11.38
N VAL A 167 -49.43 54.12 -12.57
CA VAL A 167 -48.32 53.57 -13.35
C VAL A 167 -47.22 54.65 -13.47
N GLU A 168 -46.02 54.34 -12.96
CA GLU A 168 -44.86 55.23 -12.97
C GLU A 168 -43.83 54.76 -13.99
N HIS A 169 -43.64 55.55 -15.07
CA HIS A 169 -42.69 55.27 -16.15
C HIS A 169 -42.03 56.57 -16.61
N TRP A 170 -40.75 56.48 -17.06
CA TRP A 170 -39.97 57.62 -17.54
C TRP A 170 -40.52 58.20 -18.84
N GLY A 171 -41.17 57.34 -19.65
CA GLY A 171 -41.79 57.71 -20.92
C GLY A 171 -42.99 58.63 -20.75
N LEU A 172 -43.60 58.61 -19.54
CA LEU A 172 -44.74 59.45 -19.16
C LEU A 172 -44.26 60.74 -18.50
N ASP A 173 -44.92 61.87 -18.82
CA ASP A 173 -44.58 63.19 -18.27
C ASP A 173 -44.98 63.28 -16.80
N LYS A 174 -46.11 62.67 -16.44
CA LYS A 174 -46.68 62.60 -15.08
C LYS A 174 -47.24 61.18 -14.81
N PRO A 175 -47.36 60.71 -13.53
CA PRO A 175 -47.88 59.35 -13.31
C PRO A 175 -49.31 59.17 -13.80
N LEU A 176 -49.54 58.14 -14.63
CA LEU A 176 -50.84 57.84 -15.23
C LEU A 176 -51.73 57.05 -14.26
N LEU A 177 -52.96 57.54 -14.06
CA LEU A 177 -53.95 56.90 -13.20
C LEU A 177 -55.19 56.52 -13.99
N LYS A 178 -55.45 55.20 -14.11
CA LYS A 178 -56.61 54.68 -14.84
C LYS A 178 -57.67 54.25 -13.83
N HIS A 179 -58.80 54.97 -13.84
CA HIS A 179 -59.94 54.76 -12.92
C HIS A 179 -60.82 53.59 -13.34
N TRP A 180 -61.37 52.89 -12.34
CA TRP A 180 -62.29 51.76 -12.52
C TRP A 180 -63.50 51.95 -11.59
N GLU A 181 -64.70 51.95 -12.19
CA GLU A 181 -65.97 52.10 -11.49
C GLU A 181 -66.79 50.81 -11.59
N PRO A 182 -67.33 50.26 -10.46
CA PRO A 182 -68.09 49.00 -10.55
C PRO A 182 -69.46 49.15 -11.24
N GLU A 183 -70.01 50.39 -11.29
CA GLU A 183 -71.29 50.79 -11.90
C GLU A 183 -72.46 50.01 -11.27
N SER B 16 -33.32 62.74 -15.73
CA SER B 16 -33.60 61.68 -16.70
C SER B 16 -32.53 60.55 -16.57
N PRO B 17 -32.90 59.34 -16.06
CA PRO B 17 -31.89 58.29 -15.90
C PRO B 17 -31.59 57.53 -17.20
N GLU B 18 -30.29 57.33 -17.47
CA GLU B 18 -29.78 56.63 -18.65
C GLU B 18 -29.75 55.12 -18.38
N ASP B 19 -30.29 54.30 -19.30
CA ASP B 19 -30.34 52.85 -19.16
C ASP B 19 -30.04 52.13 -20.48
N PHE B 20 -29.23 51.07 -20.40
CA PHE B 20 -28.83 50.21 -21.53
C PHE B 20 -29.42 48.82 -21.29
N VAL B 21 -30.22 48.31 -22.24
CA VAL B 21 -30.91 47.02 -22.12
C VAL B 21 -30.41 46.02 -23.17
N TYR B 22 -30.07 44.80 -22.72
CA TYR B 22 -29.66 43.67 -23.58
C TYR B 22 -30.66 42.53 -23.40
N GLN B 23 -31.10 41.93 -24.51
CA GLN B 23 -32.07 40.84 -24.50
C GLN B 23 -31.62 39.64 -25.32
N PHE B 24 -32.06 38.46 -24.90
CA PHE B 24 -31.79 37.19 -25.60
C PHE B 24 -33.07 36.37 -25.58
N LYS B 25 -33.54 35.96 -26.76
CA LYS B 25 -34.76 35.17 -26.91
C LYS B 25 -34.50 33.88 -27.69
N GLY B 26 -34.72 32.75 -27.01
CA GLY B 26 -34.58 31.42 -27.59
C GLY B 26 -35.95 30.97 -28.06
N MET B 27 -36.40 31.53 -29.19
CA MET B 27 -37.74 31.31 -29.73
C MET B 27 -37.85 30.00 -30.53
N CYS B 28 -38.89 29.22 -30.19
CA CYS B 28 -39.26 27.95 -30.82
C CYS B 28 -40.61 28.12 -31.51
N TYR B 29 -40.70 27.72 -32.78
CA TYR B 29 -41.92 27.81 -33.59
C TYR B 29 -42.37 26.40 -33.98
N PHE B 30 -43.67 26.10 -33.79
CA PHE B 30 -44.24 24.79 -34.08
C PHE B 30 -45.50 24.91 -34.94
N THR B 31 -45.57 24.11 -36.01
CA THR B 31 -46.70 24.07 -36.95
C THR B 31 -47.05 22.60 -37.25
N ASN B 32 -48.36 22.27 -37.19
CA ASN B 32 -48.95 20.94 -37.42
C ASN B 32 -48.28 19.86 -36.50
N GLY B 33 -48.15 20.21 -35.22
CA GLY B 33 -47.54 19.35 -34.22
C GLY B 33 -46.03 19.42 -34.25
N THR B 34 -45.38 18.37 -34.79
CA THR B 34 -43.92 18.27 -34.89
C THR B 34 -43.45 18.22 -36.37
N GLU B 35 -44.40 18.33 -37.33
CA GLU B 35 -44.16 18.31 -38.77
C GLU B 35 -43.24 19.45 -39.21
N ARG B 36 -43.46 20.67 -38.66
CA ARG B 36 -42.66 21.85 -38.96
C ARG B 36 -42.17 22.51 -37.66
N VAL B 37 -40.88 22.36 -37.36
CA VAL B 37 -40.24 22.90 -36.16
C VAL B 37 -39.12 23.86 -36.60
N ARG B 38 -39.15 25.09 -36.07
CA ARG B 38 -38.17 26.15 -36.37
C ARG B 38 -37.65 26.80 -35.08
N LEU B 39 -36.34 27.08 -35.04
CA LEU B 39 -35.66 27.72 -33.91
C LEU B 39 -35.04 29.04 -34.37
N VAL B 40 -35.37 30.14 -33.67
CA VAL B 40 -34.83 31.47 -33.96
C VAL B 40 -34.28 32.05 -32.65
N SER B 41 -32.94 32.04 -32.50
CA SER B 41 -32.26 32.58 -31.33
C SER B 41 -31.90 34.04 -31.60
N ARG B 42 -32.60 34.96 -30.94
CA ARG B 42 -32.44 36.40 -31.14
C ARG B 42 -31.61 37.08 -30.06
N SER B 43 -30.72 38.00 -30.48
CA SER B 43 -29.87 38.83 -29.60
C SER B 43 -30.24 40.28 -29.88
N ILE B 44 -30.89 40.92 -28.89
CA ILE B 44 -31.44 42.27 -29.02
C ILE B 44 -30.71 43.28 -28.11
N TYR B 45 -30.51 44.51 -28.63
CA TYR B 45 -29.90 45.68 -27.98
C TYR B 45 -30.27 46.96 -28.78
N ASN B 46 -31.17 47.82 -28.26
CA ASN B 46 -31.95 47.69 -27.03
C ASN B 46 -33.30 47.08 -27.39
N ARG B 47 -33.95 47.67 -28.41
CA ARG B 47 -35.23 47.25 -29.01
C ARG B 47 -34.94 46.64 -30.38
N GLU B 48 -33.72 46.87 -30.89
CA GLU B 48 -33.24 46.42 -32.19
C GLU B 48 -32.44 45.12 -32.06
N GLU B 49 -32.78 44.14 -32.92
CA GLU B 49 -32.12 42.84 -33.02
C GLU B 49 -30.82 43.04 -33.81
N ILE B 50 -29.68 42.63 -33.24
CA ILE B 50 -28.37 42.82 -33.88
C ILE B 50 -27.88 41.56 -34.61
N VAL B 51 -28.05 40.37 -34.01
CA VAL B 51 -27.60 39.08 -34.58
C VAL B 51 -28.61 37.97 -34.21
N ARG B 52 -28.81 36.99 -35.11
CA ARG B 52 -29.73 35.88 -34.90
C ARG B 52 -29.24 34.56 -35.51
N PHE B 53 -29.76 33.43 -35.00
CA PHE B 53 -29.48 32.08 -35.50
C PHE B 53 -30.80 31.40 -35.86
N ASP B 54 -31.00 31.13 -37.15
CA ASP B 54 -32.19 30.46 -37.66
C ASP B 54 -31.86 29.02 -38.01
N SER B 55 -32.77 28.08 -37.67
CA SER B 55 -32.62 26.64 -37.91
C SER B 55 -32.65 26.29 -39.40
N ASP B 56 -33.37 27.09 -40.22
CA ASP B 56 -33.51 26.89 -41.66
C ASP B 56 -32.23 27.22 -42.44
N VAL B 57 -31.38 28.12 -41.91
CA VAL B 57 -30.11 28.50 -42.56
C VAL B 57 -28.94 27.70 -41.98
N GLY B 58 -29.05 27.29 -40.71
CA GLY B 58 -28.06 26.51 -39.99
C GLY B 58 -26.76 27.21 -39.66
N GLU B 59 -26.77 28.56 -39.65
CA GLU B 59 -25.59 29.40 -39.35
C GLU B 59 -26.01 30.78 -38.82
N PHE B 60 -25.12 31.44 -38.07
CA PHE B 60 -25.36 32.78 -37.51
C PHE B 60 -25.31 33.83 -38.61
N ARG B 61 -26.29 34.74 -38.61
CA ARG B 61 -26.38 35.83 -39.58
C ARG B 61 -26.78 37.13 -38.87
N ALA B 62 -26.00 38.19 -39.11
CA ALA B 62 -26.22 39.50 -38.50
C ALA B 62 -27.41 40.25 -39.13
N VAL B 63 -28.19 40.94 -38.28
CA VAL B 63 -29.35 41.73 -38.69
C VAL B 63 -28.89 43.19 -38.87
N THR B 64 -28.04 43.67 -37.93
CA THR B 64 -27.48 45.04 -37.94
C THR B 64 -25.95 44.95 -37.92
N LEU B 65 -25.26 46.08 -38.21
CA LEU B 65 -23.80 46.23 -38.24
C LEU B 65 -23.15 45.85 -36.90
N LEU B 66 -23.85 46.12 -35.77
CA LEU B 66 -23.39 45.81 -34.41
C LEU B 66 -23.28 44.30 -34.16
N GLY B 67 -24.09 43.51 -34.88
CA GLY B 67 -24.12 42.06 -34.75
C GLY B 67 -23.11 41.31 -35.62
N LEU B 68 -22.50 42.02 -36.60
CA LEU B 68 -21.51 41.45 -37.53
C LEU B 68 -20.23 40.93 -36.80
N PRO B 69 -19.61 41.64 -35.80
CA PRO B 69 -18.43 41.07 -35.14
C PRO B 69 -18.75 39.81 -34.32
N ALA B 70 -19.97 39.73 -33.75
CA ALA B 70 -20.44 38.60 -32.97
C ALA B 70 -20.74 37.39 -33.85
N ALA B 71 -21.37 37.61 -35.01
CA ALA B 71 -21.75 36.57 -35.98
C ALA B 71 -20.52 35.82 -36.51
N GLU B 72 -19.46 36.56 -36.90
CA GLU B 72 -18.20 36.00 -37.43
C GLU B 72 -17.43 35.23 -36.35
N TYR B 73 -17.49 35.71 -35.08
CA TYR B 73 -16.82 35.10 -33.93
C TYR B 73 -17.45 33.75 -33.56
N TRP B 74 -18.78 33.66 -33.64
CA TRP B 74 -19.52 32.44 -33.30
C TRP B 74 -19.52 31.41 -34.45
N ASN B 75 -19.51 31.89 -35.72
CA ASN B 75 -19.49 31.01 -36.90
C ASN B 75 -18.12 30.33 -37.06
N SER B 76 -17.03 31.00 -36.61
CA SER B 76 -15.66 30.49 -36.68
C SER B 76 -15.43 29.36 -35.66
N GLN B 77 -16.11 29.45 -34.49
CA GLN B 77 -16.00 28.46 -33.42
C GLN B 77 -16.90 27.25 -33.71
N LYS B 78 -16.29 26.06 -33.76
CA LYS B 78 -16.96 24.78 -34.05
C LYS B 78 -17.91 24.34 -32.92
N ASP B 79 -17.50 24.55 -31.65
CA ASP B 79 -18.28 24.16 -30.47
C ASP B 79 -19.60 24.91 -30.33
N ILE B 80 -19.61 26.23 -30.65
CA ILE B 80 -20.80 27.09 -30.59
C ILE B 80 -21.79 26.68 -31.70
N LEU B 81 -21.26 26.51 -32.94
CA LEU B 81 -22.00 26.14 -34.14
C LEU B 81 -22.64 24.75 -34.03
N GLU B 82 -21.94 23.80 -33.37
CA GLU B 82 -22.40 22.41 -33.17
C GLU B 82 -23.64 22.37 -32.26
N ARG B 83 -23.55 23.02 -31.08
CA ARG B 83 -24.61 23.05 -30.07
C ARG B 83 -25.89 23.71 -30.59
N LYS B 84 -25.73 24.84 -31.33
CA LYS B 84 -26.84 25.62 -31.91
C LYS B 84 -27.59 24.85 -33.00
N ARG B 85 -26.86 24.09 -33.84
CA ARG B 85 -27.46 23.29 -34.93
C ARG B 85 -28.22 22.07 -34.39
N ALA B 86 -27.91 21.65 -33.15
CA ALA B 86 -28.55 20.50 -32.48
C ALA B 86 -29.68 20.96 -31.53
N ALA B 87 -29.80 22.30 -31.30
CA ALA B 87 -30.79 22.92 -30.42
C ALA B 87 -32.25 22.73 -30.88
N VAL B 88 -32.47 22.41 -32.17
CA VAL B 88 -33.83 22.20 -32.72
C VAL B 88 -34.45 20.94 -32.09
N ASP B 89 -33.62 19.88 -31.88
CA ASP B 89 -34.01 18.61 -31.27
C ASP B 89 -33.83 18.65 -29.75
N ARG B 90 -32.82 19.41 -29.27
CA ARG B 90 -32.47 19.54 -27.85
C ARG B 90 -33.40 20.49 -27.09
N VAL B 91 -33.77 21.64 -27.68
CA VAL B 91 -34.62 22.63 -27.00
C VAL B 91 -36.08 22.48 -27.48
N CYS B 92 -36.39 22.89 -28.73
CA CYS B 92 -37.73 22.90 -29.30
C CYS B 92 -38.43 21.53 -29.27
N ARG B 93 -37.90 20.51 -29.98
CA ARG B 93 -38.50 19.19 -30.08
C ARG B 93 -38.58 18.44 -28.74
N HIS B 94 -37.61 18.68 -27.82
CA HIS B 94 -37.61 18.03 -26.51
C HIS B 94 -38.63 18.68 -25.57
N ASN B 95 -38.66 20.03 -25.52
CA ASN B 95 -39.58 20.78 -24.65
C ASN B 95 -41.04 20.63 -25.10
N TYR B 96 -41.30 20.50 -26.42
CA TYR B 96 -42.65 20.31 -26.97
C TYR B 96 -43.27 19.01 -26.44
N GLN B 97 -42.44 17.94 -26.29
CA GLN B 97 -42.85 16.64 -25.75
C GLN B 97 -43.29 16.78 -24.29
N LEU B 98 -42.69 17.73 -23.56
CA LEU B 98 -43.03 18.05 -22.17
C LEU B 98 -44.32 18.87 -22.13
N GLU B 99 -44.53 19.73 -23.14
CA GLU B 99 -45.71 20.61 -23.28
C GLU B 99 -46.98 19.82 -23.60
N LEU B 100 -46.86 18.73 -24.41
CA LEU B 100 -47.94 17.86 -24.87
C LEU B 100 -48.75 17.24 -23.72
N ARG B 101 -48.11 17.01 -22.56
CA ARG B 101 -48.76 16.42 -21.38
C ARG B 101 -48.95 17.47 -20.25
N THR B 102 -48.62 18.75 -20.53
CA THR B 102 -48.73 19.81 -19.53
C THR B 102 -49.59 20.98 -20.07
N THR B 103 -48.96 21.99 -20.72
CA THR B 103 -49.61 23.21 -21.24
C THR B 103 -50.60 22.92 -22.38
N LEU B 104 -50.28 21.97 -23.27
CA LEU B 104 -51.15 21.63 -24.41
C LEU B 104 -52.35 20.79 -23.94
N GLN B 105 -52.25 20.16 -22.76
CA GLN B 105 -53.30 19.35 -22.15
C GLN B 105 -54.25 20.21 -21.30
N ARG B 106 -53.86 21.48 -21.00
CA ARG B 106 -54.63 22.41 -20.18
C ARG B 106 -55.92 22.86 -20.89
N ARG B 107 -57.06 22.54 -20.26
CA ARG B 107 -58.40 22.88 -20.75
C ARG B 107 -59.20 23.53 -19.63
N VAL B 108 -59.55 24.82 -19.81
CA VAL B 108 -60.33 25.59 -18.83
C VAL B 108 -61.70 25.89 -19.43
N GLU B 109 -62.76 25.43 -18.74
CA GLU B 109 -64.16 25.58 -19.15
C GLU B 109 -64.61 27.06 -19.10
N PRO B 110 -65.13 27.63 -20.21
CA PRO B 110 -65.53 29.04 -20.17
C PRO B 110 -66.85 29.28 -19.44
N THR B 111 -66.96 30.44 -18.77
CA THR B 111 -68.15 30.85 -18.02
C THR B 111 -68.87 31.93 -18.82
N VAL B 112 -70.14 31.68 -19.19
CA VAL B 112 -70.95 32.61 -20.00
C VAL B 112 -71.98 33.33 -19.12
N THR B 113 -72.16 34.65 -19.37
CA THR B 113 -73.08 35.51 -18.64
C THR B 113 -73.66 36.57 -19.58
N ILE B 114 -75.00 36.74 -19.58
CA ILE B 114 -75.68 37.74 -20.40
C ILE B 114 -76.22 38.83 -19.46
N SER B 115 -75.81 40.08 -19.71
CA SER B 115 -76.22 41.25 -18.96
C SER B 115 -76.54 42.41 -19.92
N PRO B 116 -77.69 43.09 -19.79
CA PRO B 116 -78.01 44.20 -20.72
C PRO B 116 -77.20 45.47 -20.41
N SER B 117 -77.14 46.39 -21.40
CA SER B 117 -76.43 47.66 -21.29
C SER B 117 -77.11 48.73 -22.13
N HIS B 125 -83.34 48.74 -22.68
CA HIS B 125 -81.93 48.48 -22.99
C HIS B 125 -81.75 48.15 -24.47
N ASN B 126 -80.84 48.86 -25.14
CA ASN B 126 -80.54 48.67 -26.57
C ASN B 126 -79.37 47.69 -26.77
N LEU B 127 -78.47 47.58 -25.76
CA LEU B 127 -77.31 46.70 -25.81
C LEU B 127 -77.47 45.46 -24.94
N LEU B 128 -76.79 44.37 -25.34
CA LEU B 128 -76.75 43.07 -24.68
C LEU B 128 -75.34 42.48 -24.88
N VAL B 129 -74.58 42.32 -23.78
CA VAL B 129 -73.20 41.83 -23.85
C VAL B 129 -73.08 40.38 -23.30
N CYS B 130 -72.44 39.51 -24.10
CA CYS B 130 -72.18 38.10 -23.76
C CYS B 130 -70.76 38.00 -23.22
N SER B 131 -70.62 37.84 -21.88
CA SER B 131 -69.33 37.78 -21.20
C SER B 131 -68.83 36.34 -21.09
N VAL B 132 -67.84 35.99 -21.93
CA VAL B 132 -67.19 34.66 -21.94
C VAL B 132 -65.85 34.86 -21.24
N THR B 133 -65.75 34.42 -19.97
CA THR B 133 -64.55 34.62 -19.16
C THR B 133 -63.92 33.31 -18.66
N ASP B 134 -62.60 33.37 -18.34
CA ASP B 134 -61.73 32.33 -17.79
C ASP B 134 -61.74 31.04 -18.64
N PHE B 135 -60.93 31.01 -19.71
CA PHE B 135 -60.83 29.84 -20.60
C PHE B 135 -59.43 29.70 -21.20
N TYR B 136 -59.06 28.44 -21.52
CA TYR B 136 -57.79 28.04 -22.14
C TYR B 136 -58.02 26.75 -22.94
N PRO B 137 -57.51 26.60 -24.20
CA PRO B 137 -56.64 27.53 -24.96
C PRO B 137 -57.39 28.74 -25.54
N ALA B 138 -56.64 29.63 -26.23
CA ALA B 138 -57.10 30.87 -26.84
C ALA B 138 -58.21 30.72 -27.88
N GLN B 139 -58.24 29.58 -28.63
CA GLN B 139 -59.22 29.32 -29.69
C GLN B 139 -60.67 29.34 -29.16
N ILE B 140 -61.53 30.19 -29.76
CA ILE B 140 -62.94 30.37 -29.37
C ILE B 140 -63.77 30.93 -30.54
N LYS B 141 -65.04 30.50 -30.65
CA LYS B 141 -66.00 30.95 -31.65
C LYS B 141 -67.34 31.18 -30.93
N VAL B 142 -67.77 32.46 -30.89
CA VAL B 142 -69.00 32.86 -30.21
C VAL B 142 -69.94 33.55 -31.21
N ARG B 143 -71.16 33.00 -31.35
CA ARG B 143 -72.22 33.46 -32.25
C ARG B 143 -73.44 33.97 -31.48
N TRP B 144 -74.12 34.99 -32.04
CA TRP B 144 -75.34 35.57 -31.46
C TRP B 144 -76.56 35.12 -32.25
N PHE B 145 -77.64 34.76 -31.55
CA PHE B 145 -78.89 34.30 -32.16
C PHE B 145 -80.11 35.05 -31.64
N ARG B 146 -81.12 35.22 -32.51
CA ARG B 146 -82.40 35.86 -32.21
C ARG B 146 -83.50 34.97 -32.80
N ASN B 147 -84.07 34.09 -31.95
CA ASN B 147 -85.12 33.11 -32.28
C ASN B 147 -84.64 32.17 -33.41
N ASP B 148 -83.55 31.42 -33.13
CA ASP B 148 -82.85 30.45 -34.01
C ASP B 148 -82.17 31.09 -35.24
N GLN B 149 -82.37 32.41 -35.47
CA GLN B 149 -81.77 33.14 -36.59
C GLN B 149 -80.50 33.87 -36.12
N GLU B 150 -79.36 33.59 -36.76
CA GLU B 150 -78.05 34.17 -36.41
C GLU B 150 -77.97 35.65 -36.79
N GLU B 151 -77.37 36.46 -35.89
CA GLU B 151 -77.18 37.90 -36.06
C GLU B 151 -75.70 38.19 -36.37
N THR B 152 -75.45 38.93 -37.47
CA THR B 152 -74.09 39.23 -37.93
C THR B 152 -73.84 40.74 -38.12
N ALA B 153 -74.86 41.51 -38.51
CA ALA B 153 -74.74 42.94 -38.80
C ALA B 153 -74.51 43.81 -37.55
N GLY B 154 -75.42 43.74 -36.58
CA GLY B 154 -75.34 44.55 -35.35
C GLY B 154 -74.71 43.87 -34.17
N VAL B 155 -73.51 43.30 -34.35
CA VAL B 155 -72.76 42.62 -33.29
C VAL B 155 -71.28 43.01 -33.39
N VAL B 156 -70.74 43.56 -32.29
CA VAL B 156 -69.34 43.98 -32.16
C VAL B 156 -68.67 43.13 -31.06
N SER B 157 -67.45 42.66 -31.34
CA SER B 157 -66.68 41.83 -30.42
C SER B 157 -65.37 42.51 -30.02
N THR B 158 -65.02 42.42 -28.73
CA THR B 158 -63.76 42.95 -28.22
C THR B 158 -62.63 42.00 -28.63
N PRO B 159 -61.38 42.46 -28.84
CA PRO B 159 -60.30 41.51 -29.19
C PRO B 159 -60.05 40.53 -28.03
N LEU B 160 -59.55 39.31 -28.33
CA LEU B 160 -59.28 38.28 -27.33
C LEU B 160 -58.37 38.84 -26.22
N ILE B 161 -58.99 39.12 -25.05
CA ILE B 161 -58.31 39.71 -23.88
C ILE B 161 -57.54 38.62 -23.14
N ARG B 162 -56.24 38.86 -22.93
CA ARG B 162 -55.32 37.98 -22.20
C ARG B 162 -55.25 38.46 -20.75
N ASN B 163 -55.67 37.61 -19.80
CA ASN B 163 -55.66 37.94 -18.37
C ASN B 163 -54.26 37.80 -17.78
N GLY B 164 -53.43 36.96 -18.40
CA GLY B 164 -52.05 36.74 -17.97
C GLY B 164 -51.85 35.54 -17.06
N ASP B 165 -52.89 35.13 -16.32
CA ASP B 165 -52.82 33.99 -15.40
C ASP B 165 -53.33 32.71 -16.08
N TRP B 166 -52.90 32.50 -17.36
CA TRP B 166 -53.20 31.35 -18.23
C TRP B 166 -54.71 31.18 -18.51
N THR B 167 -55.45 32.31 -18.51
CA THR B 167 -56.88 32.37 -18.81
C THR B 167 -57.16 33.54 -19.75
N PHE B 168 -58.17 33.39 -20.61
CA PHE B 168 -58.59 34.43 -21.55
C PHE B 168 -60.04 34.83 -21.30
N GLN B 169 -60.45 35.98 -21.85
CA GLN B 169 -61.82 36.47 -21.77
C GLN B 169 -62.16 37.24 -23.05
N ILE B 170 -63.44 37.23 -23.43
CA ILE B 170 -63.92 37.90 -24.64
C ILE B 170 -65.35 38.42 -24.38
N LEU B 171 -65.57 39.70 -24.68
CA LEU B 171 -66.87 40.37 -24.52
C LEU B 171 -67.46 40.62 -25.89
N VAL B 172 -68.67 40.10 -26.14
CA VAL B 172 -69.36 40.20 -27.42
C VAL B 172 -70.70 40.93 -27.21
N MET B 173 -70.77 42.19 -27.68
CA MET B 173 -71.96 43.05 -27.57
C MET B 173 -72.88 42.88 -28.77
N LEU B 174 -74.18 43.17 -28.60
CA LEU B 174 -75.18 43.06 -29.66
C LEU B 174 -76.19 44.21 -29.59
N GLU B 175 -76.35 44.94 -30.71
CA GLU B 175 -77.33 46.02 -30.85
C GLU B 175 -78.68 45.35 -31.15
N MET B 176 -79.60 45.40 -30.18
CA MET B 176 -80.91 44.76 -30.32
C MET B 176 -82.06 45.71 -30.05
N THR B 177 -83.17 45.51 -30.78
CA THR B 177 -84.43 46.23 -30.67
C THR B 177 -85.43 45.16 -30.17
N PRO B 178 -85.54 44.95 -28.85
CA PRO B 178 -86.40 43.86 -28.36
C PRO B 178 -87.89 44.16 -28.39
N GLN B 179 -88.67 43.08 -28.51
CA GLN B 179 -90.14 43.04 -28.52
C GLN B 179 -90.59 41.79 -27.76
N ARG B 180 -91.86 41.75 -27.31
CA ARG B 180 -92.41 40.62 -26.54
C ARG B 180 -92.36 39.31 -27.33
N GLY B 181 -91.78 38.29 -26.70
CA GLY B 181 -91.63 36.95 -27.28
C GLY B 181 -90.26 36.61 -27.80
N ASP B 182 -89.36 37.61 -27.91
CA ASP B 182 -87.99 37.45 -28.41
C ASP B 182 -87.08 36.71 -27.43
N VAL B 183 -86.28 35.76 -27.95
CA VAL B 183 -85.31 34.96 -27.19
C VAL B 183 -83.92 35.16 -27.82
N TYR B 184 -82.98 35.71 -27.04
CA TYR B 184 -81.61 35.97 -27.48
C TYR B 184 -80.68 34.90 -26.93
N THR B 185 -80.12 34.07 -27.82
CA THR B 185 -79.23 32.96 -27.46
C THR B 185 -77.79 33.25 -27.85
N CYS B 186 -76.85 33.07 -26.91
CA CYS B 186 -75.43 33.26 -27.12
C CYS B 186 -74.75 31.88 -27.23
N HIS B 187 -74.45 31.48 -28.48
CA HIS B 187 -73.82 30.21 -28.82
C HIS B 187 -72.30 30.34 -28.68
N VAL B 188 -71.65 29.45 -27.90
CA VAL B 188 -70.20 29.50 -27.65
C VAL B 188 -69.57 28.12 -27.93
N GLU B 189 -68.51 28.09 -28.77
CA GLU B 189 -67.76 26.89 -29.14
C GLU B 189 -66.30 27.00 -28.65
N HIS B 190 -65.82 25.98 -27.94
CA HIS B 190 -64.46 25.93 -27.37
C HIS B 190 -63.86 24.50 -27.46
N PRO B 191 -62.53 24.34 -27.68
CA PRO B 191 -61.94 22.98 -27.78
C PRO B 191 -62.16 22.08 -26.56
N SER B 192 -62.35 22.66 -25.36
CA SER B 192 -62.56 21.93 -24.11
C SER B 192 -63.98 21.32 -24.02
N LEU B 193 -64.89 21.72 -24.91
CA LEU B 193 -66.29 21.27 -24.89
C LEU B 193 -66.62 20.31 -26.03
N GLN B 194 -67.38 19.25 -25.69
CA GLN B 194 -67.88 18.25 -26.63
C GLN B 194 -69.11 18.82 -27.35
N SER B 195 -69.98 19.51 -26.57
CA SER B 195 -71.21 20.17 -27.00
C SER B 195 -71.13 21.67 -26.69
N PRO B 196 -71.68 22.58 -27.54
CA PRO B 196 -71.57 24.03 -27.24
C PRO B 196 -72.46 24.51 -26.10
N ILE B 197 -71.99 25.52 -25.34
CA ILE B 197 -72.74 26.12 -24.24
C ILE B 197 -73.61 27.25 -24.80
N THR B 198 -74.93 27.17 -24.57
CA THR B 198 -75.89 28.18 -25.02
C THR B 198 -76.61 28.80 -23.83
N VAL B 199 -76.56 30.13 -23.72
CA VAL B 199 -77.21 30.90 -22.66
C VAL B 199 -78.29 31.77 -23.32
N GLU B 200 -79.54 31.68 -22.82
CA GLU B 200 -80.69 32.40 -23.36
C GLU B 200 -81.06 33.62 -22.50
N TRP B 201 -81.63 34.65 -23.17
CA TRP B 201 -82.10 35.89 -22.54
C TRP B 201 -83.46 36.25 -23.14
N ARG B 202 -84.44 36.55 -22.27
CA ARG B 202 -85.81 36.88 -22.68
C ARG B 202 -86.22 38.29 -22.26
N ALA B 203 -87.01 38.97 -23.12
CA ALA B 203 -87.50 40.32 -22.89
C ALA B 203 -88.97 40.29 -22.48
N ILE C 3 41.46 -43.56 31.34
CA ILE C 3 40.90 -43.98 30.06
C ILE C 3 42.03 -44.18 29.04
N VAL C 4 42.09 -45.38 28.42
CA VAL C 4 43.10 -45.74 27.42
C VAL C 4 42.65 -45.21 26.05
N ALA C 5 43.47 -44.30 25.47
CA ALA C 5 43.21 -43.68 24.17
C ALA C 5 44.51 -43.21 23.50
N ASP C 6 44.57 -43.31 22.16
CA ASP C 6 45.73 -42.89 21.35
C ASP C 6 45.95 -41.39 21.43
N HIS C 7 44.87 -40.60 21.28
CA HIS C 7 44.91 -39.13 21.35
C HIS C 7 43.86 -38.61 22.31
N VAL C 8 44.30 -37.78 23.28
CA VAL C 8 43.43 -37.16 24.28
C VAL C 8 43.36 -35.66 23.97
N ALA C 9 42.13 -35.14 23.82
CA ALA C 9 41.86 -33.73 23.49
C ALA C 9 40.83 -33.14 24.44
N SER C 10 40.77 -31.80 24.53
CA SER C 10 39.82 -31.08 25.38
C SER C 10 39.28 -29.86 24.66
N TYR C 11 37.99 -29.91 24.25
CA TYR C 11 37.30 -28.83 23.54
C TYR C 11 36.05 -28.34 24.30
N GLY C 12 36.22 -27.47 25.29
CA GLY C 12 37.50 -26.93 25.74
C GLY C 12 37.62 -26.87 27.24
N VAL C 13 38.81 -26.48 27.73
CA VAL C 13 39.06 -26.36 29.17
C VAL C 13 38.53 -24.99 29.61
N ASN C 14 37.42 -25.02 30.37
CA ASN C 14 36.74 -23.84 30.91
C ASN C 14 37.17 -23.64 32.36
N LEU C 15 37.49 -22.39 32.73
CA LEU C 15 37.95 -22.06 34.07
C LEU C 15 37.35 -20.73 34.56
N TYR C 16 36.94 -20.70 35.84
CA TYR C 16 36.40 -19.52 36.52
C TYR C 16 36.66 -19.63 38.01
N GLN C 17 37.21 -18.55 38.60
CA GLN C 17 37.50 -18.48 40.03
C GLN C 17 37.00 -17.15 40.62
N SER C 18 36.60 -17.18 41.91
CA SER C 18 36.04 -16.06 42.66
C SER C 18 37.06 -15.00 43.09
N TYR C 19 38.36 -15.36 43.22
CA TYR C 19 39.44 -14.47 43.69
C TYR C 19 39.56 -13.16 42.86
N GLY C 20 39.56 -13.28 41.54
CA GLY C 20 39.67 -12.15 40.62
C GLY C 20 38.54 -11.15 40.70
N PRO C 21 37.32 -11.44 40.16
CA PRO C 21 36.88 -12.68 39.47
C PRO C 21 37.53 -12.82 38.09
N SER C 22 38.38 -13.84 37.94
CA SER C 22 39.11 -14.11 36.71
C SER C 22 38.73 -15.47 36.10
N GLY C 23 38.65 -15.50 34.78
CA GLY C 23 38.32 -16.69 34.02
C GLY C 23 39.32 -16.99 32.92
N GLN C 24 39.27 -18.23 32.39
CA GLN C 24 40.16 -18.67 31.31
C GLN C 24 39.48 -19.72 30.43
N TYR C 25 39.60 -19.54 29.11
CA TYR C 25 39.07 -20.45 28.10
C TYR C 25 40.18 -20.88 27.16
N THR C 26 40.42 -22.20 27.07
CA THR C 26 41.47 -22.81 26.24
C THR C 26 41.00 -24.10 25.60
N HIS C 27 41.71 -24.54 24.54
CA HIS C 27 41.51 -25.81 23.85
C HIS C 27 42.83 -26.55 23.82
N GLU C 28 42.84 -27.83 24.23
CA GLU C 28 44.07 -28.62 24.30
C GLU C 28 44.01 -29.88 23.46
N PHE C 29 45.16 -30.27 22.89
CA PHE C 29 45.34 -31.48 22.09
C PHE C 29 46.67 -32.11 22.46
N ASP C 30 46.62 -33.33 23.04
CA ASP C 30 47.75 -34.13 23.54
C ASP C 30 48.58 -33.33 24.56
N GLY C 31 47.88 -32.68 25.49
CA GLY C 31 48.46 -31.87 26.55
C GLY C 31 49.15 -30.59 26.11
N ASP C 32 48.81 -30.10 24.92
CA ASP C 32 49.39 -28.88 24.36
C ASP C 32 48.31 -27.86 24.03
N GLU C 33 48.52 -26.59 24.46
CA GLU C 33 47.61 -25.47 24.27
C GLU C 33 47.51 -25.08 22.79
N GLN C 34 46.29 -25.21 22.22
CA GLN C 34 46.01 -24.86 20.83
C GLN C 34 45.79 -23.35 20.72
N PHE C 35 44.92 -22.79 21.59
CA PHE C 35 44.60 -21.37 21.65
C PHE C 35 44.00 -20.96 23.01
N TYR C 36 43.80 -19.65 23.20
CA TYR C 36 43.16 -19.06 24.37
C TYR C 36 42.31 -17.86 23.91
N VAL C 37 41.16 -17.65 24.58
CA VAL C 37 40.26 -16.54 24.24
C VAL C 37 40.44 -15.44 25.29
N ASP C 38 40.84 -14.23 24.85
CA ASP C 38 41.01 -13.07 25.71
C ASP C 38 39.63 -12.51 26.02
N LEU C 39 39.23 -12.54 27.31
CA LEU C 39 37.90 -12.08 27.75
C LEU C 39 37.74 -10.57 27.62
N GLY C 40 38.82 -9.82 27.87
CA GLY C 40 38.83 -8.37 27.79
C GLY C 40 38.80 -7.84 26.37
N ARG C 41 39.78 -8.28 25.54
CA ARG C 41 39.93 -7.87 24.15
C ARG C 41 38.86 -8.50 23.23
N LYS C 42 38.24 -9.62 23.68
CA LYS C 42 37.20 -10.40 22.98
C LYS C 42 37.74 -10.92 21.63
N GLU C 43 38.84 -11.67 21.66
CA GLU C 43 39.49 -12.25 20.47
C GLU C 43 40.23 -13.56 20.78
N THR C 44 40.24 -14.47 19.79
CA THR C 44 40.89 -15.78 19.85
C THR C 44 42.38 -15.61 19.52
N VAL C 45 43.26 -16.10 20.40
CA VAL C 45 44.71 -16.01 20.23
C VAL C 45 45.29 -17.42 20.04
N TRP C 46 45.61 -17.79 18.80
CA TRP C 46 46.17 -19.09 18.43
C TRP C 46 47.65 -19.19 18.83
N CYS C 47 48.06 -20.38 19.32
CA CYS C 47 49.43 -20.65 19.76
C CYS C 47 50.26 -21.23 18.61
N LEU C 48 49.70 -22.24 17.91
CA LEU C 48 50.34 -22.91 16.76
C LEU C 48 50.14 -22.06 15.49
N PRO C 49 51.19 -21.84 14.65
CA PRO C 49 51.03 -20.98 13.47
C PRO C 49 50.09 -21.55 12.39
N VAL C 50 50.06 -22.87 12.22
CA VAL C 50 49.24 -23.56 11.21
C VAL C 50 47.73 -23.51 11.60
N LEU C 51 47.41 -23.40 12.92
CA LEU C 51 46.04 -23.35 13.43
C LEU C 51 45.37 -21.96 13.22
N ARG C 52 46.15 -20.94 12.81
CA ARG C 52 45.68 -19.56 12.58
C ARG C 52 44.71 -19.44 11.38
N GLN C 53 44.64 -20.46 10.50
CA GLN C 53 43.75 -20.49 9.33
C GLN C 53 42.27 -20.58 9.74
N PHE C 54 41.98 -21.25 10.88
CA PHE C 54 40.63 -21.44 11.40
C PHE C 54 40.12 -20.20 12.15
N ARG C 55 38.80 -20.15 12.39
CA ARG C 55 38.14 -19.08 13.11
C ARG C 55 37.31 -19.63 14.26
N PHE C 56 37.50 -19.08 15.46
CA PHE C 56 36.76 -19.45 16.66
C PHE C 56 36.12 -18.19 17.23
N ASP C 57 34.78 -18.22 17.39
CA ASP C 57 34.01 -17.09 17.89
C ASP C 57 34.34 -16.80 19.37
N PRO C 58 34.73 -15.55 19.71
CA PRO C 58 35.06 -15.23 21.11
C PRO C 58 33.82 -15.18 22.02
N GLN C 59 32.60 -15.13 21.42
CA GLN C 59 31.32 -15.11 22.15
C GLN C 59 31.06 -16.48 22.80
N PHE C 60 31.66 -17.56 22.25
CA PHE C 60 31.58 -18.93 22.78
C PHE C 60 32.05 -19.00 24.21
N ALA C 61 33.21 -18.37 24.50
CA ALA C 61 33.84 -18.30 25.82
C ALA C 61 33.02 -17.42 26.76
N LEU C 62 32.60 -16.22 26.30
CA LEU C 62 31.84 -15.24 27.08
C LEU C 62 30.54 -15.83 27.64
N THR C 63 29.79 -16.62 26.83
CA THR C 63 28.55 -17.25 27.29
C THR C 63 28.87 -18.47 28.19
N ASN C 64 30.02 -19.12 27.98
CA ASN C 64 30.45 -20.29 28.78
C ASN C 64 30.91 -19.87 30.18
N ILE C 65 31.65 -18.75 30.29
CA ILE C 65 32.16 -18.19 31.56
C ILE C 65 30.96 -17.65 32.36
N ALA C 66 29.91 -17.15 31.66
CA ALA C 66 28.67 -16.65 32.27
C ALA C 66 27.93 -17.79 32.97
N VAL C 67 27.94 -19.00 32.37
CA VAL C 67 27.33 -20.22 32.90
C VAL C 67 28.16 -20.69 34.11
N LEU C 68 29.51 -20.68 34.00
CA LEU C 68 30.42 -21.08 35.09
C LEU C 68 30.27 -20.18 36.32
N LYS C 69 30.03 -18.87 36.11
CA LYS C 69 29.81 -17.87 37.16
C LYS C 69 28.54 -18.23 37.94
N HIS C 70 27.50 -18.69 37.23
CA HIS C 70 26.23 -19.14 37.80
C HIS C 70 26.42 -20.47 38.53
N ASN C 71 27.19 -21.40 37.91
CA ASN C 71 27.48 -22.73 38.45
C ASN C 71 28.34 -22.68 39.71
N LEU C 72 29.32 -21.74 39.77
CA LEU C 72 30.22 -21.57 40.93
C LEU C 72 29.42 -21.09 42.15
N ASN C 73 28.61 -20.02 42.00
CA ASN C 73 27.78 -19.44 43.07
C ASN C 73 26.77 -20.47 43.61
N SER C 74 26.24 -21.33 42.71
CA SER C 74 25.29 -22.40 43.05
C SER C 74 25.97 -23.49 43.89
N LEU C 75 27.27 -23.77 43.62
CA LEU C 75 28.05 -24.78 44.33
C LEU C 75 28.53 -24.29 45.69
N ILE C 76 28.86 -22.98 45.82
CA ILE C 76 29.32 -22.36 47.09
C ILE C 76 28.19 -22.51 48.14
N LYS C 77 26.93 -22.29 47.73
CA LYS C 77 25.74 -22.41 48.57
C LYS C 77 25.48 -23.88 48.96
N ARG C 78 25.69 -24.82 48.01
CA ARG C 78 25.47 -26.25 48.19
C ARG C 78 26.56 -26.90 49.06
N SER C 79 27.83 -26.46 48.92
CA SER C 79 28.97 -27.00 49.68
C SER C 79 29.18 -26.30 51.03
N ASN C 80 28.31 -25.31 51.38
CA ASN C 80 28.36 -24.50 52.61
C ASN C 80 29.71 -23.73 52.67
N SER C 81 30.08 -23.13 51.51
CA SER C 81 31.28 -22.34 51.24
C SER C 81 32.57 -23.15 51.52
N THR C 82 32.93 -24.05 50.59
CA THR C 82 34.13 -24.90 50.66
C THR C 82 35.18 -24.32 49.71
N ALA C 83 36.21 -23.69 50.28
CA ALA C 83 37.31 -23.06 49.54
C ALA C 83 38.31 -24.08 48.99
N ALA C 84 39.04 -23.71 47.93
CA ALA C 84 40.05 -24.54 47.29
C ALA C 84 41.31 -24.63 48.16
N THR C 85 41.83 -25.85 48.34
CA THR C 85 43.03 -26.13 49.13
C THR C 85 44.28 -25.75 48.31
N ASN C 86 45.19 -24.98 48.92
CA ASN C 86 46.43 -24.53 48.28
C ASN C 86 47.43 -25.69 48.16
N GLU C 87 48.11 -25.79 47.02
CA GLU C 87 49.09 -26.85 46.74
C GLU C 87 50.50 -26.27 46.54
N VAL C 88 51.52 -26.99 47.01
CA VAL C 88 52.93 -26.59 46.89
C VAL C 88 53.37 -26.89 45.43
N PRO C 89 53.73 -25.87 44.63
CA PRO C 89 54.12 -26.14 43.24
C PRO C 89 55.52 -26.73 43.09
N GLU C 90 55.71 -27.52 42.02
CA GLU C 90 56.96 -28.17 41.65
C GLU C 90 57.61 -27.37 40.51
N VAL C 91 58.71 -26.67 40.82
CA VAL C 91 59.42 -25.80 39.87
C VAL C 91 60.73 -26.49 39.43
N THR C 92 61.02 -26.45 38.10
CA THR C 92 62.22 -27.01 37.48
C THR C 92 62.60 -26.16 36.25
N VAL C 93 63.86 -25.70 36.20
CA VAL C 93 64.40 -24.86 35.13
C VAL C 93 65.43 -25.67 34.30
N PHE C 94 65.28 -25.63 32.97
CA PHE C 94 66.11 -26.34 31.99
C PHE C 94 66.21 -25.57 30.66
N SER C 95 67.18 -25.96 29.81
CA SER C 95 67.40 -25.37 28.49
C SER C 95 66.61 -26.10 27.40
N LYS C 96 66.27 -25.39 26.31
CA LYS C 96 65.51 -25.92 25.17
C LYS C 96 66.38 -26.79 24.27
N SER C 97 67.66 -26.40 24.10
CA SER C 97 68.66 -27.07 23.26
C SER C 97 70.06 -27.00 23.92
N PRO C 98 71.09 -27.80 23.49
CA PRO C 98 72.42 -27.71 24.14
C PRO C 98 72.95 -26.27 24.20
N VAL C 99 73.43 -25.86 25.39
CA VAL C 99 73.91 -24.51 25.69
C VAL C 99 75.26 -24.23 25.01
N THR C 100 75.38 -23.03 24.41
CA THR C 100 76.57 -22.49 23.74
C THR C 100 76.61 -20.98 24.03
N LEU C 101 77.80 -20.45 24.32
CA LEU C 101 78.04 -19.04 24.65
C LEU C 101 77.78 -18.13 23.44
N GLY C 102 76.97 -17.09 23.66
CA GLY C 102 76.59 -16.12 22.65
C GLY C 102 75.82 -16.70 21.47
N GLN C 103 74.85 -17.58 21.75
CA GLN C 103 74.02 -18.26 20.74
C GLN C 103 72.52 -18.14 21.08
N PRO C 104 71.60 -18.21 20.09
CA PRO C 104 70.17 -18.09 20.45
C PRO C 104 69.63 -19.38 21.09
N ASN C 105 69.17 -19.26 22.34
CA ASN C 105 68.59 -20.35 23.13
C ASN C 105 67.54 -19.79 24.08
N ILE C 106 66.51 -20.59 24.42
CA ILE C 106 65.41 -20.16 25.28
C ILE C 106 65.38 -20.99 26.57
N LEU C 107 65.29 -20.30 27.74
CA LEU C 107 65.19 -20.93 29.05
C LEU C 107 63.72 -21.21 29.38
N ILE C 108 63.42 -22.42 29.88
CA ILE C 108 62.06 -22.83 30.21
C ILE C 108 61.94 -23.07 31.73
N CYS C 109 60.94 -22.45 32.36
CA CYS C 109 60.66 -22.60 33.79
C CYS C 109 59.34 -23.37 33.97
N LEU C 110 59.46 -24.71 34.07
CA LEU C 110 58.31 -25.61 34.22
C LEU C 110 57.79 -25.53 35.66
N VAL C 111 56.62 -24.92 35.83
CA VAL C 111 55.95 -24.80 37.13
C VAL C 111 54.75 -25.75 37.10
N ASP C 112 54.85 -26.87 37.82
CA ASP C 112 53.84 -27.93 37.88
C ASP C 112 53.12 -27.94 39.24
N ASN C 113 51.95 -28.59 39.30
CA ASN C 113 51.08 -28.78 40.48
C ASN C 113 50.67 -27.40 41.08
N ILE C 114 49.96 -26.59 40.28
CA ILE C 114 49.47 -25.27 40.68
C ILE C 114 47.97 -25.35 40.93
N PHE C 115 47.55 -25.10 42.19
CA PHE C 115 46.15 -25.06 42.59
C PHE C 115 45.99 -24.28 43.91
N PRO C 116 45.15 -23.22 43.98
CA PRO C 116 44.28 -22.67 42.92
C PRO C 116 45.09 -22.01 41.78
N PRO C 117 44.53 -21.85 40.55
CA PRO C 117 45.32 -21.27 39.46
C PRO C 117 45.56 -19.75 39.56
N VAL C 118 46.37 -19.35 40.57
CA VAL C 118 46.80 -17.96 40.83
C VAL C 118 48.30 -18.02 41.15
N VAL C 119 49.14 -17.56 40.20
CA VAL C 119 50.60 -17.58 40.35
C VAL C 119 51.24 -16.37 39.65
N ASN C 120 52.24 -15.76 40.30
CA ASN C 120 52.99 -14.62 39.78
C ASN C 120 54.42 -15.07 39.44
N ILE C 121 54.66 -15.43 38.17
CA ILE C 121 55.96 -15.90 37.70
C ILE C 121 56.71 -14.73 37.07
N THR C 122 57.93 -14.44 37.58
CA THR C 122 58.81 -13.36 37.13
C THR C 122 60.24 -13.87 37.03
N TRP C 123 60.94 -13.54 35.92
CA TRP C 123 62.33 -13.93 35.72
C TRP C 123 63.27 -12.94 36.39
N LEU C 124 64.42 -13.43 36.92
CA LEU C 124 65.42 -12.62 37.61
C LEU C 124 66.84 -12.94 37.14
N SER C 125 67.70 -11.90 37.12
CA SER C 125 69.10 -12.01 36.73
C SER C 125 69.98 -11.21 37.70
N ASN C 126 70.68 -11.94 38.60
CA ASN C 126 71.58 -11.46 39.65
C ASN C 126 70.88 -10.42 40.57
N GLY C 127 69.74 -10.83 41.13
CA GLY C 127 68.92 -10.04 42.04
C GLY C 127 68.10 -8.93 41.41
N HIS C 128 68.03 -8.88 40.06
CA HIS C 128 67.27 -7.87 39.32
C HIS C 128 66.30 -8.53 38.35
N SER C 129 65.03 -8.10 38.40
CA SER C 129 63.94 -8.61 37.57
C SER C 129 64.10 -8.26 36.09
N VAL C 130 63.80 -9.24 35.21
CA VAL C 130 63.87 -9.10 33.75
C VAL C 130 62.42 -8.99 33.23
N THR C 131 62.09 -7.85 32.61
CA THR C 131 60.75 -7.56 32.09
C THR C 131 60.66 -7.80 30.57
N GLU C 132 61.82 -7.99 29.89
CA GLU C 132 61.86 -8.21 28.44
C GLU C 132 62.22 -9.64 28.05
N GLY C 133 61.73 -10.04 26.87
CA GLY C 133 61.96 -11.37 26.29
C GLY C 133 61.20 -12.48 27.00
N VAL C 134 60.14 -12.12 27.75
CA VAL C 134 59.31 -13.06 28.51
C VAL C 134 58.01 -13.38 27.77
N SER C 135 57.62 -14.67 27.78
CA SER C 135 56.40 -15.19 27.19
C SER C 135 55.88 -16.34 28.04
N GLU C 136 54.61 -16.27 28.44
CA GLU C 136 53.98 -17.29 29.30
C GLU C 136 52.77 -17.93 28.64
N THR C 137 52.60 -19.25 28.88
CA THR C 137 51.47 -20.04 28.38
C THR C 137 50.33 -19.97 29.40
N SER C 138 49.10 -20.33 28.98
CA SER C 138 47.92 -20.33 29.85
C SER C 138 47.99 -21.52 30.84
N PHE C 139 47.09 -21.51 31.86
CA PHE C 139 47.01 -22.59 32.85
C PHE C 139 46.55 -23.88 32.16
N LEU C 140 47.51 -24.78 31.88
CA LEU C 140 47.26 -26.05 31.21
C LEU C 140 46.70 -27.07 32.20
N SER C 141 45.58 -27.71 31.82
CA SER C 141 44.85 -28.70 32.63
C SER C 141 45.65 -29.99 32.85
N LYS C 142 45.33 -30.70 33.96
CA LYS C 142 45.92 -31.98 34.34
C LYS C 142 44.81 -32.98 34.71
N SER C 143 45.13 -34.29 34.71
CA SER C 143 44.21 -35.39 35.03
C SER C 143 43.65 -35.28 36.46
N ASP C 144 44.50 -34.85 37.42
CA ASP C 144 44.15 -34.69 38.84
C ASP C 144 43.46 -33.32 39.11
N HIS C 145 42.95 -32.68 38.04
CA HIS C 145 42.22 -31.40 38.01
C HIS C 145 43.06 -30.21 38.56
N SER C 146 44.39 -30.33 38.50
CA SER C 146 45.34 -29.28 38.90
C SER C 146 45.84 -28.59 37.62
N PHE C 147 46.79 -27.64 37.74
CA PHE C 147 47.29 -26.91 36.57
C PHE C 147 48.82 -26.77 36.56
N PHE C 148 49.38 -26.51 35.36
CA PHE C 148 50.81 -26.27 35.16
C PHE C 148 51.02 -25.13 34.15
N LYS C 149 51.82 -24.13 34.55
CA LYS C 149 52.14 -22.95 33.75
C LYS C 149 53.61 -22.96 33.35
N ILE C 150 53.90 -22.57 32.10
CA ILE C 150 55.26 -22.54 31.53
C ILE C 150 55.65 -21.09 31.19
N SER C 151 56.85 -20.67 31.62
CA SER C 151 57.40 -19.34 31.35
C SER C 151 58.69 -19.45 30.54
N TYR C 152 58.83 -18.63 29.48
CA TYR C 152 60.00 -18.63 28.59
C TYR C 152 60.82 -17.34 28.72
N LEU C 153 62.11 -17.41 28.32
CA LEU C 153 63.04 -16.28 28.34
C LEU C 153 64.10 -16.45 27.23
N THR C 154 64.15 -15.48 26.29
CA THR C 154 65.12 -15.45 25.19
C THR C 154 66.51 -15.14 25.75
N LEU C 155 67.54 -15.87 25.30
CA LEU C 155 68.89 -15.69 25.85
C LEU C 155 70.03 -15.68 24.84
N LEU C 156 71.13 -15.02 25.25
CA LEU C 156 72.44 -14.92 24.61
C LEU C 156 73.44 -15.29 25.74
N PRO C 157 73.66 -16.62 25.99
CA PRO C 157 74.49 -17.04 27.14
C PRO C 157 75.91 -16.49 27.22
N SER C 158 76.40 -16.40 28.47
CA SER C 158 77.73 -15.94 28.89
C SER C 158 77.98 -16.42 30.33
N ALA C 159 79.27 -16.59 30.70
CA ALA C 159 79.69 -17.06 32.03
C ALA C 159 79.33 -16.08 33.16
N GLU C 160 79.31 -14.76 32.85
CA GLU C 160 79.00 -13.69 33.81
C GLU C 160 77.49 -13.62 34.14
N GLU C 161 76.62 -13.99 33.19
CA GLU C 161 75.16 -13.94 33.36
C GLU C 161 74.61 -15.21 34.04
N SER C 162 73.90 -15.01 35.16
CA SER C 162 73.23 -16.04 35.95
C SER C 162 71.74 -15.70 36.05
N TYR C 163 70.86 -16.72 35.96
CA TYR C 163 69.41 -16.48 35.96
C TYR C 163 68.65 -17.32 36.98
N ASP C 164 67.57 -16.73 37.53
CA ASP C 164 66.68 -17.34 38.52
C ASP C 164 65.21 -17.14 38.12
N CYS C 165 64.35 -18.13 38.46
CA CYS C 165 62.92 -18.10 38.15
C CYS C 165 62.13 -17.93 39.47
N LYS C 166 61.54 -16.73 39.67
CA LYS C 166 60.77 -16.41 40.87
C LYS C 166 59.31 -16.82 40.68
N VAL C 167 58.82 -17.69 41.58
CA VAL C 167 57.44 -18.21 41.56
C VAL C 167 56.75 -17.80 42.86
N GLU C 168 55.61 -17.10 42.75
CA GLU C 168 54.82 -16.61 43.89
C GLU C 168 53.48 -17.34 43.97
N HIS C 169 53.27 -18.10 45.07
CA HIS C 169 52.05 -18.88 45.30
C HIS C 169 51.68 -18.84 46.79
N TRP C 170 50.36 -18.94 47.10
CA TRP C 170 49.83 -18.91 48.47
C TRP C 170 50.23 -20.16 49.27
N GLY C 171 50.47 -21.27 48.58
CA GLY C 171 50.90 -22.54 49.17
C GLY C 171 52.30 -22.46 49.76
N LEU C 172 53.15 -21.61 49.18
CA LEU C 172 54.53 -21.38 49.60
C LEU C 172 54.57 -20.28 50.68
N ASP C 173 55.49 -20.42 51.66
CA ASP C 173 55.67 -19.45 52.75
C ASP C 173 56.41 -18.21 52.22
N LYS C 174 57.43 -18.43 51.36
CA LYS C 174 58.24 -17.38 50.73
C LYS C 174 58.34 -17.64 49.21
N PRO C 175 58.53 -16.60 48.35
CA PRO C 175 58.63 -16.85 46.90
C PRO C 175 59.85 -17.69 46.54
N LEU C 176 59.61 -18.86 45.91
CA LEU C 176 60.63 -19.82 45.49
C LEU C 176 61.43 -19.31 44.31
N LEU C 177 62.76 -19.50 44.35
CA LEU C 177 63.69 -19.09 43.30
C LEU C 177 64.57 -20.26 42.89
N LYS C 178 64.47 -20.69 41.62
CA LYS C 178 65.25 -21.80 41.07
C LYS C 178 66.37 -21.25 40.19
N HIS C 179 67.62 -21.41 40.66
CA HIS C 179 68.83 -20.92 39.99
C HIS C 179 69.24 -21.79 38.80
N TRP C 180 69.75 -21.15 37.75
CA TRP C 180 70.24 -21.81 36.53
C TRP C 180 71.65 -21.29 36.21
N GLU C 181 72.61 -22.22 36.10
CA GLU C 181 74.02 -21.92 35.81
C GLU C 181 74.32 -22.15 34.32
N PRO C 182 75.03 -21.20 33.64
CA PRO C 182 75.32 -21.41 32.20
C PRO C 182 76.36 -22.49 31.93
N GLU C 183 77.21 -22.84 32.94
CA GLU C 183 78.27 -23.85 32.91
C GLU C 183 79.28 -23.56 31.80
N SER D 16 45.87 -14.37 54.31
CA SER D 16 45.59 -15.59 53.56
C SER D 16 44.30 -15.44 52.75
N PRO D 17 44.36 -15.39 51.39
CA PRO D 17 43.14 -15.19 50.60
C PRO D 17 42.33 -16.47 50.39
N GLU D 18 41.02 -16.31 50.14
CA GLU D 18 40.06 -17.39 49.91
C GLU D 18 39.72 -17.46 48.41
N ASP D 19 39.63 -18.69 47.86
CA ASP D 19 39.31 -18.88 46.45
C ASP D 19 38.42 -20.09 46.21
N PHE D 20 37.40 -19.90 45.35
CA PHE D 20 36.44 -20.93 44.92
C PHE D 20 36.63 -21.12 43.42
N VAL D 21 37.01 -22.34 43.01
CA VAL D 21 37.32 -22.65 41.61
C VAL D 21 36.27 -23.62 41.01
N TYR D 22 35.80 -23.31 39.78
CA TYR D 22 34.89 -24.15 39.00
C TYR D 22 35.50 -24.41 37.63
N GLN D 23 35.47 -25.67 37.19
CA GLN D 23 36.03 -26.09 35.90
C GLN D 23 35.01 -26.87 35.06
N PHE D 24 35.22 -26.87 33.74
CA PHE D 24 34.43 -27.62 32.77
C PHE D 24 35.36 -28.10 31.65
N LYS D 25 35.44 -29.41 31.45
CA LYS D 25 36.33 -30.00 30.44
C LYS D 25 35.55 -30.85 29.44
N GLY D 26 35.61 -30.47 28.17
CA GLY D 26 34.99 -31.19 27.06
C GLY D 26 36.00 -32.15 26.47
N MET D 27 36.33 -33.20 27.23
CA MET D 27 37.35 -34.19 26.88
C MET D 27 36.88 -35.16 25.80
N CYS D 28 37.75 -35.35 24.78
CA CYS D 28 37.55 -36.26 23.65
C CYS D 28 38.68 -37.29 23.62
N TYR D 29 38.33 -38.58 23.61
CA TYR D 29 39.28 -39.70 23.61
C TYR D 29 39.17 -40.45 22.28
N PHE D 30 40.29 -40.55 21.54
CA PHE D 30 40.34 -41.18 20.23
C PHE D 30 41.27 -42.40 20.20
N THR D 31 40.79 -43.49 19.59
CA THR D 31 41.54 -44.74 19.41
C THR D 31 41.30 -45.21 17.97
N ASN D 32 42.40 -45.45 17.21
CA ASN D 32 42.44 -45.87 15.80
C ASN D 32 41.67 -44.86 14.91
N GLY D 33 41.90 -43.57 15.17
CA GLY D 33 41.26 -42.48 14.44
C GLY D 33 39.87 -42.17 14.95
N THR D 34 38.87 -42.30 14.05
CA THR D 34 37.45 -42.06 14.35
C THR D 34 36.72 -43.39 14.64
N GLU D 35 37.46 -44.52 14.65
CA GLU D 35 36.95 -45.87 14.91
C GLU D 35 36.36 -45.98 16.33
N ARG D 36 37.11 -45.53 17.34
CA ARG D 36 36.69 -45.54 18.74
C ARG D 36 36.79 -44.13 19.31
N VAL D 37 35.63 -43.46 19.47
CA VAL D 37 35.53 -42.08 19.98
C VAL D 37 34.70 -42.07 21.27
N ARG D 38 35.25 -41.45 22.33
CA ARG D 38 34.61 -41.33 23.64
C ARG D 38 34.64 -39.88 24.12
N LEU D 39 33.49 -39.39 24.63
CA LEU D 39 33.36 -38.03 25.17
C LEU D 39 33.02 -38.08 26.64
N VAL D 40 33.82 -37.39 27.47
CA VAL D 40 33.61 -37.27 28.91
C VAL D 40 33.61 -35.78 29.27
N SER D 41 32.40 -35.23 29.53
CA SER D 41 32.20 -33.83 29.91
C SER D 41 32.25 -33.75 31.43
N ARG D 42 33.32 -33.14 31.99
CA ARG D 42 33.51 -33.08 33.43
C ARG D 42 33.24 -31.70 34.02
N SER D 43 32.50 -31.66 35.14
CA SER D 43 32.19 -30.47 35.92
C SER D 43 32.91 -30.63 37.25
N ILE D 44 33.93 -29.79 37.50
CA ILE D 44 34.80 -29.89 38.67
C ILE D 44 34.62 -28.71 39.65
N TYR D 45 34.65 -29.02 40.96
CA TYR D 45 34.56 -28.08 42.08
C TYR D 45 35.16 -28.73 43.35
N ASN D 46 36.37 -28.32 43.81
CA ASN D 46 37.28 -27.34 43.20
C ASN D 46 38.29 -28.11 42.34
N ARG D 47 38.86 -29.18 42.92
CA ARG D 47 39.79 -30.14 42.32
C ARG D 47 39.10 -31.52 42.26
N GLU D 48 37.82 -31.55 42.69
CA GLU D 48 36.97 -32.74 42.75
C GLU D 48 35.85 -32.67 41.71
N GLU D 49 35.70 -33.75 40.93
CA GLU D 49 34.66 -33.92 39.91
C GLU D 49 33.33 -34.19 40.63
N ILE D 50 32.29 -33.40 40.33
CA ILE D 50 30.99 -33.54 41.01
C ILE D 50 29.95 -34.28 40.14
N VAL D 51 29.90 -33.97 38.82
CA VAL D 51 28.96 -34.58 37.87
C VAL D 51 29.66 -34.72 36.51
N ARG D 52 29.33 -35.79 35.74
CA ARG D 52 29.93 -36.03 34.43
C ARG D 52 28.94 -36.61 33.42
N PHE D 53 29.25 -36.42 32.12
CA PHE D 53 28.49 -36.98 31.00
C PHE D 53 29.42 -37.84 30.15
N ASP D 54 29.24 -39.18 30.24
CA ASP D 54 30.03 -40.14 29.48
C ASP D 54 29.21 -40.60 28.27
N SER D 55 29.82 -40.57 27.08
CA SER D 55 29.18 -40.98 25.83
C SER D 55 28.86 -42.48 25.81
N ASP D 56 29.63 -43.29 26.58
CA ASP D 56 29.44 -44.73 26.68
C ASP D 56 28.19 -45.08 27.53
N VAL D 57 27.83 -44.22 28.50
CA VAL D 57 26.65 -44.46 29.36
C VAL D 57 25.40 -43.75 28.75
N GLY D 58 25.63 -42.65 28.01
CA GLY D 58 24.59 -41.90 27.31
C GLY D 58 23.77 -40.92 28.14
N GLU D 59 24.04 -40.82 29.45
CA GLU D 59 23.32 -39.91 30.34
C GLU D 59 24.24 -39.30 31.41
N PHE D 60 23.76 -38.25 32.12
CA PHE D 60 24.52 -37.59 33.18
C PHE D 60 24.55 -38.46 34.44
N ARG D 61 25.74 -38.59 35.04
CA ARG D 61 25.94 -39.34 36.26
C ARG D 61 26.80 -38.55 37.23
N ALA D 62 26.33 -38.43 38.48
CA ALA D 62 27.03 -37.71 39.54
C ALA D 62 28.19 -38.53 40.09
N VAL D 63 29.33 -37.86 40.32
CA VAL D 63 30.55 -38.46 40.86
C VAL D 63 30.52 -38.28 42.39
N THR D 64 30.08 -37.10 42.85
CA THR D 64 29.94 -36.74 44.27
C THR D 64 28.48 -36.32 44.52
N LEU D 65 28.05 -36.26 45.79
CA LEU D 65 26.70 -35.88 46.22
C LEU D 65 26.34 -34.44 45.79
N LEU D 66 27.37 -33.58 45.57
CA LEU D 66 27.19 -32.18 45.15
C LEU D 66 26.67 -32.10 43.70
N GLY D 67 27.01 -33.09 42.88
CA GLY D 67 26.59 -33.15 41.47
C GLY D 67 25.29 -33.88 41.22
N LEU D 68 24.68 -34.44 42.28
CA LEU D 68 23.42 -35.19 42.23
C LEU D 68 22.23 -34.28 41.81
N PRO D 69 22.04 -33.03 42.32
CA PRO D 69 20.90 -32.21 41.86
C PRO D 69 21.01 -31.78 40.39
N ALA D 70 22.25 -31.59 39.88
CA ALA D 70 22.52 -31.20 38.51
C ALA D 70 22.29 -32.36 37.55
N ALA D 71 22.65 -33.59 37.97
CA ALA D 71 22.48 -34.82 37.18
C ALA D 71 21.00 -35.10 36.94
N GLU D 72 20.16 -35.01 38.00
CA GLU D 72 18.71 -35.22 37.94
C GLU D 72 17.99 -34.16 37.10
N TYR D 73 18.47 -32.90 37.15
CA TYR D 73 17.89 -31.78 36.42
C TYR D 73 18.17 -31.87 34.92
N TRP D 74 19.45 -32.10 34.54
CA TRP D 74 19.87 -32.19 33.13
C TRP D 74 19.35 -33.47 32.45
N ASN D 75 19.11 -34.56 33.22
CA ASN D 75 18.57 -35.82 32.68
C ASN D 75 17.07 -35.69 32.38
N SER D 76 16.36 -34.82 33.14
CA SER D 76 14.92 -34.57 32.95
C SER D 76 14.65 -33.64 31.76
N GLN D 77 15.69 -32.92 31.29
CA GLN D 77 15.60 -32.00 30.15
C GLN D 77 16.04 -32.71 28.86
N LYS D 78 15.08 -32.93 27.94
CA LYS D 78 15.27 -33.61 26.65
C LYS D 78 16.23 -32.87 25.71
N ASP D 79 16.20 -31.53 25.72
CA ASP D 79 17.02 -30.67 24.87
C ASP D 79 18.52 -30.76 25.22
N ILE D 80 18.84 -30.91 26.53
CA ILE D 80 20.22 -31.02 27.03
C ILE D 80 20.77 -32.40 26.67
N LEU D 81 19.99 -33.46 26.95
CA LEU D 81 20.34 -34.86 26.71
C LEU D 81 20.59 -35.16 25.22
N GLU D 82 19.83 -34.52 24.31
CA GLU D 82 19.97 -34.68 22.86
C GLU D 82 21.30 -34.10 22.37
N ARG D 83 21.62 -32.86 22.77
CA ARG D 83 22.83 -32.13 22.39
C ARG D 83 24.11 -32.81 22.88
N LYS D 84 24.10 -33.30 24.14
CA LYS D 84 25.23 -33.98 24.77
C LYS D 84 25.48 -35.35 24.14
N ARG D 85 24.43 -36.06 23.72
CA ARG D 85 24.55 -37.37 23.08
C ARG D 85 25.06 -37.24 21.63
N ALA D 86 24.83 -36.08 21.00
CA ALA D 86 25.24 -35.79 19.63
C ALA D 86 26.65 -35.15 19.57
N ALA D 87 27.20 -34.77 20.75
CA ALA D 87 28.49 -34.11 20.89
C ALA D 87 29.70 -34.95 20.41
N VAL D 88 29.58 -36.29 20.35
CA VAL D 88 30.67 -37.16 19.87
C VAL D 88 30.97 -36.89 18.38
N ASP D 89 29.92 -36.65 17.57
CA ASP D 89 30.03 -36.40 16.13
C ASP D 89 30.20 -34.91 15.82
N ARG D 90 29.70 -34.02 16.69
CA ARG D 90 29.74 -32.57 16.51
C ARG D 90 30.98 -31.90 17.12
N VAL D 91 31.47 -32.42 18.26
CA VAL D 91 32.60 -31.82 18.97
C VAL D 91 33.87 -32.67 18.74
N CYS D 92 33.82 -33.98 19.03
CA CYS D 92 35.00 -34.84 18.91
C CYS D 92 35.34 -35.22 17.46
N ARG D 93 34.43 -35.93 16.75
CA ARG D 93 34.64 -36.41 15.37
C ARG D 93 34.82 -35.28 14.36
N HIS D 94 34.14 -34.14 14.57
CA HIS D 94 34.22 -32.97 13.68
C HIS D 94 35.60 -32.28 13.83
N ASN D 95 36.04 -32.03 15.08
CA ASN D 95 37.33 -31.37 15.33
C ASN D 95 38.51 -32.27 14.99
N TYR D 96 38.35 -33.61 15.08
CA TYR D 96 39.39 -34.59 14.75
C TYR D 96 39.76 -34.51 13.26
N GLN D 97 38.75 -34.26 12.39
CA GLN D 97 38.93 -34.11 10.94
C GLN D 97 39.76 -32.87 10.63
N LEU D 98 39.67 -31.84 11.50
CA LEU D 98 40.43 -30.59 11.40
C LEU D 98 41.85 -30.80 11.93
N GLU D 99 42.01 -31.63 12.98
CA GLU D 99 43.30 -31.97 13.59
C GLU D 99 44.16 -32.82 12.64
N LEU D 100 43.51 -33.69 11.84
CA LEU D 100 44.14 -34.61 10.87
C LEU D 100 45.01 -33.87 9.85
N ARG D 101 44.55 -32.72 9.36
CA ARG D 101 45.28 -31.91 8.38
C ARG D 101 46.06 -30.77 9.07
N THR D 102 46.13 -30.76 10.42
CA THR D 102 46.81 -29.71 11.17
C THR D 102 47.83 -30.29 12.18
N THR D 103 47.38 -30.65 13.40
CA THR D 103 48.22 -31.15 14.50
C THR D 103 48.71 -32.58 14.27
N LEU D 104 47.86 -33.45 13.71
CA LEU D 104 48.21 -34.86 13.43
C LEU D 104 49.17 -34.96 12.24
N GLN D 105 49.15 -33.94 11.35
CA GLN D 105 50.00 -33.83 10.17
C GLN D 105 51.40 -33.31 10.57
N ARG D 106 51.50 -32.62 11.73
CA ARG D 106 52.74 -32.04 12.26
C ARG D 106 53.79 -33.13 12.57
N ARG D 107 54.93 -33.04 11.85
CA ARG D 107 56.08 -33.95 11.99
C ARG D 107 57.36 -33.10 12.04
N VAL D 108 57.97 -33.01 13.23
CA VAL D 108 59.19 -32.22 13.46
C VAL D 108 60.38 -33.18 13.67
N GLU D 109 61.48 -32.96 12.94
CA GLU D 109 62.70 -33.77 13.01
C GLU D 109 63.54 -33.38 14.25
N PRO D 110 64.09 -34.36 15.00
CA PRO D 110 64.87 -34.01 16.21
C PRO D 110 66.33 -33.62 15.92
N THR D 111 66.89 -32.78 16.80
CA THR D 111 68.28 -32.32 16.75
C THR D 111 69.07 -33.11 17.81
N VAL D 112 70.00 -33.95 17.37
CA VAL D 112 70.80 -34.80 18.25
C VAL D 112 72.26 -34.34 18.32
N THR D 113 72.75 -34.11 19.55
CA THR D 113 74.11 -33.66 19.85
C THR D 113 74.66 -34.40 21.08
N ILE D 114 75.94 -34.83 21.03
CA ILE D 114 76.60 -35.54 22.12
C ILE D 114 77.68 -34.64 22.73
N SER D 115 77.61 -34.42 24.06
CA SER D 115 78.56 -33.59 24.81
C SER D 115 79.02 -34.31 26.10
N PRO D 116 80.35 -34.34 26.40
CA PRO D 116 80.79 -35.03 27.61
C PRO D 116 80.52 -34.23 28.89
N SER D 117 80.16 -34.92 29.99
CA SER D 117 79.86 -34.30 31.28
C SER D 117 80.27 -35.22 32.44
N HIS D 125 86.54 -37.45 32.25
CA HIS D 125 85.18 -37.60 31.74
C HIS D 125 84.65 -39.02 31.99
N ASN D 126 83.37 -39.12 32.38
CA ASN D 126 82.70 -40.39 32.67
C ASN D 126 81.30 -40.45 32.04
N LEU D 127 80.56 -39.32 32.07
CA LEU D 127 79.21 -39.21 31.53
C LEU D 127 79.19 -38.75 30.08
N LEU D 128 78.32 -39.38 29.27
CA LEU D 128 78.14 -39.07 27.85
C LEU D 128 76.63 -38.98 27.57
N VAL D 129 76.13 -37.74 27.38
CA VAL D 129 74.71 -37.46 27.16
C VAL D 129 74.42 -37.23 25.66
N CYS D 130 73.33 -37.86 25.17
CA CYS D 130 72.84 -37.74 23.80
C CYS D 130 71.61 -36.84 23.85
N SER D 131 71.81 -35.52 23.67
CA SER D 131 70.75 -34.51 23.76
C SER D 131 69.82 -34.54 22.53
N VAL D 132 68.65 -35.18 22.69
CA VAL D 132 67.60 -35.27 21.67
C VAL D 132 66.63 -34.12 21.95
N THR D 133 66.60 -33.09 21.06
CA THR D 133 65.76 -31.91 21.29
C THR D 133 64.91 -31.53 20.08
N ASP D 134 63.74 -30.91 20.36
CA ASP D 134 62.71 -30.38 19.45
C ASP D 134 62.21 -31.43 18.44
N PHE D 135 61.12 -32.15 18.80
CA PHE D 135 60.48 -33.17 17.96
C PHE D 135 58.99 -33.35 18.31
N TYR D 136 58.19 -33.78 17.32
CA TYR D 136 56.75 -34.05 17.44
C TYR D 136 56.35 -35.17 16.45
N PRO D 137 55.56 -36.21 16.84
CA PRO D 137 54.94 -36.46 18.16
C PRO D 137 55.91 -36.99 19.23
N ALA D 138 55.35 -37.34 20.40
CA ALA D 138 56.06 -37.83 21.59
C ALA D 138 56.77 -39.18 21.39
N GLN D 139 56.31 -40.02 20.43
CA GLN D 139 56.87 -41.35 20.14
C GLN D 139 58.33 -41.23 19.67
N ILE D 140 59.26 -41.82 20.45
CA ILE D 140 60.71 -41.81 20.16
C ILE D 140 61.40 -43.06 20.77
N LYS D 141 62.41 -43.59 20.06
CA LYS D 141 63.21 -44.74 20.48
C LYS D 141 64.70 -44.41 20.27
N VAL D 142 65.38 -44.02 21.36
CA VAL D 142 66.81 -43.66 21.38
C VAL D 142 67.61 -44.80 22.05
N ARG D 143 68.60 -45.34 21.33
CA ARG D 143 69.46 -46.45 21.79
C ARG D 143 70.94 -46.08 21.75
N TRP D 144 71.72 -46.61 22.71
CA TRP D 144 73.17 -46.42 22.80
C TRP D 144 73.91 -47.67 22.31
N PHE D 145 75.03 -47.47 21.58
CA PHE D 145 75.83 -48.56 21.03
C PHE D 145 77.31 -48.40 21.35
N ARG D 146 78.01 -49.55 21.48
CA ARG D 146 79.44 -49.67 21.76
C ARG D 146 80.03 -50.75 20.85
N ASN D 147 80.55 -50.32 19.67
CA ASN D 147 81.15 -51.17 18.61
C ASN D 147 80.13 -52.23 18.15
N ASP D 148 78.97 -51.75 17.62
CA ASP D 148 77.82 -52.50 17.10
C ASP D 148 77.10 -53.34 18.20
N GLN D 149 77.48 -53.17 19.48
CA GLN D 149 76.86 -53.85 20.62
C GLN D 149 76.13 -52.83 21.50
N GLU D 150 74.81 -53.02 21.69
CA GLU D 150 73.94 -52.14 22.47
C GLU D 150 74.26 -52.19 23.97
N GLU D 151 74.20 -51.02 24.63
CA GLU D 151 74.43 -50.86 26.06
C GLU D 151 73.09 -50.61 26.77
N THR D 152 72.78 -51.43 27.80
CA THR D 152 71.51 -51.34 28.53
C THR D 152 71.70 -51.07 30.03
N ALA D 153 72.76 -51.64 30.64
CA ALA D 153 73.03 -51.48 32.08
C ALA D 153 73.57 -50.09 32.43
N GLY D 154 74.34 -49.48 31.53
CA GLY D 154 74.96 -48.18 31.74
C GLY D 154 74.21 -46.97 31.21
N VAL D 155 72.92 -47.13 30.84
CA VAL D 155 72.11 -46.02 30.32
C VAL D 155 71.10 -45.52 31.38
N VAL D 156 70.84 -44.21 31.37
CA VAL D 156 69.88 -43.54 32.27
C VAL D 156 69.25 -42.37 31.47
N SER D 157 67.91 -42.35 31.40
CA SER D 157 67.17 -41.33 30.65
C SER D 157 66.22 -40.56 31.55
N THR D 158 66.17 -39.23 31.34
CA THR D 158 65.29 -38.30 32.06
C THR D 158 63.85 -38.48 31.56
N PRO D 159 62.79 -38.18 32.37
CA PRO D 159 61.41 -38.33 31.85
C PRO D 159 61.14 -37.40 30.68
N LEU D 160 60.29 -37.83 29.72
CA LEU D 160 59.94 -37.08 28.52
C LEU D 160 59.50 -35.65 28.86
N ILE D 161 60.40 -34.69 28.61
CA ILE D 161 60.21 -33.28 28.90
C ILE D 161 59.37 -32.63 27.79
N ARG D 162 58.28 -31.95 28.19
CA ARG D 162 57.41 -31.22 27.28
C ARG D 162 57.70 -29.73 27.43
N ASN D 163 58.20 -29.11 26.35
CA ASN D 163 58.57 -27.70 26.30
C ASN D 163 57.36 -26.77 26.40
N GLY D 164 56.23 -27.21 25.83
CA GLY D 164 54.99 -26.45 25.81
C GLY D 164 54.75 -25.71 24.51
N ASP D 165 55.82 -25.50 23.72
CA ASP D 165 55.79 -24.82 22.42
C ASP D 165 55.64 -25.86 21.28
N TRP D 166 54.85 -26.93 21.56
CA TRP D 166 54.49 -28.05 20.67
C TRP D 166 55.71 -28.88 20.20
N THR D 167 56.73 -29.00 21.07
CA THR D 167 57.95 -29.80 20.83
C THR D 167 58.32 -30.59 22.09
N PHE D 168 59.05 -31.71 21.92
CA PHE D 168 59.50 -32.57 23.01
C PHE D 168 61.04 -32.67 23.02
N GLN D 169 61.62 -33.02 24.18
CA GLN D 169 63.06 -33.21 24.34
C GLN D 169 63.35 -34.26 25.42
N ILE D 170 64.44 -35.02 25.25
CA ILE D 170 64.85 -36.08 26.17
C ILE D 170 66.40 -36.17 26.22
N LEU D 171 66.95 -36.36 27.43
CA LEU D 171 68.39 -36.47 27.67
C LEU D 171 68.72 -37.88 28.15
N VAL D 172 69.59 -38.59 27.40
CA VAL D 172 69.98 -39.96 27.72
C VAL D 172 71.49 -39.99 28.05
N MET D 173 71.82 -40.09 29.35
CA MET D 173 73.20 -40.14 29.83
C MET D 173 73.74 -41.57 29.77
N LEU D 174 75.06 -41.70 29.62
CA LEU D 174 75.75 -43.00 29.55
C LEU D 174 77.08 -42.94 30.29
N GLU D 175 77.25 -43.83 31.29
CA GLU D 175 78.50 -43.95 32.05
C GLU D 175 79.43 -44.81 31.19
N MET D 176 80.69 -44.36 31.02
CA MET D 176 81.64 -45.07 30.16
C MET D 176 83.09 -44.94 30.62
N THR D 177 83.80 -46.08 30.56
CA THR D 177 85.22 -46.25 30.83
C THR D 177 85.77 -46.82 29.51
N PRO D 178 86.09 -45.94 28.52
CA PRO D 178 86.48 -46.45 27.20
C PRO D 178 87.94 -46.81 27.01
N GLN D 179 88.19 -47.79 26.12
CA GLN D 179 89.50 -48.27 25.71
C GLN D 179 89.76 -47.72 24.30
N ARG D 180 90.92 -47.05 24.10
CA ARG D 180 91.37 -46.40 22.86
C ARG D 180 90.93 -47.15 21.59
N GLY D 181 90.10 -46.50 20.79
CA GLY D 181 89.56 -47.04 19.54
C GLY D 181 88.11 -47.49 19.60
N ASP D 182 87.37 -47.09 20.66
CA ASP D 182 85.96 -47.44 20.85
C ASP D 182 85.06 -46.63 19.92
N VAL D 183 84.01 -47.27 19.39
CA VAL D 183 83.05 -46.65 18.46
C VAL D 183 81.68 -46.51 19.16
N TYR D 184 81.42 -45.33 19.74
CA TYR D 184 80.16 -45.03 20.43
C TYR D 184 79.17 -44.41 19.44
N THR D 185 77.97 -45.00 19.32
CA THR D 185 76.93 -44.55 18.39
C THR D 185 75.60 -44.35 19.12
N CYS D 186 74.91 -43.23 18.82
CA CYS D 186 73.61 -42.88 19.39
C CYS D 186 72.57 -42.83 18.25
N HIS D 187 71.93 -43.99 17.99
CA HIS D 187 70.91 -44.13 16.95
C HIS D 187 69.53 -43.82 17.55
N VAL D 188 68.80 -42.89 16.91
CA VAL D 188 67.49 -42.39 17.37
C VAL D 188 66.42 -42.66 16.29
N GLU D 189 65.28 -43.24 16.70
CA GLU D 189 64.13 -43.54 15.84
C GLU D 189 62.96 -42.60 16.14
N HIS D 190 62.31 -42.08 15.07
CA HIS D 190 61.17 -41.16 15.16
C HIS D 190 60.26 -41.31 13.93
N PRO D 191 58.90 -41.23 14.07
CA PRO D 191 58.01 -41.39 12.90
C PRO D 191 58.19 -40.35 11.79
N SER D 192 58.82 -39.19 12.09
CA SER D 192 59.07 -38.13 11.11
C SER D 192 60.25 -38.46 10.17
N LEU D 193 61.09 -39.44 10.56
CA LEU D 193 62.27 -39.86 9.77
C LEU D 193 62.07 -41.23 9.13
N GLN D 194 62.54 -41.36 7.88
CA GLN D 194 62.49 -42.61 7.11
C GLN D 194 63.64 -43.54 7.54
N SER D 195 64.82 -42.94 7.80
CA SER D 195 66.02 -43.63 8.26
C SER D 195 66.48 -43.06 9.61
N PRO D 196 66.92 -43.90 10.58
CA PRO D 196 67.33 -43.35 11.90
C PRO D 196 68.64 -42.58 11.82
N ILE D 197 68.73 -41.45 12.57
CA ILE D 197 69.91 -40.60 12.61
C ILE D 197 71.01 -41.29 13.44
N THR D 198 72.21 -41.46 12.85
CA THR D 198 73.36 -42.08 13.50
C THR D 198 74.45 -41.04 13.75
N VAL D 199 74.62 -40.64 15.03
CA VAL D 199 75.64 -39.66 15.45
C VAL D 199 76.72 -40.41 16.22
N GLU D 200 77.96 -40.34 15.71
CA GLU D 200 79.13 -41.04 16.26
C GLU D 200 79.97 -40.15 17.17
N TRP D 201 80.55 -40.74 18.22
CA TRP D 201 81.43 -40.06 19.18
C TRP D 201 82.67 -40.93 19.44
N ARG D 202 83.84 -40.39 19.10
CA ARG D 202 85.13 -41.08 19.23
C ARG D 202 86.01 -40.43 20.30
N ALA D 203 86.74 -41.27 21.06
CA ALA D 203 87.64 -40.83 22.14
C ALA D 203 89.11 -40.91 21.70
N MET E 1 26.72 -22.02 5.55
CA MET E 1 25.81 -22.84 4.74
C MET E 1 24.46 -22.13 4.52
N LYS E 2 23.82 -22.43 3.37
CA LYS E 2 22.51 -21.89 3.03
C LYS E 2 21.57 -22.99 2.56
N THR E 3 20.28 -22.81 2.84
CA THR E 3 19.22 -23.75 2.48
C THR E 3 18.37 -23.20 1.35
N THR E 4 18.15 -24.01 0.30
CA THR E 4 17.32 -23.64 -0.84
C THR E 4 16.05 -24.50 -0.85
N GLN E 5 14.89 -23.84 -0.96
CA GLN E 5 13.57 -24.46 -0.94
C GLN E 5 12.67 -23.96 -2.09
N PRO E 6 11.70 -24.76 -2.60
CA PRO E 6 10.79 -24.24 -3.63
C PRO E 6 9.88 -23.12 -3.07
N PRO E 7 9.45 -22.12 -3.88
CA PRO E 7 8.64 -21.01 -3.33
C PRO E 7 7.32 -21.46 -2.69
N SER E 8 6.54 -22.29 -3.40
CA SER E 8 5.25 -22.79 -2.91
C SER E 8 5.05 -24.26 -3.30
N MET E 9 4.19 -24.95 -2.54
CA MET E 9 3.85 -26.35 -2.79
C MET E 9 2.37 -26.61 -2.53
N ASP E 10 1.71 -27.25 -3.49
CA ASP E 10 0.29 -27.62 -3.38
C ASP E 10 0.22 -29.13 -3.14
N CYS E 11 -0.29 -29.53 -1.97
CA CYS E 11 -0.37 -30.94 -1.60
C CYS E 11 -1.78 -31.32 -1.19
N ALA E 12 -2.17 -32.57 -1.51
CA ALA E 12 -3.48 -33.12 -1.22
C ALA E 12 -3.64 -33.50 0.25
N GLU E 13 -4.87 -33.36 0.78
CA GLU E 13 -5.22 -33.71 2.15
C GLU E 13 -5.36 -35.23 2.29
N GLY E 14 -5.05 -35.74 3.49
CA GLY E 14 -5.14 -37.17 3.81
C GLY E 14 -3.96 -38.00 3.40
N ARG E 15 -2.94 -37.39 2.77
CA ARG E 15 -1.71 -38.06 2.31
C ARG E 15 -0.47 -37.36 2.88
N ALA E 16 0.65 -38.10 2.97
CA ALA E 16 1.92 -37.59 3.50
C ALA E 16 2.54 -36.57 2.54
N ALA E 17 2.98 -35.41 3.08
CA ALA E 17 3.58 -34.33 2.31
C ALA E 17 5.11 -34.34 2.48
N ASN E 18 5.84 -34.37 1.35
CA ASN E 18 7.30 -34.38 1.33
C ASN E 18 7.82 -32.98 0.96
N LEU E 19 8.45 -32.30 1.93
CA LEU E 19 8.98 -30.96 1.72
C LEU E 19 10.52 -31.01 1.53
N PRO E 20 11.01 -30.80 0.29
CA PRO E 20 12.47 -30.88 0.08
C PRO E 20 13.22 -29.61 0.51
N CYS E 21 14.52 -29.79 0.83
CA CYS E 21 15.46 -28.75 1.25
C CYS E 21 16.87 -29.15 0.80
N ASN E 22 17.57 -28.24 0.11
CA ASN E 22 18.93 -28.46 -0.38
C ASN E 22 19.94 -27.58 0.35
N HIS E 23 20.99 -28.20 0.89
CA HIS E 23 22.07 -27.54 1.64
C HIS E 23 23.40 -28.25 1.35
N SER E 24 23.95 -28.02 0.15
CA SER E 24 25.17 -28.65 -0.34
C SER E 24 26.44 -28.22 0.42
N THR E 25 26.50 -26.97 0.91
CA THR E 25 27.66 -26.44 1.62
C THR E 25 27.53 -26.58 3.17
N ILE E 26 26.76 -27.59 3.63
CA ILE E 26 26.56 -27.86 5.06
C ILE E 26 27.84 -28.42 5.70
N SER E 27 28.09 -28.07 6.98
CA SER E 27 29.24 -28.53 7.77
C SER E 27 28.83 -29.74 8.61
N GLY E 28 29.82 -30.51 9.05
CA GLY E 28 29.62 -31.72 9.85
C GLY E 28 28.98 -31.52 11.22
N ASN E 29 29.13 -30.30 11.79
CA ASN E 29 28.58 -29.94 13.10
C ASN E 29 27.21 -29.24 13.02
N GLU E 30 26.83 -28.77 11.81
CA GLU E 30 25.59 -28.03 11.56
C GLU E 30 24.36 -28.95 11.53
N TYR E 31 23.29 -28.52 12.23
CA TYR E 31 21.99 -29.20 12.30
C TYR E 31 21.06 -28.76 11.17
N VAL E 32 20.01 -29.55 10.90
CA VAL E 32 18.98 -29.22 9.91
C VAL E 32 17.70 -28.96 10.70
N TYR E 33 17.39 -27.68 10.95
CA TYR E 33 16.20 -27.27 11.71
C TYR E 33 15.02 -26.95 10.80
N TRP E 34 13.82 -27.34 11.24
CA TRP E 34 12.56 -27.08 10.53
C TRP E 34 11.58 -26.34 11.42
N TYR E 35 11.16 -25.16 10.96
CA TYR E 35 10.20 -24.27 11.62
C TYR E 35 9.04 -23.99 10.66
N ARG E 36 7.89 -23.56 11.20
CA ARG E 36 6.73 -23.19 10.38
C ARG E 36 6.02 -22.00 11.00
N GLN E 37 5.32 -21.22 10.16
CA GLN E 37 4.57 -20.06 10.60
C GLN E 37 3.22 -20.00 9.87
N ILE E 38 2.13 -19.95 10.64
CA ILE E 38 0.77 -19.84 10.11
C ILE E 38 0.39 -18.36 10.13
N HIS E 39 0.63 -17.67 9.00
CA HIS E 39 0.36 -16.24 8.74
C HIS E 39 1.15 -15.32 9.69
N SER E 40 0.49 -14.72 10.70
CA SER E 40 1.13 -13.79 11.65
C SER E 40 1.37 -14.43 13.03
N GLN E 41 0.98 -15.71 13.21
CA GLN E 41 1.15 -16.46 14.46
C GLN E 41 2.63 -16.74 14.73
N GLY E 42 2.96 -16.99 16.01
CA GLY E 42 4.31 -17.28 16.45
C GLY E 42 4.94 -18.48 15.75
N PRO E 43 6.24 -18.40 15.35
CA PRO E 43 6.86 -19.54 14.65
C PRO E 43 6.93 -20.78 15.53
N GLN E 44 6.48 -21.92 14.98
CA GLN E 44 6.44 -23.20 15.67
C GLN E 44 7.58 -24.12 15.22
N TYR E 45 8.37 -24.61 16.18
CA TYR E 45 9.47 -25.56 15.93
C TYR E 45 8.86 -26.92 15.59
N ILE E 46 9.36 -27.58 14.53
CA ILE E 46 8.84 -28.88 14.12
C ILE E 46 9.79 -29.99 14.56
N ILE E 47 10.98 -30.07 13.92
CA ILE E 47 11.99 -31.11 14.15
C ILE E 47 13.38 -30.59 13.74
N HIS E 48 14.44 -31.32 14.17
CA HIS E 48 15.83 -31.03 13.81
C HIS E 48 16.64 -32.32 13.85
N GLY E 49 17.69 -32.38 13.03
CA GLY E 49 18.57 -33.54 12.92
C GLY E 49 19.97 -33.22 12.44
N LEU E 50 20.88 -34.19 12.61
CA LEU E 50 22.28 -34.07 12.20
C LEU E 50 22.56 -35.04 11.05
N LYS E 51 22.98 -36.28 11.35
CA LYS E 51 23.30 -37.30 10.37
C LYS E 51 22.14 -38.28 10.19
N ASN E 52 21.69 -38.90 11.29
CA ASN E 52 20.62 -39.88 11.33
C ASN E 52 19.25 -39.25 11.08
N ASN E 53 18.28 -40.09 10.65
CA ASN E 53 16.89 -39.67 10.44
C ASN E 53 16.22 -39.46 11.78
N GLU E 54 15.33 -38.47 11.89
CA GLU E 54 14.65 -38.17 13.15
C GLU E 54 13.13 -38.23 12.97
N THR E 55 12.42 -38.62 14.04
CA THR E 55 10.96 -38.70 14.05
C THR E 55 10.42 -38.01 15.31
N ASN E 56 9.39 -37.19 15.11
CA ASN E 56 8.68 -36.42 16.12
C ASN E 56 7.20 -36.82 16.09
N GLU E 57 6.39 -36.30 17.02
CA GLU E 57 4.95 -36.55 17.03
C GLU E 57 4.26 -35.64 16.00
N MET E 58 5.00 -34.62 15.49
CA MET E 58 4.55 -33.65 14.50
C MET E 58 4.94 -34.04 13.08
N ALA E 59 6.22 -34.45 12.87
CA ALA E 59 6.75 -34.83 11.56
C ALA E 59 7.96 -35.78 11.64
N SER E 60 8.46 -36.20 10.47
CA SER E 60 9.64 -37.06 10.29
C SER E 60 10.64 -36.36 9.37
N LEU E 61 11.93 -36.37 9.75
CA LEU E 61 12.99 -35.73 8.97
C LEU E 61 13.97 -36.78 8.47
N ILE E 62 14.15 -36.84 7.13
CA ILE E 62 15.07 -37.78 6.51
C ILE E 62 16.18 -37.00 5.80
N ILE E 63 17.41 -37.10 6.34
CA ILE E 63 18.62 -36.47 5.80
C ILE E 63 19.38 -37.52 5.00
N THR E 64 19.88 -37.17 3.80
CA THR E 64 20.64 -38.08 2.93
C THR E 64 21.98 -38.49 3.56
N GLU E 65 22.58 -39.60 3.06
CA GLU E 65 23.86 -40.15 3.52
C GLU E 65 25.00 -39.12 3.34
N ASP E 66 25.00 -38.41 2.20
CA ASP E 66 25.97 -37.37 1.84
C ASP E 66 25.68 -36.04 2.58
N ARG E 67 24.45 -35.90 3.14
CA ARG E 67 23.92 -34.75 3.90
C ARG E 67 23.71 -33.48 3.05
N LYS E 68 23.80 -33.59 1.71
CA LYS E 68 23.62 -32.48 0.77
C LYS E 68 22.17 -32.00 0.70
N SER E 69 21.20 -32.87 1.06
CA SER E 69 19.76 -32.55 1.04
C SER E 69 19.00 -33.32 2.12
N SER E 70 17.84 -32.77 2.53
CA SER E 70 16.95 -33.36 3.54
C SER E 70 15.48 -33.26 3.10
N THR E 71 14.58 -33.98 3.79
CA THR E 71 13.14 -34.00 3.48
C THR E 71 12.31 -33.98 4.77
N LEU E 72 11.33 -33.06 4.84
CA LEU E 72 10.39 -32.98 5.97
C LEU E 72 9.11 -33.69 5.57
N ILE E 73 8.78 -34.79 6.26
CA ILE E 73 7.58 -35.57 5.95
C ILE E 73 6.52 -35.37 7.04
N LEU E 74 5.38 -34.78 6.64
CA LEU E 74 4.22 -34.61 7.53
C LEU E 74 3.40 -35.89 7.36
N PRO E 75 3.14 -36.65 8.45
CA PRO E 75 2.48 -37.98 8.30
C PRO E 75 1.14 -37.99 7.57
N HIS E 76 0.22 -37.11 7.96
CA HIS E 76 -1.14 -37.04 7.40
C HIS E 76 -1.52 -35.56 7.29
N ALA E 77 -1.36 -34.99 6.08
CA ALA E 77 -1.62 -33.57 5.82
C ALA E 77 -3.10 -33.23 5.97
N THR E 78 -3.38 -32.23 6.81
CA THR E 78 -4.73 -31.72 7.11
C THR E 78 -4.76 -30.20 6.84
N LEU E 79 -5.98 -29.63 6.82
CA LEU E 79 -6.26 -28.21 6.59
C LEU E 79 -5.45 -27.27 7.52
N ARG E 80 -5.14 -27.75 8.75
CA ARG E 80 -4.40 -27.03 9.79
C ARG E 80 -2.88 -27.00 9.54
N ASP E 81 -2.38 -27.81 8.58
CA ASP E 81 -0.95 -27.88 8.25
C ASP E 81 -0.56 -26.83 7.18
N THR E 82 -1.52 -26.01 6.71
CA THR E 82 -1.27 -24.94 5.74
C THR E 82 -0.47 -23.84 6.42
N ALA E 83 0.83 -23.72 6.04
CA ALA E 83 1.78 -22.75 6.61
C ALA E 83 3.00 -22.56 5.70
N VAL E 84 3.87 -21.60 6.04
CA VAL E 84 5.13 -21.36 5.33
C VAL E 84 6.21 -22.07 6.15
N TYR E 85 6.77 -23.15 5.57
CA TYR E 85 7.77 -24.02 6.20
C TYR E 85 9.18 -23.56 5.88
N TYR E 86 9.97 -23.27 6.92
CA TYR E 86 11.34 -22.80 6.80
C TYR E 86 12.35 -23.87 7.20
N CYS E 87 13.37 -24.06 6.34
CA CYS E 87 14.49 -24.99 6.52
C CYS E 87 15.71 -24.15 6.90
N ILE E 88 16.37 -24.49 8.02
CA ILE E 88 17.49 -23.71 8.56
C ILE E 88 18.67 -24.60 8.96
N VAL E 89 19.90 -24.07 8.81
CA VAL E 89 21.14 -24.71 9.23
C VAL E 89 21.56 -24.08 10.57
N TRP E 90 21.84 -24.91 11.58
CA TRP E 90 22.19 -24.46 12.92
C TRP E 90 23.46 -25.15 13.41
N GLY E 91 24.56 -24.42 13.40
CA GLY E 91 25.86 -24.94 13.83
C GLY E 91 26.83 -23.84 14.23
N GLY E 92 27.77 -24.20 15.10
CA GLY E 92 28.76 -23.27 15.60
C GLY E 92 28.18 -22.31 16.61
N ALA E 93 28.52 -21.01 16.48
CA ALA E 93 28.08 -19.95 17.38
C ALA E 93 26.73 -19.36 16.99
N THR E 94 25.93 -20.06 16.16
CA THR E 94 24.60 -19.61 15.71
C THR E 94 23.70 -19.47 16.95
N ASN E 95 23.28 -18.22 17.22
CA ASN E 95 22.45 -17.88 18.37
C ASN E 95 21.13 -17.25 17.93
N LYS E 96 21.10 -16.56 16.77
CA LYS E 96 19.87 -15.95 16.26
C LYS E 96 19.29 -16.78 15.12
N LEU E 97 17.96 -16.85 15.06
CA LEU E 97 17.24 -17.60 14.04
C LEU E 97 16.91 -16.68 12.87
N ILE E 98 17.44 -17.01 11.67
CA ILE E 98 17.24 -16.26 10.43
C ILE E 98 16.43 -17.11 9.47
N PHE E 99 15.29 -16.57 9.00
CA PHE E 99 14.39 -17.26 8.07
C PHE E 99 14.69 -16.89 6.62
N GLY E 100 14.70 -17.89 5.77
CA GLY E 100 14.85 -17.72 4.33
C GLY E 100 13.53 -17.59 3.66
N THR E 101 13.46 -17.81 2.36
CA THR E 101 12.20 -17.65 1.63
C THR E 101 11.11 -18.59 2.08
N GLY E 102 11.47 -19.83 2.39
CA GLY E 102 10.52 -20.80 2.87
C GLY E 102 9.79 -21.45 1.74
N THR E 103 8.89 -22.37 2.07
CA THR E 103 7.94 -22.91 1.12
C THR E 103 6.61 -22.69 1.74
N LEU E 104 5.69 -22.10 1.02
CA LEU E 104 4.34 -22.05 1.48
C LEU E 104 3.70 -23.30 1.00
N LEU E 105 3.12 -24.04 1.91
CA LEU E 105 2.52 -25.28 1.59
C LEU E 105 1.09 -25.08 1.81
N ALA E 106 0.28 -25.33 0.80
CA ALA E 106 -1.13 -25.13 0.87
C ALA E 106 -1.70 -26.48 0.71
N VAL E 107 -2.60 -26.87 1.58
CA VAL E 107 -3.16 -28.19 1.55
C VAL E 107 -4.52 -28.05 0.98
N GLN E 108 -4.82 -28.87 0.00
CA GLN E 108 -5.98 -28.74 -0.82
C GLN E 108 -6.96 -29.77 -0.47
N PRO E 109 -8.27 -29.31 -0.33
CA PRO E 109 -9.25 -30.36 -0.08
C PRO E 109 -9.54 -31.24 -1.25
N ASN E 110 -10.01 -32.45 -0.96
CA ASN E 110 -10.46 -33.38 -1.98
C ASN E 110 -11.94 -33.13 -2.26
N ILE E 111 -12.24 -32.56 -3.44
CA ILE E 111 -13.61 -32.25 -3.86
C ILE E 111 -14.07 -33.39 -4.76
N GLN E 112 -14.88 -34.30 -4.18
CA GLN E 112 -15.40 -35.49 -4.86
C GLN E 112 -16.41 -35.11 -5.95
N ASN E 113 -17.40 -34.26 -5.61
CA ASN E 113 -18.43 -33.82 -6.55
C ASN E 113 -18.44 -32.28 -6.67
N PRO E 114 -17.64 -31.70 -7.59
CA PRO E 114 -17.63 -30.24 -7.73
C PRO E 114 -18.88 -29.74 -8.47
N ASP E 115 -19.52 -28.70 -7.92
CA ASP E 115 -20.71 -28.09 -8.49
C ASP E 115 -20.53 -26.55 -8.53
N PRO E 116 -19.67 -26.01 -9.43
CA PRO E 116 -19.42 -24.56 -9.46
C PRO E 116 -20.69 -23.75 -9.69
N ALA E 117 -20.90 -22.71 -8.85
CA ALA E 117 -22.06 -21.82 -8.89
C ALA E 117 -21.80 -20.50 -8.18
N VAL E 118 -22.42 -19.41 -8.68
CA VAL E 118 -22.35 -18.06 -8.12
C VAL E 118 -23.76 -17.69 -7.64
N TYR E 119 -23.93 -17.47 -6.32
CA TYR E 119 -25.22 -17.14 -5.72
C TYR E 119 -25.28 -15.70 -5.20
N GLN E 120 -26.50 -15.12 -5.21
CA GLN E 120 -26.77 -13.77 -4.71
C GLN E 120 -27.43 -13.87 -3.33
N LEU E 121 -26.81 -13.26 -2.31
CA LEU E 121 -27.29 -13.28 -0.93
C LEU E 121 -27.86 -11.93 -0.51
N ARG E 122 -29.01 -11.95 0.18
CA ARG E 122 -29.69 -10.74 0.68
C ARG E 122 -29.36 -10.49 2.14
N ASP E 123 -29.40 -9.20 2.56
CA ASP E 123 -29.11 -8.77 3.93
C ASP E 123 -30.24 -9.20 4.89
N SER E 124 -29.87 -9.64 6.11
CA SER E 124 -30.79 -10.09 7.16
C SER E 124 -31.63 -8.93 7.72
N ASP E 128 -30.28 -4.63 -1.87
CA ASP E 128 -29.04 -3.90 -1.64
C ASP E 128 -28.95 -3.43 -0.17
N LYS E 129 -27.77 -3.60 0.50
CA LYS E 129 -26.53 -4.18 -0.01
C LYS E 129 -26.62 -5.71 -0.11
N SER E 130 -26.02 -6.28 -1.18
CA SER E 130 -26.01 -7.71 -1.48
C SER E 130 -24.60 -8.20 -1.82
N VAL E 131 -24.33 -9.49 -1.55
CA VAL E 131 -23.02 -10.11 -1.81
C VAL E 131 -23.17 -11.28 -2.81
N CYS E 132 -22.09 -11.57 -3.54
CA CYS E 132 -21.99 -12.68 -4.49
C CYS E 132 -21.06 -13.74 -3.90
N LEU E 133 -21.51 -15.00 -3.88
CA LEU E 133 -20.76 -16.10 -3.31
C LEU E 133 -20.51 -17.19 -4.36
N PHE E 134 -19.24 -17.35 -4.76
CA PHE E 134 -18.77 -18.37 -5.71
C PHE E 134 -18.29 -19.55 -4.88
N THR E 135 -19.00 -20.70 -4.97
CA THR E 135 -18.71 -21.87 -4.14
C THR E 135 -18.72 -23.20 -4.93
N ASP E 136 -18.35 -24.31 -4.23
CA ASP E 136 -18.31 -25.70 -4.68
C ASP E 136 -17.47 -25.92 -5.96
N PHE E 137 -16.42 -25.11 -6.14
CA PHE E 137 -15.51 -25.21 -7.28
C PHE E 137 -14.28 -26.04 -6.91
N ASP E 138 -13.60 -26.61 -7.93
CA ASP E 138 -12.41 -27.46 -7.77
C ASP E 138 -11.22 -26.67 -7.19
N SER E 139 -10.32 -27.38 -6.49
CA SER E 139 -9.12 -26.82 -5.84
C SER E 139 -8.10 -26.28 -6.86
N GLN E 140 -8.14 -26.77 -8.11
CA GLN E 140 -7.23 -26.37 -9.19
C GLN E 140 -7.53 -24.96 -9.69
N THR E 141 -8.81 -24.54 -9.72
CA THR E 141 -9.23 -23.21 -10.17
C THR E 141 -8.88 -22.16 -9.11
N ASN E 142 -8.26 -21.05 -9.56
CA ASN E 142 -7.83 -19.95 -8.69
C ASN E 142 -8.64 -18.69 -8.98
N VAL E 143 -9.02 -17.96 -7.91
CA VAL E 143 -9.80 -16.72 -8.02
C VAL E 143 -8.84 -15.52 -8.07
N SER E 144 -8.93 -14.71 -9.14
CA SER E 144 -8.07 -13.55 -9.35
C SER E 144 -8.69 -12.29 -8.71
N GLN E 145 -7.83 -11.30 -8.37
CA GLN E 145 -8.23 -10.04 -7.75
C GLN E 145 -9.07 -9.19 -8.71
N SER E 146 -10.06 -8.46 -8.16
CA SER E 146 -11.00 -7.62 -8.89
C SER E 146 -10.32 -6.46 -9.62
N LYS E 147 -10.68 -6.28 -10.92
CA LYS E 147 -10.16 -5.21 -11.77
C LYS E 147 -10.87 -3.89 -11.47
N ASP E 148 -12.17 -3.95 -11.07
CA ASP E 148 -12.99 -2.80 -10.71
C ASP E 148 -12.53 -2.23 -9.36
N SER E 149 -12.57 -0.90 -9.21
CA SER E 149 -12.14 -0.17 -8.02
C SER E 149 -13.04 -0.39 -6.80
N ASP E 150 -14.38 -0.30 -6.98
CA ASP E 150 -15.35 -0.43 -5.88
C ASP E 150 -15.78 -1.89 -5.61
N VAL E 151 -15.40 -2.84 -6.48
CA VAL E 151 -15.74 -4.25 -6.30
C VAL E 151 -14.59 -4.92 -5.52
N TYR E 152 -14.93 -5.63 -4.42
CA TYR E 152 -13.96 -6.33 -3.58
C TYR E 152 -14.16 -7.84 -3.69
N ILE E 153 -13.07 -8.58 -3.92
CA ILE E 153 -13.08 -10.05 -4.02
C ILE E 153 -12.05 -10.62 -3.05
N THR E 154 -12.50 -11.52 -2.16
CA THR E 154 -11.64 -12.18 -1.18
C THR E 154 -10.98 -13.41 -1.78
N ASP E 155 -9.84 -13.83 -1.20
CA ASP E 155 -9.11 -15.03 -1.61
C ASP E 155 -9.93 -16.27 -1.27
N LYS E 156 -9.82 -17.33 -2.08
CA LYS E 156 -10.56 -18.57 -1.84
C LYS E 156 -10.10 -19.19 -0.52
N CYS E 157 -11.07 -19.67 0.27
CA CYS E 157 -10.77 -20.30 1.54
C CYS E 157 -11.62 -21.58 1.69
N VAL E 158 -11.00 -22.62 2.26
CA VAL E 158 -11.61 -23.94 2.41
C VAL E 158 -12.49 -24.05 3.68
N LEU E 159 -13.73 -24.45 3.44
CA LEU E 159 -14.83 -24.69 4.39
C LEU E 159 -14.87 -26.21 4.68
N ASP E 160 -15.02 -26.62 5.96
CA ASP E 160 -15.06 -28.04 6.32
C ASP E 160 -16.24 -28.36 7.24
N MET E 161 -17.23 -29.13 6.70
CA MET E 161 -18.42 -29.58 7.44
C MET E 161 -18.14 -30.98 7.97
N ARG E 162 -17.52 -31.04 9.17
CA ARG E 162 -17.05 -32.22 9.88
C ARG E 162 -18.09 -33.35 9.99
N SER E 163 -19.34 -33.03 10.37
CA SER E 163 -20.43 -34.00 10.54
C SER E 163 -20.86 -34.63 9.21
N MET E 164 -20.99 -33.80 8.15
CA MET E 164 -21.38 -34.25 6.81
C MET E 164 -20.19 -34.84 6.03
N ASP E 165 -18.95 -34.70 6.57
CA ASP E 165 -17.68 -35.16 5.97
C ASP E 165 -17.54 -34.57 4.54
N PHE E 166 -17.84 -33.27 4.43
CA PHE E 166 -17.81 -32.51 3.18
C PHE E 166 -16.93 -31.28 3.31
N LYS E 167 -16.19 -30.97 2.24
CA LYS E 167 -15.31 -29.81 2.15
C LYS E 167 -15.61 -29.03 0.88
N SER E 168 -15.59 -27.68 0.96
CA SER E 168 -15.87 -26.82 -0.18
C SER E 168 -15.01 -25.55 -0.19
N ASN E 169 -14.66 -25.09 -1.41
CA ASN E 169 -13.90 -23.85 -1.65
C ASN E 169 -14.88 -22.71 -1.91
N SER E 170 -14.60 -21.51 -1.38
CA SER E 170 -15.50 -20.36 -1.56
C SER E 170 -14.78 -19.02 -1.56
N ALA E 171 -15.32 -18.07 -2.36
CA ALA E 171 -14.85 -16.69 -2.49
C ALA E 171 -16.05 -15.74 -2.46
N VAL E 172 -15.91 -14.59 -1.79
CA VAL E 172 -16.99 -13.60 -1.64
C VAL E 172 -16.65 -12.32 -2.42
N ALA E 173 -17.67 -11.74 -3.09
CA ALA E 173 -17.58 -10.47 -3.84
C ALA E 173 -18.71 -9.52 -3.45
N TRP E 174 -18.39 -8.24 -3.17
CA TRP E 174 -19.39 -7.24 -2.79
C TRP E 174 -19.05 -5.84 -3.32
N SER E 175 -20.10 -5.02 -3.59
CA SER E 175 -20.01 -3.64 -4.06
C SER E 175 -21.33 -2.91 -3.87
N ASN E 176 -21.24 -1.58 -3.67
CA ASN E 176 -22.40 -0.69 -3.50
C ASN E 176 -22.56 0.21 -4.73
N LYS E 177 -21.59 0.13 -5.68
CA LYS E 177 -21.54 0.89 -6.93
C LYS E 177 -22.68 0.51 -7.88
N SER E 178 -23.03 1.43 -8.81
CA SER E 178 -24.09 1.25 -9.79
C SER E 178 -23.51 0.79 -11.16
N ASP E 179 -23.76 -0.47 -11.58
CA ASP E 179 -24.53 -1.47 -10.82
C ASP E 179 -23.77 -2.79 -10.75
N PHE E 180 -23.75 -3.40 -9.55
CA PHE E 180 -23.06 -4.65 -9.26
C PHE E 180 -23.98 -5.86 -9.49
N ALA E 181 -23.47 -6.89 -10.20
CA ALA E 181 -24.18 -8.12 -10.53
C ALA E 181 -23.28 -9.35 -10.41
N CYS E 182 -23.85 -10.48 -9.95
CA CYS E 182 -23.15 -11.76 -9.75
C CYS E 182 -22.72 -12.40 -11.08
N ALA E 183 -23.45 -12.12 -12.17
CA ALA E 183 -23.19 -12.64 -13.52
C ALA E 183 -21.85 -12.14 -14.08
N ASN E 184 -21.41 -10.93 -13.66
CA ASN E 184 -20.16 -10.32 -14.12
C ASN E 184 -19.19 -10.01 -12.96
N ALA E 185 -19.48 -10.53 -11.75
CA ALA E 185 -18.65 -10.34 -10.55
C ALA E 185 -17.32 -11.09 -10.66
N PHE E 186 -17.35 -12.36 -11.13
CA PHE E 186 -16.18 -13.21 -11.32
C PHE E 186 -16.00 -13.49 -12.82
N ASN E 187 -15.40 -12.53 -13.54
CA ASN E 187 -15.18 -12.62 -14.99
C ASN E 187 -13.70 -12.76 -15.36
N ASN E 188 -12.77 -12.25 -14.52
CA ASN E 188 -11.34 -12.29 -14.79
C ASN E 188 -10.58 -13.31 -13.89
N SER E 189 -11.30 -14.24 -13.24
CA SER E 189 -10.70 -15.24 -12.35
C SER E 189 -9.90 -16.34 -13.13
N ILE E 190 -10.45 -17.10 -14.10
CA ILE E 190 -11.82 -17.12 -14.63
C ILE E 190 -12.53 -18.42 -14.22
N ILE E 191 -13.84 -18.33 -13.95
CA ILE E 191 -14.70 -19.45 -13.55
C ILE E 191 -14.89 -20.45 -14.71
N PRO E 192 -15.03 -21.77 -14.44
CA PRO E 192 -15.20 -22.73 -15.55
C PRO E 192 -16.53 -22.61 -16.28
N GLU E 193 -16.68 -23.32 -17.42
CA GLU E 193 -17.88 -23.32 -18.25
C GLU E 193 -19.09 -24.00 -17.57
N ASP E 194 -18.85 -24.87 -16.57
CA ASP E 194 -19.87 -25.60 -15.84
C ASP E 194 -20.41 -24.82 -14.61
N THR E 195 -20.10 -23.50 -14.52
CA THR E 195 -20.56 -22.65 -13.42
C THR E 195 -22.04 -22.32 -13.61
N PHE E 196 -22.84 -22.49 -12.53
CA PHE E 196 -24.29 -22.26 -12.52
C PHE E 196 -24.62 -20.83 -12.11
N PHE E 197 -25.52 -20.18 -12.87
CA PHE E 197 -25.99 -18.81 -12.62
C PHE E 197 -27.53 -18.79 -12.58
N PRO E 198 -28.15 -18.54 -11.40
CA PRO E 198 -29.62 -18.52 -11.34
C PRO E 198 -30.19 -17.15 -11.71
N GLY F 1 3.95 -23.41 27.11
CA GLY F 1 5.18 -22.92 26.50
C GLY F 1 5.53 -21.51 26.91
N VAL F 2 5.88 -20.67 25.92
CA VAL F 2 6.25 -19.27 26.12
C VAL F 2 4.98 -18.39 26.05
N SER F 3 4.77 -17.56 27.08
CA SER F 3 3.65 -16.64 27.18
C SER F 3 4.09 -15.22 26.83
N GLN F 4 3.18 -14.40 26.29
CA GLN F 4 3.43 -13.01 25.90
C GLN F 4 2.21 -12.14 26.18
N SER F 5 2.44 -10.93 26.73
CA SER F 5 1.37 -9.99 27.04
C SER F 5 1.78 -8.53 26.76
N PRO F 6 0.90 -7.70 26.14
CA PRO F 6 -0.46 -8.03 25.69
C PRO F 6 -0.46 -8.74 24.33
N SER F 7 -1.61 -9.29 23.92
CA SER F 7 -1.74 -9.95 22.62
C SER F 7 -1.84 -8.89 21.51
N ASN F 8 -2.53 -7.78 21.82
CA ASN F 8 -2.73 -6.64 20.91
C ASN F 8 -2.53 -5.32 21.66
N LYS F 9 -1.79 -4.38 21.06
CA LYS F 9 -1.53 -3.08 21.65
C LYS F 9 -1.66 -1.99 20.58
N VAL F 10 -2.69 -1.14 20.74
CA VAL F 10 -3.00 -0.03 19.84
C VAL F 10 -2.78 1.27 20.62
N THR F 11 -1.82 2.11 20.16
CA THR F 11 -1.46 3.35 20.85
C THR F 11 -1.08 4.47 19.85
N GLU F 12 -1.17 5.74 20.32
CA GLU F 12 -0.80 6.93 19.55
C GLU F 12 0.72 7.11 19.61
N LYS F 13 1.29 7.90 18.68
CA LYS F 13 2.73 8.19 18.65
C LYS F 13 3.14 9.06 19.84
N GLY F 14 4.33 8.79 20.37
CA GLY F 14 4.88 9.51 21.52
C GLY F 14 4.66 8.83 22.85
N LYS F 15 3.66 7.93 22.91
CA LYS F 15 3.31 7.17 24.12
C LYS F 15 4.31 6.04 24.36
N ASP F 16 4.53 5.67 25.65
CA ASP F 16 5.44 4.61 26.05
C ASP F 16 4.68 3.28 26.18
N VAL F 17 5.30 2.17 25.74
CA VAL F 17 4.70 0.83 25.81
C VAL F 17 5.67 -0.16 26.49
N GLU F 18 5.10 -1.20 27.13
CA GLU F 18 5.85 -2.24 27.83
C GLU F 18 5.32 -3.63 27.41
N LEU F 19 6.16 -4.39 26.67
CA LEU F 19 5.80 -5.73 26.18
C LEU F 19 6.44 -6.77 27.07
N ARG F 20 5.61 -7.63 27.68
CA ARG F 20 6.04 -8.66 28.64
C ARG F 20 6.16 -10.04 28.00
N CYS F 21 7.15 -10.81 28.44
CA CYS F 21 7.41 -12.18 28.00
C CYS F 21 7.71 -13.09 29.18
N ASP F 22 7.09 -14.28 29.19
CA ASP F 22 7.29 -15.30 30.21
C ASP F 22 7.89 -16.54 29.53
N PRO F 23 9.18 -16.87 29.79
CA PRO F 23 9.78 -18.02 29.11
C PRO F 23 9.41 -19.34 29.78
N ILE F 24 9.76 -20.47 29.13
CA ILE F 24 9.54 -21.83 29.66
C ILE F 24 10.42 -21.96 30.91
N SER F 25 9.89 -22.56 31.99
CA SER F 25 10.61 -22.76 33.25
C SER F 25 11.93 -23.48 33.01
N GLY F 26 13.02 -22.88 33.49
CA GLY F 26 14.38 -23.41 33.35
C GLY F 26 15.21 -22.81 32.23
N HIS F 27 14.56 -22.15 31.26
CA HIS F 27 15.24 -21.55 30.11
C HIS F 27 15.96 -20.26 30.55
N THR F 28 17.31 -20.30 30.56
CA THR F 28 18.16 -19.18 30.98
C THR F 28 18.43 -18.20 29.83
N ALA F 29 18.16 -18.60 28.57
CA ALA F 29 18.35 -17.73 27.42
C ALA F 29 17.02 -17.23 26.88
N LEU F 30 16.88 -15.89 26.76
CA LEU F 30 15.67 -15.21 26.27
C LEU F 30 16.01 -14.40 25.04
N TYR F 31 15.11 -14.41 24.04
CA TYR F 31 15.30 -13.72 22.77
C TYR F 31 14.11 -12.84 22.41
N TRP F 32 14.40 -11.63 21.91
CA TRP F 32 13.39 -10.67 21.48
C TRP F 32 13.52 -10.46 19.98
N TYR F 33 12.45 -10.77 19.24
CA TYR F 33 12.40 -10.63 17.79
C TYR F 33 11.30 -9.66 17.37
N ARG F 34 11.42 -9.15 16.13
CA ARG F 34 10.51 -8.22 15.48
C ARG F 34 10.15 -8.77 14.11
N GLN F 35 8.88 -8.65 13.68
CA GLN F 35 8.45 -9.17 12.38
C GLN F 35 7.32 -8.33 11.76
N SER F 36 7.41 -8.10 10.45
CA SER F 36 6.42 -7.38 9.64
C SER F 36 5.73 -8.36 8.66
N LEU F 37 4.51 -8.02 8.18
CA LEU F 37 3.73 -8.86 7.28
C LEU F 37 4.48 -9.10 5.96
N GLY F 38 4.66 -10.39 5.63
CA GLY F 38 5.37 -10.83 4.44
C GLY F 38 6.88 -10.65 4.52
N GLN F 39 7.40 -10.43 5.74
CA GLN F 39 8.82 -10.23 6.02
C GLN F 39 9.35 -11.28 7.00
N GLY F 40 10.68 -11.36 7.12
CA GLY F 40 11.35 -12.30 8.01
C GLY F 40 11.49 -11.80 9.44
N LEU F 41 12.23 -12.56 10.24
CA LEU F 41 12.49 -12.28 11.65
C LEU F 41 13.67 -11.32 11.83
N GLU F 42 13.41 -10.19 12.51
CA GLU F 42 14.41 -9.15 12.81
C GLU F 42 14.82 -9.27 14.27
N PHE F 43 16.10 -9.64 14.51
CA PHE F 43 16.65 -9.81 15.86
C PHE F 43 16.87 -8.45 16.52
N LEU F 44 16.43 -8.31 17.78
CA LEU F 44 16.56 -7.06 18.53
C LEU F 44 17.59 -7.19 19.67
N ILE F 45 17.31 -8.05 20.66
CA ILE F 45 18.17 -8.25 21.83
C ILE F 45 17.98 -9.67 22.41
N TYR F 46 19.00 -10.19 23.12
CA TYR F 46 18.95 -11.49 23.76
C TYR F 46 19.63 -11.45 25.13
N PHE F 47 19.10 -12.24 26.07
CA PHE F 47 19.59 -12.35 27.45
C PHE F 47 20.18 -13.72 27.73
N GLN F 48 21.25 -13.76 28.53
CA GLN F 48 21.88 -14.98 29.01
C GLN F 48 21.97 -14.82 30.53
N GLY F 49 20.92 -15.30 31.19
CA GLY F 49 20.75 -15.17 32.63
C GLY F 49 19.95 -13.92 32.92
N ASN F 50 20.63 -12.89 33.46
CA ASN F 50 20.02 -11.59 33.77
C ASN F 50 20.65 -10.45 32.95
N SER F 51 21.87 -10.69 32.42
CA SER F 51 22.62 -9.71 31.63
C SER F 51 22.54 -10.00 30.12
N ALA F 52 22.46 -8.94 29.31
CA ALA F 52 22.43 -9.00 27.85
C ALA F 52 23.85 -8.81 27.29
N PRO F 53 24.41 -9.80 26.55
CA PRO F 53 25.79 -9.66 26.03
C PRO F 53 25.92 -8.59 24.95
N ASP F 54 25.07 -8.61 23.92
CA ASP F 54 25.12 -7.64 22.82
C ASP F 54 23.87 -6.75 22.80
N LYS F 55 24.08 -5.42 22.73
CA LYS F 55 23.01 -4.42 22.69
C LYS F 55 22.69 -4.04 21.24
N SER F 56 23.45 -4.62 20.27
CA SER F 56 23.27 -4.40 18.84
C SER F 56 22.00 -5.12 18.37
N GLY F 57 21.28 -4.50 17.45
CA GLY F 57 20.03 -5.03 16.93
C GLY F 57 18.83 -4.16 17.24
N LEU F 58 18.93 -3.35 18.33
CA LEU F 58 17.89 -2.41 18.74
C LEU F 58 17.80 -1.26 17.73
N PRO F 59 16.58 -0.87 17.28
CA PRO F 59 16.47 0.19 16.26
C PRO F 59 16.97 1.56 16.72
N SER F 60 16.78 1.91 18.00
CA SER F 60 17.18 3.21 18.55
C SER F 60 17.42 3.14 20.07
N ASP F 61 17.84 4.29 20.65
CA ASP F 61 18.09 4.48 22.08
C ASP F 61 16.76 4.45 22.87
N ARG F 62 15.62 4.59 22.15
CA ARG F 62 14.26 4.54 22.68
C ARG F 62 13.89 3.12 23.14
N PHE F 63 14.47 2.10 22.48
CA PHE F 63 14.24 0.69 22.78
C PHE F 63 15.10 0.23 23.96
N SER F 64 14.44 -0.37 24.95
CA SER F 64 15.06 -0.87 26.18
C SER F 64 14.53 -2.25 26.54
N ALA F 65 15.37 -3.08 27.18
CA ALA F 65 15.01 -4.43 27.60
C ALA F 65 15.52 -4.71 29.01
N GLU F 66 14.67 -5.33 29.84
CA GLU F 66 14.94 -5.65 31.23
C GLU F 66 14.58 -7.11 31.54
N ARG F 67 15.40 -7.79 32.36
CA ARG F 67 15.23 -9.18 32.81
C ARG F 67 16.08 -9.37 34.08
N THR F 68 15.58 -8.89 35.22
CA THR F 68 16.26 -8.95 36.53
C THR F 68 16.05 -10.32 37.22
N GLY F 69 15.13 -11.12 36.68
CA GLY F 69 14.76 -12.45 37.18
C GLY F 69 15.88 -13.41 37.55
N GLY F 70 16.57 -14.01 36.56
CA GLY F 70 16.37 -13.83 35.13
C GLY F 70 15.38 -14.81 34.54
N SER F 71 14.09 -14.48 34.70
CA SER F 71 12.96 -15.25 34.19
C SER F 71 12.13 -14.35 33.26
N VAL F 72 11.13 -13.64 33.81
CA VAL F 72 10.24 -12.71 33.10
C VAL F 72 11.07 -11.54 32.53
N SER F 73 10.79 -11.15 31.28
CA SER F 73 11.46 -10.03 30.59
C SER F 73 10.46 -9.02 30.05
N THR F 74 10.83 -7.73 30.12
CA THR F 74 10.01 -6.63 29.62
C THR F 74 10.78 -5.80 28.62
N LEU F 75 10.20 -5.61 27.41
CA LEU F 75 10.74 -4.78 26.35
C LEU F 75 9.98 -3.46 26.37
N THR F 76 10.68 -2.36 26.69
CA THR F 76 10.08 -1.03 26.80
C THR F 76 10.48 -0.17 25.60
N ILE F 77 9.47 0.47 24.98
CA ILE F 77 9.64 1.38 23.83
C ILE F 77 9.06 2.74 24.23
N GLN F 78 9.93 3.72 24.50
CA GLN F 78 9.51 5.08 24.87
C GLN F 78 9.47 5.97 23.63
N ARG F 79 8.48 6.90 23.56
CA ARG F 79 8.24 7.83 22.45
C ARG F 79 8.11 7.04 21.13
N THR F 80 7.09 6.16 21.07
CA THR F 80 6.79 5.28 19.92
C THR F 80 6.51 6.07 18.64
N GLN F 81 6.92 5.51 17.50
CA GLN F 81 6.74 6.08 16.17
C GLN F 81 6.13 5.04 15.22
N GLN F 82 5.73 5.46 14.00
CA GLN F 82 5.13 4.62 12.96
C GLN F 82 6.02 3.41 12.61
N GLU F 83 7.35 3.63 12.49
CA GLU F 83 8.37 2.62 12.16
C GLU F 83 8.48 1.49 13.22
N ASP F 84 7.85 1.65 14.40
CA ASP F 84 7.87 0.67 15.49
C ASP F 84 6.71 -0.34 15.39
N SER F 85 5.74 -0.10 14.49
CA SER F 85 4.58 -0.97 14.28
C SER F 85 4.99 -2.29 13.63
N ALA F 86 4.91 -3.39 14.39
CA ALA F 86 5.27 -4.76 13.98
C ALA F 86 4.78 -5.79 15.00
N VAL F 87 4.98 -7.09 14.71
CA VAL F 87 4.63 -8.18 15.62
C VAL F 87 5.90 -8.51 16.42
N TYR F 88 5.87 -8.23 17.73
CA TYR F 88 7.00 -8.45 18.61
C TYR F 88 6.91 -9.85 19.20
N LEU F 89 7.81 -10.73 18.73
CA LEU F 89 7.88 -12.13 19.12
C LEU F 89 8.97 -12.37 20.15
N CYS F 90 8.74 -13.32 21.05
CA CYS F 90 9.67 -13.68 22.10
C CYS F 90 9.99 -15.17 22.03
N ALA F 91 11.27 -15.53 22.18
CA ALA F 91 11.75 -16.92 22.14
C ALA F 91 12.62 -17.25 23.34
N SER F 92 12.70 -18.55 23.70
CA SER F 92 13.53 -19.00 24.81
C SER F 92 14.13 -20.39 24.55
N SER F 93 15.31 -20.62 25.14
CA SER F 93 16.08 -21.87 25.09
C SER F 93 16.77 -22.07 26.43
N VAL F 94 17.09 -23.35 26.80
CA VAL F 94 17.75 -23.70 28.06
C VAL F 94 18.98 -22.80 28.30
N ARG F 95 19.76 -22.51 27.23
CA ARG F 95 20.94 -21.65 27.21
C ARG F 95 21.24 -21.25 25.75
N SER F 96 22.29 -20.43 25.52
CA SER F 96 22.71 -19.98 24.17
C SER F 96 22.99 -21.16 23.23
N THR F 97 22.69 -20.97 21.93
CA THR F 97 22.86 -21.90 20.79
C THR F 97 21.90 -23.13 20.83
N ASP F 98 20.97 -23.19 21.81
CA ASP F 98 20.01 -24.30 21.92
C ASP F 98 18.69 -24.00 21.18
N THR F 99 17.80 -25.01 21.05
CA THR F 99 16.50 -24.93 20.37
C THR F 99 15.65 -23.81 20.98
N GLN F 100 15.25 -22.86 20.13
CA GLN F 100 14.43 -21.69 20.49
C GLN F 100 12.95 -21.93 20.25
N TYR F 101 12.15 -21.84 21.33
CA TYR F 101 10.69 -21.99 21.32
C TYR F 101 10.05 -20.60 21.42
N PHE F 102 9.16 -20.28 20.48
CA PHE F 102 8.53 -18.96 20.38
C PHE F 102 7.18 -18.84 21.10
N GLY F 103 6.83 -17.59 21.42
CA GLY F 103 5.58 -17.22 22.05
C GLY F 103 4.53 -16.82 21.02
N PRO F 104 3.30 -16.43 21.45
CA PRO F 104 2.27 -16.07 20.47
C PRO F 104 2.58 -14.76 19.73
N GLY F 105 3.23 -13.83 20.41
CA GLY F 105 3.59 -12.53 19.88
C GLY F 105 2.76 -11.40 20.43
N THR F 106 3.19 -10.16 20.14
CA THR F 106 2.48 -8.95 20.54
C THR F 106 2.28 -8.10 19.29
N ARG F 107 1.02 -7.95 18.86
CA ARG F 107 0.65 -7.16 17.71
C ARG F 107 0.62 -5.68 18.12
N LEU F 108 1.71 -4.95 17.85
CA LEU F 108 1.83 -3.54 18.20
C LEU F 108 1.58 -2.68 16.96
N THR F 109 0.63 -1.75 17.07
CA THR F 109 0.28 -0.81 16.01
C THR F 109 0.30 0.60 16.58
N VAL F 110 1.28 1.41 16.14
CA VAL F 110 1.48 2.80 16.53
C VAL F 110 0.82 3.65 15.45
N LEU F 111 -0.02 4.61 15.86
CA LEU F 111 -0.77 5.46 14.93
C LEU F 111 -0.29 6.91 14.90
N GLU F 112 -0.47 7.56 13.74
CA GLU F 112 -0.12 8.96 13.46
C GLU F 112 -1.09 9.87 14.22
N ASP F 113 -2.40 9.59 14.09
CA ASP F 113 -3.50 10.29 14.76
C ASP F 113 -4.64 9.31 15.00
N LEU F 114 -5.37 9.47 16.13
CA LEU F 114 -6.47 8.58 16.52
C LEU F 114 -7.78 8.87 15.75
N LYS F 115 -7.80 9.91 14.89
CA LYS F 115 -8.97 10.31 14.09
C LYS F 115 -9.36 9.23 13.07
N ASN F 116 -8.36 8.52 12.50
CA ASN F 116 -8.56 7.46 11.50
C ASN F 116 -8.96 6.10 12.12
N VAL F 117 -9.03 6.01 13.47
CA VAL F 117 -9.43 4.79 14.18
C VAL F 117 -10.96 4.69 14.11
N PHE F 118 -11.47 3.60 13.52
CA PHE F 118 -12.91 3.35 13.34
C PHE F 118 -13.33 1.94 13.78
N PRO F 119 -14.51 1.76 14.43
CA PRO F 119 -14.95 0.40 14.79
C PRO F 119 -15.55 -0.33 13.57
N PRO F 120 -15.68 -1.68 13.57
CA PRO F 120 -16.23 -2.36 12.38
C PRO F 120 -17.75 -2.28 12.27
N GLU F 121 -18.24 -2.35 11.02
CA GLU F 121 -19.66 -2.38 10.66
C GLU F 121 -19.95 -3.83 10.24
N VAL F 122 -20.46 -4.63 11.19
CA VAL F 122 -20.73 -6.06 11.00
C VAL F 122 -22.15 -6.27 10.45
N ALA F 123 -22.24 -7.03 9.35
CA ALA F 123 -23.50 -7.36 8.67
C ALA F 123 -23.54 -8.84 8.29
N VAL F 124 -24.69 -9.49 8.51
CA VAL F 124 -24.90 -10.91 8.18
C VAL F 124 -25.86 -11.00 6.98
N PHE F 125 -25.48 -11.79 5.97
CA PHE F 125 -26.25 -11.98 4.74
C PHE F 125 -26.86 -13.38 4.72
N GLU F 126 -28.20 -13.46 4.61
CA GLU F 126 -28.99 -14.68 4.60
C GLU F 126 -28.72 -15.51 3.33
N PRO F 127 -28.66 -16.87 3.43
CA PRO F 127 -28.37 -17.69 2.24
C PRO F 127 -29.38 -17.58 1.10
N SER F 128 -28.89 -17.84 -0.13
CA SER F 128 -29.65 -17.81 -1.38
C SER F 128 -30.64 -18.97 -1.44
N GLU F 129 -31.85 -18.70 -1.95
CA GLU F 129 -32.92 -19.69 -2.14
C GLU F 129 -32.49 -20.73 -3.18
N ALA F 130 -31.74 -20.28 -4.22
CA ALA F 130 -31.21 -21.10 -5.29
C ALA F 130 -30.19 -22.12 -4.78
N GLU F 131 -29.43 -21.77 -3.72
CA GLU F 131 -28.42 -22.63 -3.09
C GLU F 131 -29.11 -23.79 -2.35
N ILE F 132 -30.14 -23.47 -1.53
CA ILE F 132 -30.94 -24.41 -0.73
C ILE F 132 -31.61 -25.46 -1.66
N SER F 133 -32.08 -25.03 -2.85
CA SER F 133 -32.75 -25.91 -3.82
C SER F 133 -31.76 -26.78 -4.61
N HIS F 134 -30.57 -26.25 -4.95
CA HIS F 134 -29.56 -26.94 -5.76
C HIS F 134 -28.67 -27.92 -4.96
N THR F 135 -27.89 -27.41 -3.98
CA THR F 135 -26.92 -28.22 -3.21
C THR F 135 -27.46 -28.70 -1.84
N GLN F 136 -28.72 -28.35 -1.48
CA GLN F 136 -29.40 -28.73 -0.22
C GLN F 136 -28.62 -28.24 1.03
N LYS F 137 -27.81 -27.18 0.85
CA LYS F 137 -26.99 -26.55 1.89
C LYS F 137 -27.21 -25.04 1.87
N ALA F 138 -27.04 -24.38 3.04
CA ALA F 138 -27.24 -22.95 3.20
C ALA F 138 -26.00 -22.26 3.77
N THR F 139 -25.43 -21.30 3.00
CA THR F 139 -24.22 -20.57 3.40
C THR F 139 -24.57 -19.17 3.91
N LEU F 140 -24.15 -18.88 5.15
CA LEU F 140 -24.29 -17.60 5.83
C LEU F 140 -23.01 -16.81 5.59
N VAL F 141 -23.11 -15.58 5.05
CA VAL F 141 -21.92 -14.77 4.79
C VAL F 141 -21.96 -13.53 5.70
N CYS F 142 -20.90 -13.35 6.51
CA CYS F 142 -20.75 -12.22 7.41
C CYS F 142 -19.71 -11.26 6.85
N LEU F 143 -19.91 -9.95 7.06
CA LEU F 143 -18.98 -8.93 6.58
C LEU F 143 -18.75 -7.84 7.61
N ALA F 144 -17.47 -7.65 7.98
CA ALA F 144 -17.00 -6.61 8.88
C ALA F 144 -16.22 -5.62 8.04
N THR F 145 -16.76 -4.39 7.88
CA THR F 145 -16.16 -3.35 7.03
C THR F 145 -15.96 -2.03 7.77
N GLY F 146 -15.09 -1.18 7.20
CA GLY F 146 -14.78 0.16 7.70
C GLY F 146 -14.11 0.21 9.06
N PHE F 147 -13.21 -0.75 9.35
CA PHE F 147 -12.49 -0.80 10.62
C PHE F 147 -11.01 -0.49 10.45
N TYR F 148 -10.41 0.15 11.47
CA TYR F 148 -9.00 0.52 11.49
C TYR F 148 -8.50 0.62 12.94
N PRO F 149 -7.38 -0.05 13.32
CA PRO F 149 -6.50 -0.92 12.51
C PRO F 149 -7.09 -2.32 12.33
N ASP F 150 -6.32 -3.24 11.66
CA ASP F 150 -6.75 -4.62 11.40
C ASP F 150 -6.51 -5.53 12.63
N HIS F 151 -7.10 -5.14 13.77
CA HIS F 151 -7.03 -5.88 15.04
C HIS F 151 -8.41 -6.47 15.34
N VAL F 152 -8.82 -7.48 14.54
CA VAL F 152 -10.12 -8.11 14.68
C VAL F 152 -10.03 -9.62 14.89
N GLU F 153 -11.04 -10.18 15.60
CA GLU F 153 -11.21 -11.60 15.87
C GLU F 153 -12.66 -11.98 15.55
N LEU F 154 -12.87 -12.61 14.39
CA LEU F 154 -14.19 -13.03 13.97
C LEU F 154 -14.53 -14.40 14.56
N SER F 155 -15.81 -14.60 14.94
CA SER F 155 -16.29 -15.84 15.52
C SER F 155 -17.80 -16.01 15.26
N TRP F 156 -18.21 -17.24 14.90
CA TRP F 156 -19.61 -17.57 14.64
C TRP F 156 -20.23 -18.21 15.89
N TRP F 157 -21.46 -17.80 16.23
CA TRP F 157 -22.17 -18.29 17.40
C TRP F 157 -23.58 -18.77 17.00
N VAL F 158 -23.81 -20.09 17.08
CA VAL F 158 -25.08 -20.73 16.75
C VAL F 158 -25.75 -21.21 18.04
N ASN F 159 -26.99 -20.74 18.29
CA ASN F 159 -27.84 -21.05 19.45
C ASN F 159 -27.09 -20.82 20.79
N GLY F 160 -26.38 -19.70 20.87
CA GLY F 160 -25.60 -19.29 22.04
C GLY F 160 -24.32 -20.07 22.28
N LYS F 161 -23.88 -20.87 21.29
CA LYS F 161 -22.66 -21.67 21.39
C LYS F 161 -21.73 -21.37 20.22
N GLU F 162 -20.41 -21.23 20.49
CA GLU F 162 -19.42 -20.96 19.45
C GLU F 162 -19.21 -22.19 18.58
N VAL F 163 -19.27 -22.02 17.25
CA VAL F 163 -19.11 -23.11 16.29
C VAL F 163 -17.81 -22.94 15.49
N HIS F 164 -17.21 -24.07 15.10
CA HIS F 164 -15.98 -24.12 14.30
C HIS F 164 -16.21 -24.92 13.02
N SER F 165 -17.06 -25.96 13.09
CA SER F 165 -17.43 -26.81 11.95
C SER F 165 -18.26 -26.01 10.94
N GLY F 166 -17.87 -26.12 9.68
CA GLY F 166 -18.53 -25.43 8.57
C GLY F 166 -18.32 -23.93 8.59
N VAL F 167 -17.15 -23.50 9.10
CA VAL F 167 -16.78 -22.08 9.22
C VAL F 167 -15.45 -21.83 8.48
N CYS F 168 -15.35 -20.66 7.82
CA CYS F 168 -14.14 -20.20 7.15
C CYS F 168 -14.10 -18.68 7.16
N THR F 169 -12.98 -18.12 7.66
CA THR F 169 -12.75 -16.68 7.77
C THR F 169 -11.46 -16.34 7.03
N ASP F 170 -11.42 -15.17 6.36
CA ASP F 170 -10.22 -14.70 5.64
C ASP F 170 -9.07 -14.53 6.62
N PRO F 171 -7.88 -15.12 6.35
CA PRO F 171 -6.76 -14.98 7.29
C PRO F 171 -6.21 -13.55 7.37
N GLN F 172 -6.27 -12.81 6.25
CA GLN F 172 -5.78 -11.44 6.17
C GLN F 172 -6.87 -10.49 5.64
N PRO F 173 -7.17 -9.38 6.36
CA PRO F 173 -8.18 -8.44 5.85
C PRO F 173 -7.63 -7.56 4.74
N LEU F 174 -8.47 -7.28 3.72
CA LEU F 174 -8.09 -6.44 2.57
C LEU F 174 -8.43 -4.96 2.83
N LYS F 175 -7.65 -4.06 2.21
CA LYS F 175 -7.83 -2.61 2.31
C LYS F 175 -8.95 -2.14 1.38
N GLU F 176 -9.80 -1.22 1.85
CA GLU F 176 -10.89 -0.65 1.05
C GLU F 176 -10.33 0.31 0.00
N GLN F 177 -9.33 1.12 0.39
CA GLN F 177 -8.63 2.07 -0.46
C GLN F 177 -7.13 1.69 -0.46
N PRO F 178 -6.69 0.75 -1.34
CA PRO F 178 -5.27 0.32 -1.33
C PRO F 178 -4.25 1.43 -1.59
N ALA F 179 -4.68 2.57 -2.17
CA ALA F 179 -3.83 3.71 -2.47
C ALA F 179 -3.54 4.57 -1.22
N LEU F 180 -4.54 4.71 -0.32
CA LEU F 180 -4.46 5.50 0.91
C LEU F 180 -3.51 4.88 1.94
N ASN F 181 -2.83 5.74 2.73
CA ASN F 181 -1.88 5.34 3.78
C ASN F 181 -2.61 4.64 4.92
N ASP F 182 -3.59 5.31 5.55
CA ASP F 182 -4.41 4.75 6.62
C ASP F 182 -5.77 4.37 6.03
N SER F 183 -5.81 3.18 5.40
CA SER F 183 -7.00 2.65 4.73
C SER F 183 -7.80 1.74 5.66
N ARG F 184 -9.15 1.92 5.63
CA ARG F 184 -10.11 1.14 6.41
C ARG F 184 -10.11 -0.30 5.86
N TYR F 185 -9.98 -1.29 6.75
CA TYR F 185 -9.92 -2.70 6.37
C TYR F 185 -11.32 -3.34 6.29
N ALA F 186 -11.42 -4.45 5.56
CA ALA F 186 -12.64 -5.24 5.38
C ALA F 186 -12.33 -6.73 5.51
N LEU F 187 -13.23 -7.48 6.16
CA LEU F 187 -13.06 -8.92 6.39
C LEU F 187 -14.39 -9.65 6.23
N SER F 188 -14.36 -10.81 5.54
CA SER F 188 -15.54 -11.65 5.33
C SER F 188 -15.37 -13.02 5.99
N SER F 189 -16.50 -13.70 6.24
CA SER F 189 -16.53 -15.05 6.84
C SER F 189 -17.75 -15.82 6.39
N ARG F 190 -17.59 -17.15 6.23
CA ARG F 190 -18.67 -18.03 5.78
C ARG F 190 -19.02 -19.09 6.82
N LEU F 191 -20.33 -19.35 6.97
CA LEU F 191 -20.88 -20.40 7.82
C LEU F 191 -21.83 -21.23 6.97
N ARG F 192 -21.50 -22.50 6.74
CA ARG F 192 -22.34 -23.37 5.94
C ARG F 192 -22.97 -24.45 6.80
N VAL F 193 -24.29 -24.59 6.65
CA VAL F 193 -25.13 -25.55 7.36
C VAL F 193 -26.07 -26.23 6.37
N SER F 194 -26.66 -27.37 6.76
CA SER F 194 -27.63 -28.09 5.94
C SER F 194 -28.91 -27.26 5.86
N ALA F 195 -29.66 -27.38 4.74
CA ALA F 195 -30.91 -26.64 4.50
C ALA F 195 -31.91 -26.79 5.66
N THR F 196 -32.07 -28.02 6.19
CA THR F 196 -32.96 -28.39 7.30
C THR F 196 -32.73 -27.47 8.52
N PHE F 197 -31.45 -27.23 8.87
CA PHE F 197 -31.03 -26.40 10.00
C PHE F 197 -31.39 -24.92 9.79
N TRP F 198 -31.27 -24.42 8.55
CA TRP F 198 -31.61 -23.04 8.21
C TRP F 198 -33.13 -22.85 8.16
N GLN F 199 -33.85 -23.86 7.61
CA GLN F 199 -35.31 -23.83 7.45
C GLN F 199 -36.10 -23.88 8.79
N ASN F 200 -35.39 -24.05 9.92
CA ASN F 200 -36.00 -24.06 11.25
C ASN F 200 -35.93 -22.64 11.86
N PRO F 201 -37.08 -21.97 12.11
CA PRO F 201 -37.03 -20.60 12.67
C PRO F 201 -36.57 -20.54 14.13
N ARG F 202 -36.49 -21.71 14.79
CA ARG F 202 -36.04 -21.88 16.18
C ARG F 202 -34.53 -21.64 16.32
N ASN F 203 -33.75 -21.86 15.24
CA ASN F 203 -32.29 -21.71 15.23
C ASN F 203 -31.86 -20.25 15.02
N HIS F 204 -30.90 -19.81 15.87
CA HIS F 204 -30.33 -18.46 15.86
C HIS F 204 -28.86 -18.48 15.42
N PHE F 205 -28.49 -17.56 14.53
CA PHE F 205 -27.14 -17.43 13.99
C PHE F 205 -26.62 -16.04 14.32
N ARG F 206 -25.39 -15.96 14.86
CA ARG F 206 -24.77 -14.69 15.22
C ARG F 206 -23.31 -14.65 14.78
N CYS F 207 -22.89 -13.49 14.24
CA CYS F 207 -21.54 -13.23 13.80
C CYS F 207 -20.93 -12.18 14.74
N GLN F 208 -19.93 -12.59 15.52
CA GLN F 208 -19.27 -11.73 16.50
C GLN F 208 -17.88 -11.33 16.02
N VAL F 209 -17.55 -10.04 16.14
CA VAL F 209 -16.26 -9.48 15.74
C VAL F 209 -15.68 -8.69 16.92
N GLN F 210 -14.59 -9.20 17.51
CA GLN F 210 -13.90 -8.56 18.63
C GLN F 210 -12.90 -7.55 18.06
N PHE F 211 -13.12 -6.27 18.36
CA PHE F 211 -12.26 -5.19 17.87
C PHE F 211 -11.37 -4.64 18.98
N TYR F 212 -10.08 -4.47 18.70
CA TYR F 212 -9.11 -3.89 19.62
C TYR F 212 -8.80 -2.47 19.16
N GLY F 213 -9.19 -1.50 19.98
CA GLY F 213 -8.98 -0.09 19.69
C GLY F 213 -8.35 0.69 20.82
N LEU F 214 -9.04 1.75 21.26
CA LEU F 214 -8.59 2.63 22.33
C LEU F 214 -8.87 2.05 23.72
N SER F 215 -8.47 2.79 24.77
CA SER F 215 -8.64 2.44 26.17
C SER F 215 -9.07 3.68 26.98
N GLU F 216 -9.17 3.55 28.32
CA GLU F 216 -9.55 4.64 29.22
C GLU F 216 -8.45 5.71 29.30
N ASN F 217 -7.17 5.31 29.09
CA ASN F 217 -5.99 6.18 29.11
C ASN F 217 -5.95 7.13 27.90
N ASP F 218 -6.43 6.66 26.74
CA ASP F 218 -6.46 7.43 25.48
C ASP F 218 -7.50 8.56 25.54
N GLU F 219 -7.11 9.75 25.04
CA GLU F 219 -7.97 10.94 25.01
C GLU F 219 -8.71 11.04 23.67
N TRP F 220 -10.00 11.43 23.73
CA TRP F 220 -10.86 11.57 22.55
C TRP F 220 -11.48 12.96 22.50
N THR F 221 -11.37 13.64 21.34
CA THR F 221 -11.87 15.01 21.14
C THR F 221 -13.01 15.10 20.12
N GLN F 222 -13.02 14.20 19.11
CA GLN F 222 -14.02 14.18 18.04
C GLN F 222 -15.44 13.89 18.55
N ASP F 223 -16.46 14.44 17.84
CA ASP F 223 -17.89 14.31 18.14
C ASP F 223 -18.38 12.86 17.97
N ARG F 224 -17.75 12.12 17.04
CA ARG F 224 -18.04 10.71 16.73
C ARG F 224 -17.76 9.81 17.94
N ALA F 225 -18.51 8.69 18.07
CA ALA F 225 -18.39 7.72 19.17
C ALA F 225 -16.95 7.19 19.31
N LYS F 226 -16.47 7.05 20.56
CA LYS F 226 -15.11 6.59 20.87
C LYS F 226 -14.89 5.14 20.38
N PRO F 227 -13.88 4.91 19.51
CA PRO F 227 -13.63 3.54 19.02
C PRO F 227 -12.75 2.74 19.99
N VAL F 228 -13.30 2.48 21.19
CA VAL F 228 -12.66 1.73 22.27
C VAL F 228 -12.69 0.22 21.93
N THR F 229 -12.00 -0.64 22.72
CA THR F 229 -11.98 -2.10 22.55
C THR F 229 -13.41 -2.59 22.80
N GLN F 230 -14.16 -2.81 21.70
CA GLN F 230 -15.57 -3.22 21.75
C GLN F 230 -15.85 -4.48 20.92
N ILE F 231 -17.07 -5.02 21.08
CA ILE F 231 -17.58 -6.18 20.37
C ILE F 231 -18.78 -5.73 19.53
N VAL F 232 -18.71 -5.96 18.21
CA VAL F 232 -19.77 -5.61 17.25
C VAL F 232 -20.33 -6.92 16.71
N SER F 233 -21.67 -7.04 16.69
CA SER F 233 -22.36 -8.25 16.24
C SER F 233 -23.47 -7.97 15.22
N ALA F 234 -23.89 -9.04 14.52
CA ALA F 234 -24.97 -9.09 13.53
C ALA F 234 -25.63 -10.45 13.63
N GLU F 235 -26.96 -10.49 13.83
CA GLU F 235 -27.68 -11.74 14.03
C GLU F 235 -28.70 -12.03 12.91
N ALA F 236 -28.95 -13.34 12.68
CA ALA F 236 -29.88 -13.84 11.69
C ALA F 236 -30.62 -15.06 12.25
N TRP F 237 -31.92 -15.15 11.97
CA TRP F 237 -32.79 -16.24 12.42
C TRP F 237 -33.18 -17.13 11.24
N GLY F 238 -33.53 -18.38 11.54
CA GLY F 238 -33.97 -19.36 10.56
C GLY F 238 -35.21 -18.96 9.79
N ARG F 239 -35.23 -19.26 8.47
CA ARG F 239 -36.34 -18.90 7.59
C ARG F 239 -36.94 -20.16 6.94
N ALA F 240 -38.21 -20.45 7.27
CA ALA F 240 -38.96 -21.59 6.74
C ALA F 240 -39.54 -21.28 5.37
N MET G 1 -30.37 10.20 -15.95
CA MET G 1 -29.82 9.10 -16.73
C MET G 1 -28.39 8.76 -16.29
N LYS G 2 -28.05 7.46 -16.32
CA LYS G 2 -26.73 6.94 -15.94
C LYS G 2 -26.22 5.95 -16.99
N THR G 3 -24.89 5.79 -17.07
CA THR G 3 -24.22 4.90 -18.03
C THR G 3 -23.57 3.70 -17.35
N THR G 4 -23.66 2.53 -18.01
CA THR G 4 -23.08 1.27 -17.55
C THR G 4 -22.23 0.69 -18.69
N GLN G 5 -20.96 0.37 -18.39
CA GLN G 5 -19.99 -0.16 -19.35
C GLN G 5 -19.08 -1.24 -18.71
N PRO G 6 -18.47 -2.19 -19.48
CA PRO G 6 -17.62 -3.22 -18.87
C PRO G 6 -16.44 -2.65 -18.07
N PRO G 7 -15.97 -3.31 -16.98
CA PRO G 7 -14.88 -2.74 -16.17
C PRO G 7 -13.53 -2.70 -16.91
N SER G 8 -13.19 -3.76 -17.67
CA SER G 8 -11.93 -3.84 -18.41
C SER G 8 -12.10 -4.58 -19.72
N MET G 9 -11.31 -4.19 -20.74
CA MET G 9 -11.31 -4.80 -22.08
C MET G 9 -9.90 -4.98 -22.60
N ASP G 10 -9.60 -6.20 -23.09
CA ASP G 10 -8.30 -6.52 -23.67
C ASP G 10 -8.45 -6.61 -25.18
N CYS G 11 -7.70 -5.76 -25.91
CA CYS G 11 -7.75 -5.70 -27.37
C CYS G 11 -6.35 -5.73 -27.96
N ALA G 12 -6.17 -6.47 -29.07
CA ALA G 12 -4.90 -6.59 -29.77
C ALA G 12 -4.61 -5.32 -30.57
N GLU G 13 -3.32 -4.91 -30.61
CA GLU G 13 -2.89 -3.70 -31.33
C GLU G 13 -3.01 -3.88 -32.85
N GLY G 14 -3.36 -2.79 -33.53
CA GLY G 14 -3.55 -2.77 -34.97
C GLY G 14 -5.00 -2.99 -35.36
N ARG G 15 -5.70 -3.83 -34.59
CA ARG G 15 -7.12 -4.17 -34.75
C ARG G 15 -7.99 -3.05 -34.20
N ALA G 16 -9.24 -2.91 -34.71
CA ALA G 16 -10.17 -1.88 -34.27
C ALA G 16 -10.72 -2.21 -32.89
N ALA G 17 -10.71 -1.22 -31.97
CA ALA G 17 -11.20 -1.37 -30.60
C ALA G 17 -12.61 -0.82 -30.48
N ASN G 18 -13.58 -1.70 -30.15
CA ASN G 18 -14.99 -1.33 -30.01
C ASN G 18 -15.37 -1.36 -28.53
N LEU G 19 -15.64 -0.17 -27.95
CA LEU G 19 -15.98 -0.02 -26.53
C LEU G 19 -17.49 0.22 -26.35
N PRO G 20 -18.23 -0.71 -25.70
CA PRO G 20 -19.68 -0.51 -25.54
C PRO G 20 -20.07 0.35 -24.34
N CYS G 21 -21.28 0.94 -24.41
CA CYS G 21 -21.87 1.78 -23.38
C CYS G 21 -23.39 1.60 -23.38
N ASN G 22 -23.98 1.42 -22.19
CA ASN G 22 -25.43 1.23 -22.04
C ASN G 22 -26.06 2.40 -21.28
N HIS G 23 -27.06 3.04 -21.90
CA HIS G 23 -27.80 4.18 -21.36
C HIS G 23 -29.26 4.12 -21.85
N SER G 24 -30.03 3.18 -21.28
CA SER G 24 -31.43 2.94 -21.63
C SER G 24 -32.36 4.05 -21.10
N THR G 25 -32.01 4.65 -19.96
CA THR G 25 -32.80 5.69 -19.30
C THR G 25 -32.46 7.12 -19.80
N ILE G 26 -31.80 7.23 -20.98
CA ILE G 26 -31.41 8.51 -21.59
C ILE G 26 -32.66 9.29 -22.09
N SER G 27 -32.52 10.62 -22.22
CA SER G 27 -33.55 11.52 -22.72
C SER G 27 -33.10 12.14 -24.05
N GLY G 28 -34.05 12.70 -24.81
CA GLY G 28 -33.82 13.30 -26.12
C GLY G 28 -32.86 14.47 -26.19
N ASN G 29 -32.72 15.23 -25.08
CA ASN G 29 -31.87 16.41 -24.98
C ASN G 29 -30.46 16.09 -24.43
N GLU G 30 -30.13 14.79 -24.22
CA GLU G 30 -28.83 14.37 -23.67
C GLU G 30 -27.87 13.86 -24.74
N TYR G 31 -26.59 14.26 -24.62
CA TYR G 31 -25.47 13.86 -25.47
C TYR G 31 -24.77 12.62 -24.91
N VAL G 32 -24.02 11.91 -25.75
CA VAL G 32 -23.22 10.74 -25.35
C VAL G 32 -21.74 11.12 -25.50
N TYR G 33 -21.15 11.64 -24.41
CA TYR G 33 -19.74 12.08 -24.36
C TYR G 33 -18.79 10.94 -24.03
N TRP G 34 -17.54 11.04 -24.53
CA TRP G 34 -16.48 10.07 -24.29
C TRP G 34 -15.19 10.78 -23.92
N TYR G 35 -14.62 10.40 -22.77
CA TYR G 35 -13.36 10.94 -22.22
C TYR G 35 -12.42 9.78 -21.87
N ARG G 36 -11.10 10.03 -21.92
CA ARG G 36 -10.11 9.01 -21.54
C ARG G 36 -9.05 9.60 -20.61
N GLN G 37 -8.45 8.74 -19.76
CA GLN G 37 -7.45 9.15 -18.79
C GLN G 37 -6.30 8.12 -18.73
N ILE G 38 -5.07 8.57 -19.03
CA ILE G 38 -3.87 7.73 -18.98
C ILE G 38 -3.26 7.88 -17.58
N HIS G 39 -3.41 6.83 -16.73
CA HIS G 39 -2.96 6.76 -15.33
C HIS G 39 -3.66 7.86 -14.49
N SER G 40 -2.91 8.90 -14.06
CA SER G 40 -3.44 10.02 -13.27
C SER G 40 -3.36 11.36 -14.03
N GLN G 41 -3.01 11.32 -15.34
CA GLN G 41 -2.91 12.48 -16.22
C GLN G 41 -4.27 13.17 -16.42
N GLY G 42 -4.25 14.37 -16.98
CA GLY G 42 -5.45 15.15 -17.25
C GLY G 42 -6.41 14.45 -18.20
N PRO G 43 -7.74 14.40 -17.89
CA PRO G 43 -8.68 13.72 -18.80
C PRO G 43 -8.70 14.36 -20.18
N GLN G 44 -8.79 13.54 -21.23
CA GLN G 44 -8.79 14.00 -22.62
C GLN G 44 -10.15 13.74 -23.28
N TYR G 45 -10.72 14.78 -23.93
CA TYR G 45 -11.97 14.68 -24.66
C TYR G 45 -11.72 13.93 -25.98
N ILE G 46 -12.62 13.00 -26.34
CA ILE G 46 -12.48 12.22 -27.57
C ILE G 46 -13.54 12.65 -28.60
N ILE G 47 -14.82 12.31 -28.35
CA ILE G 47 -15.96 12.59 -29.24
C ILE G 47 -17.28 12.64 -28.44
N HIS G 48 -18.32 13.24 -29.03
CA HIS G 48 -19.67 13.31 -28.47
C HIS G 48 -20.70 13.37 -29.60
N GLY G 49 -21.88 12.81 -29.34
CA GLY G 49 -22.97 12.75 -30.29
C GLY G 49 -24.34 12.79 -29.65
N LEU G 50 -25.37 13.10 -30.44
CA LEU G 50 -26.74 13.19 -29.95
C LEU G 50 -27.63 12.09 -30.55
N LYS G 51 -27.92 12.14 -31.87
CA LYS G 51 -28.83 11.22 -32.53
C LYS G 51 -28.14 10.11 -33.34
N ASN G 52 -27.38 10.48 -34.39
CA ASN G 52 -26.74 9.54 -35.30
C ASN G 52 -25.23 9.37 -35.05
N ASN G 53 -24.55 8.65 -35.96
CA ASN G 53 -23.12 8.37 -35.92
C ASN G 53 -22.29 9.62 -36.15
N GLU G 54 -21.17 9.74 -35.43
CA GLU G 54 -20.24 10.86 -35.51
C GLU G 54 -18.84 10.34 -35.81
N THR G 55 -18.07 11.09 -36.63
CA THR G 55 -16.71 10.69 -36.99
C THR G 55 -15.76 11.85 -36.69
N ASN G 56 -14.76 11.57 -35.86
CA ASN G 56 -13.72 12.51 -35.43
C ASN G 56 -12.35 12.03 -35.93
N GLU G 57 -11.32 12.88 -35.80
CA GLU G 57 -9.95 12.57 -36.19
C GLU G 57 -9.34 11.53 -35.25
N MET G 58 -9.83 11.48 -34.00
CA MET G 58 -9.37 10.59 -32.94
C MET G 58 -10.14 9.25 -32.94
N ALA G 59 -11.49 9.27 -33.01
CA ALA G 59 -12.32 8.07 -32.96
C ALA G 59 -13.69 8.25 -33.64
N SER G 60 -14.50 7.17 -33.67
CA SER G 60 -15.85 7.13 -34.23
C SER G 60 -16.85 6.72 -33.16
N LEU G 61 -18.05 7.33 -33.17
CA LEU G 61 -19.11 7.04 -32.21
C LEU G 61 -20.38 6.62 -32.95
N ILE G 62 -20.91 5.43 -32.59
CA ILE G 62 -22.12 4.87 -33.21
C ILE G 62 -23.23 4.76 -32.16
N ILE G 63 -24.28 5.60 -32.29
CA ILE G 63 -25.43 5.60 -31.38
C ILE G 63 -26.58 4.88 -32.10
N THR G 64 -27.26 3.95 -31.38
CA THR G 64 -28.38 3.14 -31.87
C THR G 64 -29.62 4.01 -32.20
N GLU G 65 -30.56 3.46 -32.99
CA GLU G 65 -31.81 4.12 -33.38
C GLU G 65 -32.67 4.43 -32.14
N ASP G 66 -32.76 3.46 -31.21
CA ASP G 66 -33.51 3.58 -29.95
C ASP G 66 -32.76 4.47 -28.94
N ARG G 67 -31.46 4.77 -29.21
CA ARG G 67 -30.53 5.60 -28.42
C ARG G 67 -30.25 5.01 -27.01
N LYS G 68 -30.65 3.74 -26.77
CA LYS G 68 -30.47 3.04 -25.50
C LYS G 68 -29.04 2.48 -25.35
N SER G 69 -28.24 2.52 -26.44
CA SER G 69 -26.87 2.01 -26.47
C SER G 69 -25.96 2.85 -27.39
N SER G 70 -24.63 2.76 -27.20
CA SER G 70 -23.61 3.45 -28.00
C SER G 70 -22.29 2.68 -28.00
N THR G 71 -21.48 2.85 -29.06
CA THR G 71 -20.19 2.18 -29.23
C THR G 71 -19.13 3.18 -29.71
N LEU G 72 -17.93 3.11 -29.11
CA LEU G 72 -16.77 3.93 -29.48
C LEU G 72 -15.79 3.06 -30.29
N ILE G 73 -15.41 3.52 -31.49
CA ILE G 73 -14.50 2.77 -32.36
C ILE G 73 -13.16 3.50 -32.49
N LEU G 74 -12.07 2.79 -32.16
CA LEU G 74 -10.69 3.25 -32.31
C LEU G 74 -10.08 2.42 -33.45
N PRO G 75 -10.08 2.95 -34.71
CA PRO G 75 -9.63 2.16 -35.87
C PRO G 75 -8.24 1.51 -35.73
N HIS G 76 -7.18 2.31 -35.56
CA HIS G 76 -5.82 1.78 -35.43
C HIS G 76 -5.39 1.90 -33.97
N ALA G 77 -5.76 0.91 -33.16
CA ALA G 77 -5.47 0.87 -31.72
C ALA G 77 -3.98 0.60 -31.48
N THR G 78 -3.33 1.54 -30.77
CA THR G 78 -1.91 1.49 -30.42
C THR G 78 -1.74 1.39 -28.90
N LEU G 79 -0.48 1.28 -28.43
CA LEU G 79 -0.14 1.19 -27.01
C LEU G 79 -0.42 2.52 -26.27
N ARG G 80 -0.49 3.64 -27.02
CA ARG G 80 -0.79 4.97 -26.48
C ARG G 80 -2.28 5.10 -26.13
N ASP G 81 -3.12 4.17 -26.64
CA ASP G 81 -4.56 4.12 -26.40
C ASP G 81 -4.90 3.36 -25.11
N THR G 82 -3.89 2.80 -24.41
CA THR G 82 -4.08 2.09 -23.14
C THR G 82 -4.42 3.14 -22.07
N ALA G 83 -5.73 3.28 -21.78
CA ALA G 83 -6.29 4.25 -20.83
C ALA G 83 -7.66 3.78 -20.31
N VAL G 84 -8.20 4.51 -19.31
CA VAL G 84 -9.53 4.23 -18.76
C VAL G 84 -10.52 5.16 -19.50
N TYR G 85 -11.43 4.56 -20.28
CA TYR G 85 -12.40 5.26 -21.11
C TYR G 85 -13.73 5.43 -20.39
N TYR G 86 -14.17 6.68 -20.25
CA TYR G 86 -15.42 7.03 -19.57
C TYR G 86 -16.48 7.47 -20.56
N CYS G 87 -17.66 6.85 -20.47
CA CYS G 87 -18.83 7.17 -21.28
C CYS G 87 -19.79 7.92 -20.37
N ILE G 88 -19.99 9.23 -20.64
CA ILE G 88 -20.81 10.12 -19.79
C ILE G 88 -21.98 10.69 -20.60
N VAL G 89 -23.14 10.85 -19.93
CA VAL G 89 -24.35 11.44 -20.49
C VAL G 89 -24.40 12.91 -20.05
N TRP G 90 -24.41 13.82 -21.03
CA TRP G 90 -24.40 15.26 -20.80
C TRP G 90 -25.65 15.90 -21.41
N GLY G 91 -26.45 16.55 -20.56
CA GLY G 91 -27.68 17.21 -20.99
C GLY G 91 -28.44 17.83 -19.83
N GLY G 92 -29.04 18.98 -20.10
CA GLY G 92 -29.80 19.74 -19.11
C GLY G 92 -28.90 20.40 -18.09
N ALA G 93 -29.25 20.24 -16.80
CA ALA G 93 -28.54 20.81 -15.63
C ALA G 93 -27.06 20.37 -15.54
N THR G 94 -26.67 19.26 -16.22
CA THR G 94 -25.32 18.68 -16.25
C THR G 94 -24.27 19.74 -16.64
N ASN G 95 -23.45 20.13 -15.64
CA ASN G 95 -22.38 21.12 -15.75
C ASN G 95 -21.09 20.58 -15.11
N LYS G 96 -21.21 19.46 -14.37
CA LYS G 96 -20.09 18.81 -13.68
C LYS G 96 -19.73 17.49 -14.37
N LEU G 97 -18.42 17.21 -14.50
CA LEU G 97 -17.93 15.96 -15.08
C LEU G 97 -17.93 14.87 -14.01
N ILE G 98 -18.86 13.91 -14.13
CA ILE G 98 -18.97 12.80 -13.18
C ILE G 98 -18.47 11.52 -13.86
N PHE G 99 -17.38 10.97 -13.41
CA PHE G 99 -16.85 9.73 -13.97
C PHE G 99 -17.29 8.51 -13.23
N GLY G 100 -17.72 7.51 -13.98
CA GLY G 100 -18.12 6.25 -13.43
C GLY G 100 -16.92 5.34 -13.30
N THR G 101 -17.18 4.05 -13.24
CA THR G 101 -16.10 3.10 -13.14
C THR G 101 -15.19 3.11 -14.38
N GLY G 102 -15.77 3.21 -15.55
CA GLY G 102 -15.04 3.29 -16.81
C GLY G 102 -14.68 1.96 -17.43
N THR G 103 -14.21 1.96 -18.65
CA THR G 103 -13.63 0.76 -19.19
C THR G 103 -12.18 1.01 -19.36
N LEU G 104 -11.35 0.17 -18.77
CA LEU G 104 -9.94 0.30 -18.93
C LEU G 104 -9.55 -0.64 -20.02
N LEU G 105 -9.05 -0.09 -21.10
CA LEU G 105 -8.74 -0.86 -22.25
C LEU G 105 -7.28 -1.07 -22.25
N ALA G 106 -6.86 -2.31 -22.26
CA ALA G 106 -5.45 -2.61 -22.33
C ALA G 106 -5.23 -3.13 -23.68
N VAL G 107 -4.52 -2.40 -24.52
CA VAL G 107 -4.20 -2.90 -25.83
C VAL G 107 -3.00 -3.76 -25.66
N GLN G 108 -3.04 -4.91 -26.28
CA GLN G 108 -2.09 -5.91 -26.00
C GLN G 108 -1.07 -5.91 -27.08
N PRO G 109 0.27 -5.88 -26.65
CA PRO G 109 1.25 -5.83 -27.72
C PRO G 109 1.50 -7.13 -28.50
N ASN G 110 2.08 -7.01 -29.67
CA ASN G 110 2.37 -8.15 -30.53
C ASN G 110 3.84 -8.50 -30.40
N ILE G 111 4.14 -9.53 -29.58
CA ILE G 111 5.49 -10.05 -29.35
C ILE G 111 5.76 -11.07 -30.47
N GLN G 112 6.44 -10.62 -31.54
CA GLN G 112 6.75 -11.43 -32.72
C GLN G 112 7.76 -12.54 -32.41
N ASN G 113 8.79 -12.24 -31.59
CA ASN G 113 9.82 -13.23 -31.27
C ASN G 113 10.03 -13.34 -29.73
N PRO G 114 9.24 -14.20 -29.02
CA PRO G 114 9.43 -14.34 -27.57
C PRO G 114 10.63 -15.25 -27.25
N ASP G 115 11.56 -14.74 -26.42
CA ASP G 115 12.77 -15.45 -26.00
C ASP G 115 13.04 -15.15 -24.50
N PRO G 116 12.34 -15.83 -23.56
CA PRO G 116 12.54 -15.53 -22.13
C PRO G 116 13.98 -15.77 -21.66
N ALA G 117 14.56 -14.77 -20.97
CA ALA G 117 15.93 -14.79 -20.44
C ALA G 117 16.11 -13.79 -19.30
N VAL G 118 17.05 -14.10 -18.37
CA VAL G 118 17.40 -13.26 -17.23
C VAL G 118 18.89 -12.89 -17.36
N TYR G 119 19.18 -11.60 -17.58
CA TYR G 119 20.54 -11.08 -17.74
C TYR G 119 20.97 -10.27 -16.53
N GLN G 120 22.26 -10.32 -16.18
CA GLN G 120 22.82 -9.53 -15.07
C GLN G 120 23.58 -8.33 -15.63
N LEU G 121 23.17 -7.11 -15.22
CA LEU G 121 23.76 -5.85 -15.65
C LEU G 121 24.73 -5.30 -14.59
N ARG G 122 25.73 -4.52 -15.03
CA ARG G 122 26.72 -3.90 -14.15
C ARG G 122 26.59 -2.38 -14.17
N ASP G 123 26.90 -1.73 -13.04
CA ASP G 123 26.86 -0.27 -12.85
C ASP G 123 27.91 0.44 -13.74
N SER G 124 27.52 1.59 -14.32
CA SER G 124 28.39 2.38 -15.19
C SER G 124 29.46 3.12 -14.39
N ASP G 128 29.47 -5.16 -8.69
CA ASP G 128 28.65 -4.58 -7.64
C ASP G 128 28.52 -3.04 -7.82
N LYS G 129 27.30 -2.47 -7.80
CA LYS G 129 26.02 -3.16 -7.63
C LYS G 129 25.49 -3.71 -8.97
N SER G 130 24.76 -4.84 -8.92
CA SER G 130 24.21 -5.51 -10.09
C SER G 130 22.68 -5.64 -10.02
N VAL G 131 22.03 -5.60 -11.20
CA VAL G 131 20.58 -5.73 -11.36
C VAL G 131 20.28 -6.90 -12.32
N CYS G 132 19.07 -7.48 -12.22
CA CYS G 132 18.67 -8.60 -13.06
C CYS G 132 17.48 -8.21 -13.95
N LEU G 133 17.65 -8.41 -15.27
CA LEU G 133 16.65 -8.06 -16.27
C LEU G 133 15.97 -9.30 -16.88
N PHE G 134 14.69 -9.50 -16.56
CA PHE G 134 13.88 -10.57 -17.13
C PHE G 134 13.15 -9.95 -18.31
N THR G 135 13.64 -10.21 -19.53
CA THR G 135 13.10 -9.60 -20.75
C THR G 135 12.77 -10.62 -21.86
N ASP G 136 12.10 -10.12 -22.93
CA ASP G 136 11.66 -10.80 -24.16
C ASP G 136 10.68 -11.98 -23.88
N PHE G 137 10.01 -11.98 -22.72
CA PHE G 137 9.02 -13.00 -22.36
C PHE G 137 7.65 -12.61 -22.96
N ASP G 138 6.78 -13.61 -23.18
CA ASP G 138 5.45 -13.39 -23.76
C ASP G 138 4.49 -12.75 -22.73
N SER G 139 3.43 -12.09 -23.24
CA SER G 139 2.42 -11.37 -22.46
C SER G 139 1.58 -12.29 -21.54
N GLN G 140 1.54 -13.61 -21.84
CA GLN G 140 0.77 -14.61 -21.07
C GLN G 140 1.31 -14.81 -19.65
N THR G 141 2.65 -14.74 -19.47
CA THR G 141 3.29 -14.92 -18.17
C THR G 141 3.18 -13.65 -17.32
N ASN G 142 2.91 -13.81 -16.02
CA ASN G 142 2.74 -12.72 -15.07
C ASN G 142 3.93 -12.62 -14.11
N VAL G 143 4.38 -11.38 -13.84
CA VAL G 143 5.49 -11.09 -12.93
C VAL G 143 4.92 -10.83 -11.53
N SER G 144 5.29 -11.67 -10.55
CA SER G 144 4.83 -11.58 -9.17
C SER G 144 5.91 -10.97 -8.26
N GLN G 145 5.48 -10.31 -7.17
CA GLN G 145 6.35 -9.66 -6.18
C GLN G 145 7.22 -10.68 -5.43
N SER G 146 8.40 -10.22 -4.96
CA SER G 146 9.39 -11.04 -4.26
C SER G 146 8.95 -11.47 -2.86
N LYS G 147 9.35 -12.71 -2.47
CA LYS G 147 9.08 -13.28 -1.15
C LYS G 147 10.00 -12.60 -0.12
N ASP G 148 11.22 -12.22 -0.55
CA ASP G 148 12.20 -11.49 0.24
C ASP G 148 11.96 -9.99 0.04
N SER G 149 11.67 -9.25 1.13
CA SER G 149 11.39 -7.82 1.06
C SER G 149 12.66 -6.97 0.80
N ASP G 150 13.86 -7.56 0.99
CA ASP G 150 15.14 -6.91 0.74
C ASP G 150 15.44 -6.91 -0.77
N VAL G 151 14.72 -7.75 -1.53
CA VAL G 151 14.78 -7.87 -2.99
C VAL G 151 13.59 -7.10 -3.56
N TYR G 152 13.84 -6.18 -4.51
CA TYR G 152 12.77 -5.37 -5.11
C TYR G 152 12.56 -5.77 -6.57
N ILE G 153 11.31 -6.14 -6.92
CA ILE G 153 10.92 -6.53 -8.27
C ILE G 153 9.84 -5.59 -8.79
N THR G 154 10.06 -5.01 -9.98
CA THR G 154 9.12 -4.11 -10.65
C THR G 154 8.15 -4.92 -11.51
N ASP G 155 6.94 -4.38 -11.75
CA ASP G 155 5.92 -5.02 -12.59
C ASP G 155 6.35 -4.96 -14.06
N LYS G 156 5.84 -5.90 -14.88
CA LYS G 156 6.15 -5.98 -16.31
C LYS G 156 5.69 -4.73 -17.06
N CYS G 157 6.61 -4.12 -17.82
CA CYS G 157 6.32 -2.95 -18.63
C CYS G 157 6.72 -3.26 -20.08
N VAL G 158 5.93 -2.77 -21.04
CA VAL G 158 6.16 -3.07 -22.45
C VAL G 158 6.96 -1.94 -23.15
N LEU G 159 8.10 -2.33 -23.69
CA LEU G 159 9.07 -1.55 -24.45
C LEU G 159 8.64 -1.54 -25.93
N ASP G 160 8.78 -0.40 -26.64
CA ASP G 160 8.42 -0.33 -28.06
C ASP G 160 9.48 0.44 -28.87
N MET G 161 10.24 -0.30 -29.70
CA MET G 161 11.24 0.23 -30.60
C MET G 161 10.59 0.47 -31.96
N ARG G 162 10.15 1.70 -32.22
CA ARG G 162 9.47 2.10 -33.46
C ARG G 162 10.43 2.03 -34.67
N SER G 163 11.73 2.29 -34.43
CA SER G 163 12.79 2.27 -35.44
C SER G 163 13.09 0.86 -35.97
N MET G 164 12.97 -0.16 -35.09
CA MET G 164 13.24 -1.56 -35.43
C MET G 164 11.95 -2.38 -35.59
N ASP G 165 10.77 -1.77 -35.27
CA ASP G 165 9.42 -2.36 -35.32
C ASP G 165 9.37 -3.65 -34.45
N PHE G 166 9.91 -3.54 -33.21
CA PHE G 166 9.97 -4.63 -32.24
C PHE G 166 9.44 -4.18 -30.89
N LYS G 167 8.68 -5.06 -30.22
CA LYS G 167 8.09 -4.82 -28.90
C LYS G 167 8.41 -5.96 -27.95
N SER G 168 8.79 -5.62 -26.70
CA SER G 168 9.16 -6.61 -25.68
C SER G 168 8.72 -6.21 -24.27
N ASN G 169 8.44 -7.23 -23.43
CA ASN G 169 8.06 -7.05 -22.03
C ASN G 169 9.31 -7.19 -21.14
N SER G 170 9.41 -6.41 -20.06
CA SER G 170 10.59 -6.44 -19.19
C SER G 170 10.27 -6.17 -17.71
N ALA G 171 11.05 -6.81 -16.82
CA ALA G 171 10.98 -6.69 -15.37
C ALA G 171 12.39 -6.49 -14.79
N VAL G 172 12.51 -5.66 -13.73
CA VAL G 172 13.80 -5.36 -13.09
C VAL G 172 13.79 -5.84 -11.63
N ALA G 173 14.87 -6.54 -11.22
CA ALA G 173 15.07 -7.05 -9.86
C ALA G 173 16.43 -6.61 -9.33
N TRP G 174 16.48 -6.11 -8.08
CA TRP G 174 17.72 -5.64 -7.45
C TRP G 174 17.69 -5.77 -5.92
N SER G 175 18.88 -5.95 -5.30
CA SER G 175 19.08 -6.06 -3.86
C SER G 175 20.54 -5.77 -3.49
N ASN G 176 20.74 -5.06 -2.37
CA ASN G 176 22.07 -4.70 -1.85
C ASN G 176 22.60 -5.78 -0.89
N LYS G 177 21.79 -6.82 -0.63
CA LYS G 177 22.11 -7.95 0.26
C LYS G 177 23.29 -8.77 -0.26
N SER G 178 24.18 -9.17 0.67
CA SER G 178 25.36 -9.97 0.38
C SER G 178 25.10 -11.45 0.75
N ASP G 179 25.00 -12.35 -0.24
CA ASP G 179 25.14 -12.06 -1.67
C ASP G 179 23.85 -12.40 -2.43
N PHE G 180 23.42 -11.48 -3.33
CA PHE G 180 22.22 -11.62 -4.14
C PHE G 180 22.52 -12.43 -5.41
N ALA G 181 21.68 -13.47 -5.67
CA ALA G 181 21.79 -14.35 -6.82
C ALA G 181 20.81 -13.96 -7.92
N CYS G 182 21.28 -13.96 -9.18
CA CYS G 182 20.48 -13.59 -10.35
C CYS G 182 19.60 -14.75 -10.83
N ALA G 183 20.02 -16.00 -10.55
CA ALA G 183 19.29 -17.22 -10.93
C ALA G 183 18.06 -17.46 -10.06
N ASN G 184 18.10 -17.01 -8.78
CA ASN G 184 17.01 -17.18 -7.81
C ASN G 184 16.24 -15.87 -7.57
N ALA G 185 16.42 -14.86 -8.44
CA ALA G 185 15.77 -13.56 -8.35
C ALA G 185 14.28 -13.62 -8.70
N PHE G 186 13.92 -14.32 -9.80
CA PHE G 186 12.54 -14.45 -10.27
C PHE G 186 12.00 -15.87 -10.02
N ASN G 187 12.13 -16.35 -8.77
CA ASN G 187 11.68 -17.69 -8.36
C ASN G 187 10.18 -17.70 -8.03
N ASN G 188 9.68 -16.63 -7.38
CA ASN G 188 8.30 -16.47 -6.94
C ASN G 188 7.36 -15.92 -8.05
N SER G 189 7.87 -15.74 -9.29
CA SER G 189 7.09 -15.19 -10.41
C SER G 189 5.94 -16.14 -10.91
N ILE G 190 6.17 -17.35 -11.48
CA ILE G 190 7.43 -18.05 -11.79
C ILE G 190 7.68 -18.05 -13.30
N ILE G 191 8.95 -17.85 -13.70
CA ILE G 191 9.45 -17.78 -15.08
C ILE G 191 9.20 -19.11 -15.84
N PRO G 192 9.05 -19.10 -17.20
CA PRO G 192 8.83 -20.36 -17.93
C PRO G 192 10.06 -21.29 -17.92
N GLU G 193 9.85 -22.56 -18.36
CA GLU G 193 10.89 -23.59 -18.41
C GLU G 193 12.04 -23.28 -19.37
N ASP G 194 11.76 -22.57 -20.49
CA ASP G 194 12.75 -22.24 -21.52
C ASP G 194 13.48 -20.89 -21.23
N THR G 195 13.56 -20.46 -19.96
CA THR G 195 14.25 -19.23 -19.55
C THR G 195 15.77 -19.46 -19.58
N PHE G 196 16.50 -18.55 -20.26
CA PHE G 196 17.96 -18.61 -20.42
C PHE G 196 18.68 -17.87 -19.29
N PHE G 197 19.75 -18.50 -18.77
CA PHE G 197 20.61 -17.99 -17.70
C PHE G 197 22.09 -18.15 -18.11
N PRO G 198 22.81 -17.04 -18.43
CA PRO G 198 24.22 -17.17 -18.84
C PRO G 198 25.15 -17.42 -17.66
N GLY H 1 -5.35 24.79 -25.59
CA GLY H 1 -4.70 24.08 -24.50
C GLY H 1 -4.76 24.83 -23.18
N VAL H 2 -5.26 24.15 -22.12
CA VAL H 2 -5.40 24.70 -20.77
C VAL H 2 -4.06 24.55 -20.05
N SER H 3 -3.53 25.67 -19.50
CA SER H 3 -2.27 25.69 -18.76
C SER H 3 -2.53 25.69 -17.25
N GLN H 4 -1.63 25.04 -16.49
CA GLN H 4 -1.70 24.94 -15.03
C GLN H 4 -0.30 25.05 -14.42
N SER H 5 -0.17 25.90 -13.38
CA SER H 5 1.10 26.11 -12.67
C SER H 5 0.90 26.11 -11.15
N PRO H 6 1.73 25.39 -10.37
CA PRO H 6 2.87 24.55 -10.80
C PRO H 6 2.42 23.13 -11.21
N SER H 7 3.34 22.35 -11.79
CA SER H 7 3.07 20.98 -12.22
C SER H 7 2.91 20.08 -10.99
N ASN H 8 3.85 20.21 -10.04
CA ASN H 8 3.87 19.48 -8.78
C ASN H 8 4.12 20.44 -7.61
N LYS H 9 3.57 20.14 -6.43
CA LYS H 9 3.75 20.97 -5.24
C LYS H 9 3.85 20.08 -4.00
N VAL H 10 4.97 20.21 -3.27
CA VAL H 10 5.25 19.50 -2.03
C VAL H 10 5.32 20.54 -0.91
N THR H 11 4.42 20.41 0.08
CA THR H 11 4.33 21.36 1.20
C THR H 11 4.15 20.65 2.54
N GLU H 12 4.34 21.40 3.64
CA GLU H 12 4.17 20.95 5.02
C GLU H 12 2.75 21.27 5.48
N LYS H 13 2.24 20.57 6.52
CA LYS H 13 0.89 20.80 7.06
C LYS H 13 0.83 22.17 7.76
N GLY H 14 -0.25 22.90 7.51
CA GLY H 14 -0.47 24.23 8.07
C GLY H 14 -0.10 25.37 7.14
N LYS H 15 0.69 25.07 6.10
CA LYS H 15 1.14 26.03 5.10
C LYS H 15 0.02 26.32 4.09
N ASP H 16 0.04 27.50 3.45
CA ASP H 16 -0.95 27.90 2.46
C ASP H 16 -0.39 27.68 1.06
N VAL H 17 -1.22 27.16 0.13
CA VAL H 17 -0.80 26.91 -1.26
C VAL H 17 -1.69 27.71 -2.23
N GLU H 18 -1.10 28.11 -3.37
CA GLU H 18 -1.77 28.87 -4.42
C GLU H 18 -1.61 28.13 -5.76
N LEU H 19 -2.73 27.60 -6.29
CA LEU H 19 -2.75 26.85 -7.55
C LEU H 19 -3.35 27.72 -8.65
N ARG H 20 -2.59 27.92 -9.74
CA ARG H 20 -2.96 28.78 -10.87
C ARG H 20 -3.41 27.96 -12.09
N CYS H 21 -4.39 28.49 -12.85
CA CYS H 21 -4.92 27.88 -14.07
C CYS H 21 -5.20 28.94 -15.14
N ASP H 22 -4.62 28.75 -16.33
CA ASP H 22 -4.80 29.61 -17.50
C ASP H 22 -5.67 28.85 -18.52
N PRO H 23 -6.89 29.33 -18.83
CA PRO H 23 -7.75 28.58 -19.77
C PRO H 23 -7.45 28.88 -21.25
N ILE H 24 -8.22 28.24 -22.15
CA ILE H 24 -8.14 28.42 -23.60
C ILE H 24 -8.67 29.83 -23.93
N SER H 25 -8.08 30.49 -24.95
CA SER H 25 -8.48 31.82 -25.40
C SER H 25 -9.94 31.81 -25.88
N GLY H 26 -10.74 32.72 -25.31
CA GLY H 26 -12.16 32.85 -25.63
C GLY H 26 -13.11 32.15 -24.68
N HIS H 27 -12.61 31.15 -23.93
CA HIS H 27 -13.39 30.37 -22.97
C HIS H 27 -13.72 31.22 -21.73
N THR H 28 -15.01 31.42 -21.45
CA THR H 28 -15.48 32.25 -20.33
C THR H 28 -15.84 31.41 -19.10
N ALA H 29 -15.94 30.08 -19.24
CA ALA H 29 -16.24 29.19 -18.12
C ALA H 29 -15.01 28.41 -17.68
N LEU H 30 -14.73 28.43 -16.37
CA LEU H 30 -13.61 27.73 -15.74
C LEU H 30 -14.14 26.76 -14.68
N TYR H 31 -13.51 25.59 -14.56
CA TYR H 31 -13.92 24.52 -13.64
C TYR H 31 -12.76 24.00 -12.81
N TRP H 32 -12.96 23.87 -11.49
CA TRP H 32 -11.94 23.35 -10.57
C TRP H 32 -12.36 21.97 -10.05
N TYR H 33 -11.51 20.97 -10.30
CA TYR H 33 -11.72 19.58 -9.88
C TYR H 33 -10.59 19.09 -9.00
N ARG H 34 -10.87 18.01 -8.23
CA ARG H 34 -9.95 17.33 -7.32
C ARG H 34 -10.03 15.84 -7.62
N GLN H 35 -8.87 15.16 -7.74
CA GLN H 35 -8.85 13.72 -8.04
C GLN H 35 -7.81 12.97 -7.22
N SER H 36 -8.24 11.85 -6.60
CA SER H 36 -7.40 10.96 -5.80
C SER H 36 -7.14 9.65 -6.56
N LEU H 37 -6.01 8.98 -6.29
CA LEU H 37 -5.60 7.73 -6.95
C LEU H 37 -6.63 6.62 -6.71
N GLY H 38 -7.11 6.04 -7.82
CA GLY H 38 -8.11 4.97 -7.82
C GLY H 38 -9.51 5.45 -7.49
N GLN H 39 -9.79 6.75 -7.70
CA GLN H 39 -11.09 7.37 -7.43
C GLN H 39 -11.47 8.37 -8.53
N GLY H 40 -12.77 8.65 -8.65
CA GLY H 40 -13.32 9.56 -9.64
C GLY H 40 -13.04 11.04 -9.45
N LEU H 41 -13.59 11.86 -10.35
CA LEU H 41 -13.45 13.32 -10.37
C LEU H 41 -14.38 13.97 -9.35
N GLU H 42 -13.81 14.76 -8.42
CA GLU H 42 -14.56 15.47 -7.38
C GLU H 42 -14.63 16.96 -7.71
N PHE H 43 -15.85 17.50 -7.88
CA PHE H 43 -16.08 18.90 -8.20
C PHE H 43 -15.84 19.77 -6.97
N LEU H 44 -15.22 20.95 -7.18
CA LEU H 44 -14.92 21.90 -6.11
C LEU H 44 -15.70 23.21 -6.30
N ILE H 45 -15.41 23.96 -7.38
CA ILE H 45 -16.03 25.25 -7.70
C ILE H 45 -15.88 25.53 -9.22
N TYR H 46 -16.78 26.37 -9.77
CA TYR H 46 -16.73 26.76 -11.18
C TYR H 46 -17.09 28.25 -11.32
N PHE H 47 -16.55 28.89 -12.37
CA PHE H 47 -16.77 30.31 -12.66
C PHE H 47 -17.41 30.54 -14.02
N GLN H 48 -18.24 31.60 -14.12
CA GLN H 48 -18.88 32.05 -15.36
C GLN H 48 -18.57 33.54 -15.49
N GLY H 49 -17.47 33.82 -16.17
CA GLY H 49 -16.95 35.17 -16.36
C GLY H 49 -15.98 35.53 -15.25
N ASN H 50 -16.52 36.10 -14.16
CA ASN H 50 -15.76 36.51 -12.98
C ASN H 50 -16.45 36.04 -11.68
N SER H 51 -17.75 35.73 -11.75
CA SER H 51 -18.57 35.29 -10.62
C SER H 51 -18.70 33.78 -10.56
N ALA H 52 -18.72 33.22 -9.33
CA ALA H 52 -18.87 31.78 -9.08
C ALA H 52 -20.34 31.46 -8.73
N PRO H 53 -21.11 30.82 -9.65
CA PRO H 53 -22.53 30.54 -9.35
C PRO H 53 -22.72 29.44 -8.30
N ASP H 54 -21.89 28.38 -8.32
CA ASP H 54 -21.98 27.29 -7.37
C ASP H 54 -20.74 27.23 -6.47
N LYS H 55 -20.90 27.69 -5.22
CA LYS H 55 -19.84 27.72 -4.20
C LYS H 55 -19.69 26.34 -3.56
N SER H 56 -20.75 25.51 -3.59
CA SER H 56 -20.77 24.16 -3.03
C SER H 56 -19.79 23.24 -3.78
N GLY H 57 -19.30 22.23 -3.08
CA GLY H 57 -18.33 21.28 -3.61
C GLY H 57 -16.99 21.38 -2.90
N LEU H 58 -16.70 22.57 -2.33
CA LEU H 58 -15.48 22.85 -1.56
C LEU H 58 -15.53 22.07 -0.23
N PRO H 59 -14.47 21.32 0.13
CA PRO H 59 -14.51 20.51 1.37
C PRO H 59 -14.68 21.33 2.65
N SER H 60 -14.08 22.53 2.74
CA SER H 60 -14.15 23.39 3.93
C SER H 60 -14.01 24.88 3.59
N ASP H 61 -14.03 25.74 4.64
CA ASP H 61 -13.86 27.20 4.55
C ASP H 61 -12.41 27.56 4.16
N ARG H 62 -11.47 26.61 4.35
CA ARG H 62 -10.05 26.70 4.03
C ARG H 62 -9.85 26.83 2.51
N PHE H 63 -10.70 26.14 1.73
CA PHE H 63 -10.67 26.15 0.27
C PHE H 63 -11.36 27.40 -0.27
N SER H 64 -10.67 28.13 -1.15
CA SER H 64 -11.16 29.36 -1.77
C SER H 64 -10.64 29.49 -3.20
N ALA H 65 -11.41 30.18 -4.06
CA ALA H 65 -11.04 30.42 -5.46
C ALA H 65 -11.39 31.83 -5.89
N GLU H 66 -10.52 32.43 -6.71
CA GLU H 66 -10.68 33.79 -7.21
C GLU H 66 -10.35 33.89 -8.70
N ARG H 67 -11.18 34.64 -9.45
CA ARG H 67 -11.03 34.90 -10.88
C ARG H 67 -11.42 36.37 -11.14
N THR H 68 -10.58 37.30 -10.65
CA THR H 68 -10.76 38.75 -10.76
C THR H 68 -10.60 39.21 -12.22
N GLY H 69 -9.73 38.51 -12.97
CA GLY H 69 -9.40 38.72 -14.38
C GLY H 69 -10.45 39.39 -15.25
N GLY H 70 -11.54 38.69 -15.62
CA GLY H 70 -11.83 37.31 -15.26
C GLY H 70 -11.45 36.30 -16.32
N SER H 71 -10.16 35.91 -16.34
CA SER H 71 -9.60 34.94 -17.28
C SER H 71 -8.83 33.86 -16.50
N VAL H 72 -7.66 34.22 -15.92
CA VAL H 72 -6.82 33.33 -15.13
C VAL H 72 -7.43 33.19 -13.74
N SER H 73 -7.60 31.94 -13.26
CA SER H 73 -8.17 31.66 -11.94
C SER H 73 -7.16 31.01 -11.01
N THR H 74 -7.20 31.40 -9.72
CA THR H 74 -6.32 30.87 -8.68
C THR H 74 -7.13 30.21 -7.58
N LEU H 75 -6.74 28.99 -7.18
CA LEU H 75 -7.36 28.23 -6.11
C LEU H 75 -6.40 28.22 -4.91
N THR H 76 -6.86 28.77 -3.77
CA THR H 76 -6.05 28.87 -2.55
C THR H 76 -6.57 27.90 -1.48
N ILE H 77 -5.64 27.15 -0.85
CA ILE H 77 -5.93 26.21 0.23
C ILE H 77 -5.10 26.63 1.44
N GLN H 78 -5.73 27.30 2.43
CA GLN H 78 -5.05 27.76 3.64
C GLN H 78 -5.05 26.66 4.71
N ARG H 79 -3.99 26.61 5.54
CA ARG H 79 -3.77 25.63 6.61
C ARG H 79 -3.99 24.20 6.09
N THR H 80 -3.21 23.82 5.06
CA THR H 80 -3.29 22.52 4.38
C THR H 80 -3.14 21.34 5.33
N GLN H 81 -3.94 20.29 5.09
CA GLN H 81 -3.97 19.04 5.86
C GLN H 81 -3.57 17.87 4.94
N GLN H 82 -3.21 16.71 5.53
CA GLN H 82 -2.81 15.49 4.81
C GLN H 82 -3.93 15.00 3.86
N GLU H 83 -5.21 15.20 4.25
CA GLU H 83 -6.40 14.81 3.47
C GLU H 83 -6.58 15.68 2.20
N ASP H 84 -5.93 16.85 2.12
CA ASP H 84 -6.01 17.78 0.99
C ASP H 84 -5.09 17.35 -0.18
N SER H 85 -4.20 16.36 0.07
CA SER H 85 -3.27 15.83 -0.94
C SER H 85 -4.02 15.08 -2.02
N ALA H 86 -3.97 15.61 -3.26
CA ALA H 86 -4.62 15.08 -4.47
C ALA H 86 -4.13 15.81 -5.73
N VAL H 87 -4.54 15.32 -6.91
CA VAL H 87 -4.21 15.96 -8.19
C VAL H 87 -5.36 16.94 -8.48
N TYR H 88 -5.05 18.23 -8.49
CA TYR H 88 -6.03 19.30 -8.72
C TYR H 88 -6.07 19.64 -10.20
N LEU H 89 -7.16 19.25 -10.87
CA LEU H 89 -7.38 19.42 -12.30
C LEU H 89 -8.26 20.62 -12.60
N CYS H 90 -7.94 21.33 -13.69
CA CYS H 90 -8.66 22.51 -14.14
C CYS H 90 -9.23 22.26 -15.55
N ALA H 91 -10.52 22.60 -15.76
CA ALA H 91 -11.24 22.43 -17.02
C ALA H 91 -11.83 23.75 -17.52
N SER H 92 -12.02 23.88 -18.85
CA SER H 92 -12.60 25.09 -19.44
C SER H 92 -13.49 24.80 -20.67
N SER H 93 -14.51 25.66 -20.86
CA SER H 93 -15.48 25.65 -21.97
C SER H 93 -15.82 27.09 -22.36
N VAL H 94 -16.35 27.31 -23.58
CA VAL H 94 -16.74 28.65 -24.10
C VAL H 94 -17.69 29.37 -23.14
N ARG H 95 -18.62 28.60 -22.52
CA ARG H 95 -19.59 29.00 -21.50
C ARG H 95 -20.11 27.73 -20.80
N SER H 96 -20.90 27.86 -19.72
CA SER H 96 -21.44 26.73 -18.94
C SER H 96 -22.22 25.73 -19.81
N THR H 97 -22.18 24.43 -19.42
CA THR H 97 -22.81 23.26 -20.04
C THR H 97 -22.21 22.92 -21.45
N ASP H 98 -21.07 23.54 -21.82
CA ASP H 98 -20.38 23.28 -23.08
C ASP H 98 -19.21 22.32 -22.86
N THR H 99 -18.66 21.74 -23.97
CA THR H 99 -17.55 20.77 -23.96
C THR H 99 -16.38 21.29 -23.14
N GLN H 100 -16.01 20.52 -22.09
CA GLN H 100 -14.92 20.84 -21.18
C GLN H 100 -13.61 20.20 -21.62
N TYR H 101 -12.54 21.01 -21.64
CA TYR H 101 -11.18 20.60 -21.99
C TYR H 101 -10.31 20.79 -20.74
N PHE H 102 -9.64 19.72 -20.31
CA PHE H 102 -8.83 19.70 -19.08
C PHE H 102 -7.36 20.07 -19.30
N GLY H 103 -6.74 20.56 -18.23
CA GLY H 103 -5.32 20.91 -18.20
C GLY H 103 -4.45 19.74 -17.79
N PRO H 104 -3.12 19.96 -17.58
CA PRO H 104 -2.25 18.83 -17.19
C PRO H 104 -2.43 18.40 -15.74
N GLY H 105 -2.91 19.32 -14.90
CA GLY H 105 -3.14 19.08 -13.48
C GLY H 105 -2.04 19.62 -12.59
N THR H 106 -2.28 19.58 -11.28
CA THR H 106 -1.33 20.01 -10.24
C THR H 106 -1.33 18.95 -9.16
N ARG H 107 -0.24 18.18 -9.04
CA ARG H 107 -0.16 17.15 -8.01
C ARG H 107 0.30 17.79 -6.71
N LEU H 108 -0.58 17.75 -5.70
CA LEU H 108 -0.31 18.33 -4.39
C LEU H 108 -0.11 17.23 -3.34
N THR H 109 0.94 17.39 -2.53
CA THR H 109 1.27 16.48 -1.43
C THR H 109 1.58 17.32 -0.19
N VAL H 110 0.79 17.09 0.87
CA VAL H 110 0.89 17.76 2.15
C VAL H 110 1.47 16.74 3.14
N LEU H 111 2.55 17.11 3.84
CA LEU H 111 3.24 16.22 4.77
C LEU H 111 3.24 16.76 6.21
N GLU H 112 3.31 15.85 7.20
CA GLU H 112 3.35 16.20 8.62
C GLU H 112 4.68 16.88 8.98
N ASP H 113 5.80 16.33 8.45
CA ASP H 113 7.15 16.88 8.65
C ASP H 113 7.97 16.74 7.37
N LEU H 114 8.87 17.72 7.14
CA LEU H 114 9.73 17.76 5.95
C LEU H 114 11.07 17.02 6.17
N LYS H 115 11.26 16.44 7.38
CA LYS H 115 12.46 15.69 7.79
C LYS H 115 12.66 14.42 6.97
N ASN H 116 11.55 13.76 6.57
CA ASN H 116 11.56 12.50 5.80
C ASN H 116 11.59 12.73 4.27
N VAL H 117 11.75 13.99 3.81
CA VAL H 117 11.85 14.33 2.38
C VAL H 117 13.30 14.07 1.92
N PHE H 118 13.49 13.23 0.88
CA PHE H 118 14.81 12.88 0.37
C PHE H 118 14.91 12.94 -1.15
N PRO H 119 16.04 13.41 -1.74
CA PRO H 119 16.17 13.41 -3.21
C PRO H 119 16.50 12.00 -3.74
N PRO H 120 16.31 11.67 -5.03
CA PRO H 120 16.61 10.31 -5.49
C PRO H 120 18.09 10.07 -5.80
N GLU H 121 18.52 8.81 -5.63
CA GLU H 121 19.85 8.32 -5.95
C GLU H 121 19.74 7.63 -7.31
N VAL H 122 20.17 8.32 -8.37
CA VAL H 122 20.05 7.84 -9.74
C VAL H 122 21.33 7.13 -10.19
N ALA H 123 21.18 5.88 -10.64
CA ALA H 123 22.27 5.03 -11.13
C ALA H 123 21.88 4.39 -12.46
N VAL H 124 22.80 4.40 -13.44
CA VAL H 124 22.58 3.81 -14.76
C VAL H 124 23.42 2.51 -14.85
N PHE H 125 22.78 1.43 -15.33
CA PHE H 125 23.39 0.10 -15.46
C PHE H 125 23.61 -0.24 -16.93
N GLU H 126 24.89 -0.46 -17.31
CA GLU H 126 25.32 -0.79 -18.67
C GLU H 126 24.80 -2.17 -19.11
N PRO H 127 24.37 -2.33 -20.39
CA PRO H 127 23.82 -3.63 -20.84
C PRO H 127 24.80 -4.80 -20.74
N SER H 128 24.26 -6.00 -20.47
CA SER H 128 24.99 -7.25 -20.36
C SER H 128 25.56 -7.66 -21.71
N GLU H 129 26.82 -8.17 -21.72
CA GLU H 129 27.52 -8.60 -22.93
C GLU H 129 26.86 -9.84 -23.54
N ALA H 130 26.19 -10.65 -22.69
CA ALA H 130 25.45 -11.85 -23.09
C ALA H 130 24.21 -11.48 -23.92
N GLU H 131 23.54 -10.37 -23.55
CA GLU H 131 22.34 -9.84 -24.22
C GLU H 131 22.67 -9.32 -25.62
N ILE H 132 23.81 -8.64 -25.77
CA ILE H 132 24.29 -8.06 -27.05
C ILE H 132 24.55 -9.19 -28.07
N SER H 133 25.11 -10.32 -27.62
CA SER H 133 25.43 -11.47 -28.46
C SER H 133 24.21 -12.36 -28.75
N HIS H 134 23.25 -12.45 -27.80
CA HIS H 134 22.07 -13.31 -27.90
C HIS H 134 20.93 -12.74 -28.76
N THR H 135 20.47 -11.49 -28.47
CA THR H 135 19.33 -10.89 -29.18
C THR H 135 19.73 -9.75 -30.15
N GLN H 136 21.04 -9.41 -30.24
CA GLN H 136 21.61 -8.35 -31.09
C GLN H 136 20.99 -6.97 -30.74
N LYS H 137 20.60 -6.81 -29.46
CA LYS H 137 20.01 -5.61 -28.86
C LYS H 137 20.60 -5.39 -27.48
N ALA H 138 20.75 -4.12 -27.08
CA ALA H 138 21.31 -3.75 -25.78
C ALA H 138 20.31 -2.92 -24.97
N THR H 139 20.00 -3.39 -23.75
CA THR H 139 19.05 -2.72 -22.85
C THR H 139 19.80 -2.20 -21.62
N LEU H 140 19.74 -0.88 -21.39
CA LEU H 140 20.37 -0.24 -20.25
C LEU H 140 19.30 0.22 -19.26
N VAL H 141 19.45 -0.17 -17.99
CA VAL H 141 18.49 0.10 -16.91
C VAL H 141 18.93 1.31 -16.06
N CYS H 142 17.94 2.13 -15.67
CA CYS H 142 18.13 3.29 -14.82
C CYS H 142 17.38 3.07 -13.52
N LEU H 143 18.01 3.38 -12.37
CA LEU H 143 17.36 3.17 -11.09
C LEU H 143 17.42 4.40 -10.19
N ALA H 144 16.24 4.98 -9.92
CA ALA H 144 16.06 6.11 -9.01
C ALA H 144 15.53 5.55 -7.70
N THR H 145 16.35 5.59 -6.64
CA THR H 145 16.02 4.99 -5.35
C THR H 145 16.20 5.94 -4.17
N GLY H 146 15.46 5.67 -3.10
CA GLY H 146 15.49 6.42 -1.85
C GLY H 146 14.96 7.83 -1.91
N PHE H 147 13.87 8.04 -2.66
CA PHE H 147 13.26 9.37 -2.78
C PHE H 147 11.90 9.42 -2.09
N TYR H 148 11.55 10.61 -1.56
CA TYR H 148 10.27 10.86 -0.88
C TYR H 148 9.88 12.34 -1.00
N PRO H 149 8.65 12.68 -1.44
CA PRO H 149 7.57 11.78 -1.91
C PRO H 149 7.75 11.39 -3.38
N ASP H 150 6.84 10.56 -3.92
CA ASP H 150 6.90 10.10 -5.31
C ASP H 150 6.49 11.21 -6.31
N HIS H 151 7.36 12.22 -6.45
CA HIS H 151 7.19 13.36 -7.36
C HIS H 151 8.39 13.42 -8.30
N VAL H 152 8.54 12.38 -9.14
CA VAL H 152 9.66 12.27 -10.08
C VAL H 152 9.18 12.19 -11.54
N GLU H 153 10.00 12.74 -12.44
CA GLU H 153 9.78 12.73 -13.89
C GLU H 153 11.03 12.15 -14.55
N LEU H 154 10.96 10.87 -14.94
CA LEU H 154 12.08 10.20 -15.58
C LEU H 154 12.05 10.37 -17.09
N SER H 155 13.18 10.81 -17.67
CA SER H 155 13.35 11.03 -19.10
C SER H 155 14.72 10.54 -19.55
N TRP H 156 14.78 9.88 -20.72
CA TRP H 156 16.01 9.36 -21.30
C TRP H 156 16.53 10.33 -22.37
N TRP H 157 17.81 10.73 -22.24
CA TRP H 157 18.44 11.67 -23.16
C TRP H 157 19.63 11.04 -23.88
N VAL H 158 19.49 10.82 -25.19
CA VAL H 158 20.53 10.24 -26.05
C VAL H 158 21.10 11.36 -26.94
N ASN H 159 22.41 11.64 -26.79
CA ASN H 159 23.19 12.66 -27.50
C ASN H 159 22.57 14.07 -27.34
N GLY H 160 22.19 14.39 -26.10
CA GLY H 160 21.60 15.67 -25.71
C GLY H 160 20.17 15.92 -26.18
N LYS H 161 19.47 14.86 -26.61
CA LYS H 161 18.09 14.94 -27.10
C LYS H 161 17.23 13.86 -26.43
N GLU H 162 16.02 14.23 -25.96
CA GLU H 162 15.10 13.32 -25.28
C GLU H 162 14.53 12.28 -26.25
N VAL H 163 14.57 11.01 -25.85
CA VAL H 163 14.08 9.89 -26.67
C VAL H 163 12.83 9.26 -26.04
N HIS H 164 11.86 8.89 -26.89
CA HIS H 164 10.61 8.26 -26.50
C HIS H 164 10.53 6.83 -27.06
N SER H 165 11.10 6.60 -28.26
CA SER H 165 11.14 5.29 -28.91
C SER H 165 12.17 4.39 -28.22
N GLY H 166 11.73 3.18 -27.86
CA GLY H 166 12.55 2.19 -27.17
C GLY H 166 12.80 2.53 -25.73
N VAL H 167 11.84 3.24 -25.09
CA VAL H 167 11.89 3.69 -23.70
C VAL H 167 10.65 3.17 -22.95
N CYS H 168 10.85 2.62 -21.74
CA CYS H 168 9.78 2.14 -20.89
C CYS H 168 10.07 2.47 -19.42
N THR H 169 9.17 3.24 -18.79
CA THR H 169 9.27 3.64 -17.39
C THR H 169 8.04 3.14 -16.63
N ASP H 170 8.23 2.73 -15.36
CA ASP H 170 7.15 2.25 -14.49
C ASP H 170 6.13 3.36 -14.20
N PRO H 171 4.81 3.09 -14.33
CA PRO H 171 3.82 4.15 -14.10
C PRO H 171 3.70 4.56 -12.64
N GLN H 172 3.93 3.61 -11.71
CA GLN H 172 3.85 3.85 -10.28
C GLN H 172 5.09 3.30 -9.57
N PRO H 173 5.75 4.10 -8.70
CA PRO H 173 6.95 3.59 -7.99
C PRO H 173 6.56 2.65 -6.85
N LEU H 174 7.53 1.84 -6.38
CA LEU H 174 7.31 0.89 -5.28
C LEU H 174 7.92 1.40 -3.98
N LYS H 175 7.24 1.12 -2.85
CA LYS H 175 7.70 1.50 -1.52
C LYS H 175 8.81 0.55 -1.07
N GLU H 176 9.95 1.10 -0.61
CA GLU H 176 11.09 0.29 -0.14
C GLU H 176 10.73 -0.43 1.16
N GLN H 177 9.98 0.25 2.05
CA GLN H 177 9.49 -0.29 3.32
C GLN H 177 7.95 -0.19 3.33
N PRO H 178 7.21 -1.15 2.72
CA PRO H 178 5.74 -1.06 2.66
C PRO H 178 5.02 -0.92 4.01
N ALA H 179 5.65 -1.36 5.11
CA ALA H 179 5.11 -1.28 6.46
C ALA H 179 5.05 0.17 6.97
N LEU H 180 6.02 1.00 6.57
CA LEU H 180 6.15 2.41 6.96
C LEU H 180 5.22 3.32 6.15
N ASN H 181 4.64 4.34 6.83
CA ASN H 181 3.73 5.32 6.23
C ASN H 181 4.52 6.30 5.33
N ASP H 182 5.66 6.81 5.84
CA ASP H 182 6.55 7.73 5.13
C ASP H 182 7.71 6.92 4.50
N SER H 183 7.34 5.89 3.71
CA SER H 183 8.28 4.99 3.05
C SER H 183 8.91 5.61 1.81
N ARG H 184 10.23 5.44 1.66
CA ARG H 184 11.00 5.93 0.51
C ARG H 184 10.66 5.10 -0.73
N TYR H 185 10.46 5.76 -1.87
CA TYR H 185 10.06 5.11 -3.12
C TYR H 185 11.26 4.76 -4.01
N ALA H 186 11.03 3.84 -4.97
CA ALA H 186 12.00 3.36 -5.96
C ALA H 186 11.33 3.23 -7.32
N LEU H 187 12.01 3.71 -8.38
CA LEU H 187 11.50 3.67 -9.76
C LEU H 187 12.59 3.23 -10.74
N SER H 188 12.21 2.39 -11.73
CA SER H 188 13.14 1.89 -12.75
C SER H 188 12.65 2.21 -14.17
N SER H 189 13.61 2.35 -15.10
CA SER H 189 13.35 2.63 -16.50
C SER H 189 14.33 1.88 -17.39
N ARG H 190 13.88 1.52 -18.61
CA ARG H 190 14.69 0.78 -19.57
C ARG H 190 14.77 1.51 -20.90
N LEU H 191 15.98 1.52 -21.50
CA LEU H 191 16.25 2.08 -22.81
C LEU H 191 16.89 1.00 -23.67
N ARG H 192 16.17 0.57 -24.73
CA ARG H 192 16.67 -0.46 -25.62
C ARG H 192 17.10 0.15 -26.93
N VAL H 193 18.34 -0.13 -27.33
CA VAL H 193 18.98 0.33 -28.57
C VAL H 193 19.61 -0.88 -29.27
N SER H 194 19.90 -0.75 -30.59
CA SER H 194 20.53 -1.83 -31.37
C SER H 194 21.97 -2.05 -30.90
N ALA H 195 22.49 -3.28 -31.07
CA ALA H 195 23.85 -3.68 -30.68
C ALA H 195 24.92 -2.77 -31.31
N THR H 196 24.70 -2.35 -32.57
CA THR H 196 25.60 -1.48 -33.34
C THR H 196 25.66 -0.07 -32.71
N PHE H 197 24.51 0.45 -32.24
CA PHE H 197 24.38 1.78 -31.63
C PHE H 197 25.10 1.85 -30.28
N TRP H 198 24.98 0.78 -29.45
CA TRP H 198 25.62 0.70 -28.14
C TRP H 198 27.13 0.50 -28.26
N GLN H 199 27.58 -0.35 -29.22
CA GLN H 199 29.01 -0.65 -29.44
C GLN H 199 29.82 0.58 -29.91
N ASN H 200 29.15 1.65 -30.35
CA ASN H 200 29.79 2.91 -30.75
C ASN H 200 30.08 3.72 -29.47
N PRO H 201 31.36 3.98 -29.12
CA PRO H 201 31.66 4.71 -27.88
C PRO H 201 31.39 6.21 -27.96
N ARG H 202 31.15 6.74 -29.18
CA ARG H 202 30.87 8.15 -29.45
C ARG H 202 29.48 8.57 -28.94
N ASN H 203 28.53 7.62 -28.90
CA ASN H 203 27.15 7.86 -28.45
C ASN H 203 27.07 8.01 -26.93
N HIS H 204 26.37 9.06 -26.48
CA HIS H 204 26.18 9.39 -25.07
C HIS H 204 24.75 9.08 -24.63
N PHE H 205 24.62 8.32 -23.52
CA PHE H 205 23.33 7.92 -22.95
C PHE H 205 23.21 8.49 -21.54
N ARG H 206 22.23 9.37 -21.31
CA ARG H 206 22.02 10.00 -20.02
C ARG H 206 20.57 9.80 -19.55
N CYS H 207 20.42 9.34 -18.30
CA CYS H 207 19.12 9.14 -17.67
C CYS H 207 18.85 10.30 -16.71
N GLN H 208 17.82 11.11 -17.03
CA GLN H 208 17.42 12.29 -16.25
C GLN H 208 16.20 12.01 -15.38
N VAL H 209 16.27 12.40 -14.09
CA VAL H 209 15.16 12.24 -13.12
C VAL H 209 14.87 13.60 -12.48
N GLN H 210 13.76 14.23 -12.89
CA GLN H 210 13.32 15.52 -12.37
C GLN H 210 12.57 15.31 -11.06
N PHE H 211 13.18 15.72 -9.94
CA PHE H 211 12.61 15.59 -8.60
C PHE H 211 11.96 16.90 -8.16
N TYR H 212 10.73 16.81 -7.62
CA TYR H 212 9.98 17.95 -7.10
C TYR H 212 9.93 17.84 -5.58
N GLY H 213 10.71 18.69 -4.90
CA GLY H 213 10.79 18.70 -3.45
C GLY H 213 10.39 20.03 -2.84
N LEU H 214 11.30 20.64 -2.09
CA LEU H 214 11.07 21.93 -1.42
C LEU H 214 11.40 23.10 -2.34
N SER H 215 10.69 24.22 -2.15
CA SER H 215 10.88 25.45 -2.93
C SER H 215 11.62 26.51 -2.08
N GLU H 216 11.75 27.75 -2.61
CA GLU H 216 12.41 28.88 -1.96
C GLU H 216 11.66 29.33 -0.70
N ASN H 217 10.31 29.18 -0.69
CA ASN H 217 9.44 29.54 0.42
C ASN H 217 9.57 28.55 1.60
N ASP H 218 9.78 27.26 1.30
CA ASP H 218 9.93 26.18 2.30
C ASP H 218 11.23 26.35 3.10
N GLU H 219 11.11 26.21 4.43
CA GLU H 219 12.24 26.34 5.38
C GLU H 219 12.90 24.99 5.67
N TRP H 220 14.22 25.01 5.92
CA TRP H 220 15.03 23.83 6.23
C TRP H 220 15.87 24.09 7.48
N THR H 221 15.86 23.14 8.44
CA THR H 221 16.57 23.26 9.71
C THR H 221 17.59 22.13 9.93
N GLN H 222 17.34 20.93 9.37
CA GLN H 222 18.19 19.75 9.51
C GLN H 222 19.59 19.94 8.91
N ASP H 223 20.59 19.21 9.45
CA ASP H 223 22.00 19.25 9.07
C ASP H 223 22.25 18.80 7.61
N ARG H 224 21.51 17.79 7.12
CA ARG H 224 21.61 17.23 5.76
C ARG H 224 21.25 18.27 4.68
N ALA H 225 21.67 18.01 3.42
CA ALA H 225 21.41 18.89 2.28
C ALA H 225 19.90 19.05 2.01
N LYS H 226 19.47 20.29 1.73
CA LYS H 226 18.07 20.63 1.46
C LYS H 226 17.54 19.88 0.22
N PRO H 227 16.41 19.13 0.35
CA PRO H 227 15.88 18.39 -0.81
C PRO H 227 15.02 19.28 -1.70
N VAL H 228 15.70 20.24 -2.36
CA VAL H 228 15.11 21.23 -3.28
C VAL H 228 14.70 20.55 -4.60
N THR H 229 13.85 21.22 -5.41
CA THR H 229 13.40 20.75 -6.72
C THR H 229 14.65 20.70 -7.61
N GLN H 230 15.25 19.51 -7.72
CA GLN H 230 16.51 19.29 -8.43
C GLN H 230 16.42 18.19 -9.50
N ILE H 231 17.38 18.22 -10.45
CA ILE H 231 17.55 17.25 -11.53
C ILE H 231 18.76 16.39 -11.16
N VAL H 232 18.54 15.08 -10.98
CA VAL H 232 19.60 14.13 -10.66
C VAL H 232 19.75 13.19 -11.85
N SER H 233 20.93 13.19 -12.47
CA SER H 233 21.23 12.39 -13.66
C SER H 233 22.32 11.35 -13.44
N ALA H 234 22.34 10.33 -14.32
CA ALA H 234 23.31 9.24 -14.37
C ALA H 234 23.62 8.98 -15.84
N GLU H 235 24.88 9.25 -16.25
CA GLU H 235 25.30 9.10 -17.64
C GLU H 235 26.17 7.86 -17.85
N ALA H 236 26.18 7.36 -19.11
CA ALA H 236 26.96 6.21 -19.55
C ALA H 236 27.26 6.31 -21.05
N TRP H 237 28.53 6.11 -21.41
CA TRP H 237 29.00 6.13 -22.79
C TRP H 237 29.04 4.70 -23.36
N GLY H 238 29.07 4.58 -24.68
CA GLY H 238 29.12 3.30 -25.37
C GLY H 238 30.41 2.52 -25.12
N ARG H 239 30.34 1.19 -25.24
CA ARG H 239 31.49 0.31 -25.03
C ARG H 239 31.81 -0.48 -26.30
N ALA H 240 33.04 -0.33 -26.82
CA ALA H 240 33.52 -1.01 -28.02
C ALA H 240 33.97 -2.43 -27.70
N ALA I 1 33.60 -25.16 13.56
CA ALA I 1 34.97 -25.53 13.20
C ALA I 1 35.98 -24.50 13.76
N PRO I 2 36.56 -24.73 14.96
CA PRO I 2 36.35 -25.88 15.86
C PRO I 2 35.11 -25.72 16.75
N GLN I 3 34.26 -26.76 16.79
CA GLN I 3 33.04 -26.76 17.58
C GLN I 3 33.30 -27.31 18.99
N PRO I 4 33.06 -26.49 20.04
CA PRO I 4 33.35 -26.95 21.41
C PRO I 4 32.13 -27.52 22.16
N GLU I 5 32.38 -28.14 23.32
CA GLU I 5 31.35 -28.66 24.20
C GLU I 5 30.88 -27.53 25.11
N LEU I 6 29.54 -27.37 25.25
CA LEU I 6 28.99 -26.27 26.05
C LEU I 6 28.48 -26.71 27.43
N PRO I 7 28.88 -26.02 28.52
CA PRO I 7 28.35 -26.37 29.85
C PRO I 7 26.93 -25.83 30.03
N TYR I 8 26.10 -26.56 30.79
CA TYR I 8 24.71 -26.17 31.03
C TYR I 8 24.53 -25.60 32.45
N PRO I 9 23.55 -24.69 32.67
CA PRO I 9 23.42 -24.08 34.01
C PRO I 9 22.91 -25.05 35.08
N GLN I 10 23.49 -24.93 36.28
CA GLN I 10 23.17 -25.71 37.48
C GLN I 10 21.77 -25.30 37.99
N PRO I 11 20.93 -26.25 38.46
CA PRO I 11 19.58 -25.85 38.95
C PRO I 11 19.65 -24.89 40.15
N GLY I 12 18.74 -23.93 40.16
CA GLY I 12 18.65 -22.91 41.21
C GLY I 12 19.11 -21.55 40.76
N ALA J 1 -37.72 18.08 -17.10
CA ALA J 1 -37.04 19.37 -16.98
C ALA J 1 -36.91 20.06 -18.34
N PRO J 2 -37.25 21.37 -18.45
CA PRO J 2 -37.14 22.05 -19.75
C PRO J 2 -35.70 22.43 -20.08
N GLN J 3 -35.25 22.07 -21.29
CA GLN J 3 -33.91 22.38 -21.79
C GLN J 3 -33.91 23.77 -22.45
N PRO J 4 -33.10 24.73 -21.94
CA PRO J 4 -33.11 26.08 -22.53
C PRO J 4 -32.04 26.33 -23.60
N GLU J 5 -32.23 27.42 -24.37
CA GLU J 5 -31.27 27.87 -25.38
C GLU J 5 -30.29 28.81 -24.68
N LEU J 6 -28.98 28.59 -24.89
CA LEU J 6 -27.95 29.35 -24.18
C LEU J 6 -27.33 30.49 -25.00
N PRO J 7 -27.27 31.74 -24.45
CA PRO J 7 -26.59 32.82 -25.17
C PRO J 7 -25.07 32.69 -25.04
N TYR J 8 -24.33 33.07 -26.09
CA TYR J 8 -22.88 32.95 -26.10
C TYR J 8 -22.18 34.31 -25.87
N PRO J 9 -20.94 34.34 -25.32
CA PRO J 9 -20.29 35.62 -25.03
C PRO J 9 -19.89 36.43 -26.26
N GLN J 10 -19.91 37.77 -26.10
CA GLN J 10 -19.56 38.75 -27.13
C GLN J 10 -18.04 39.05 -27.10
N PRO J 11 -17.34 39.03 -28.26
CA PRO J 11 -15.89 39.30 -28.24
C PRO J 11 -15.55 40.78 -28.03
N GLY J 12 -14.32 41.04 -27.58
CA GLY J 12 -13.83 42.39 -27.33
C GLY J 12 -13.73 42.77 -25.87
N SER J 13 -14.73 42.35 -25.06
CA SER J 13 -14.79 42.63 -23.63
C SER J 13 -14.14 41.51 -22.82
C1 NAG K . -40.04 53.68 -8.69
C2 NAG K . -39.55 54.95 -9.39
C3 NAG K . -38.12 55.25 -8.92
C4 NAG K . -38.07 55.36 -7.40
C5 NAG K . -38.66 54.10 -6.75
C6 NAG K . -38.80 54.21 -5.25
C7 NAG K . -40.31 55.59 -11.64
C8 NAG K . -40.24 55.26 -13.11
N2 NAG K . -39.59 54.80 -10.83
O3 NAG K . -37.67 56.45 -9.52
O4 NAG K . -36.71 55.52 -6.98
O5 NAG K . -39.98 53.87 -7.28
O6 NAG K . -39.34 53.03 -4.68
O7 NAG K . -40.99 56.52 -11.23
C1 NAG L . -18.38 58.63 -29.97
C2 NAG L . -17.65 59.00 -31.27
C3 NAG L . -16.95 60.34 -31.07
C4 NAG L . -17.94 61.42 -30.63
C5 NAG L . -18.68 60.96 -29.38
C6 NAG L . -19.79 61.89 -28.96
C7 NAG L . -16.84 57.16 -32.70
C8 NAG L . -15.74 56.17 -32.92
N2 NAG L . -16.70 57.97 -31.63
O3 NAG L . -16.33 60.74 -32.30
O4 NAG L . -17.25 62.63 -30.39
O5 NAG L . -19.29 59.68 -29.61
O6 NAG L . -20.43 61.45 -27.78
O7 NAG L . -17.81 57.22 -33.44
C1 NAG M . 50.53 -11.42 42.78
C2 NAG M . 50.16 -11.99 44.15
C3 NAG M . 48.99 -11.19 44.73
C4 NAG M . 49.33 -9.70 44.77
C5 NAG M . 49.75 -9.21 43.39
C6 NAG M . 50.24 -7.79 43.38
C7 NAG M . 50.42 -14.37 44.76
C8 NAG M . 49.92 -15.76 44.51
N2 NAG M . 49.82 -13.40 44.05
O3 NAG M . 48.68 -11.66 46.04
O4 NAG M . 48.20 -8.96 45.23
O5 NAG M . 50.83 -10.02 42.89
O6 NAG M . 49.18 -6.86 43.60
O7 NAG M . 51.32 -14.14 45.56
CA CA N . 2.79 -13.04 -30.23
#